data_2Z2I
# 
_entry.id   2Z2I 
# 
_audit_conform.dict_name       mmcif_pdbx.dic 
_audit_conform.dict_version    5.380 
_audit_conform.dict_location   http://mmcif.pdb.org/dictionaries/ascii/mmcif_pdbx.dic 
# 
loop_
_database_2.database_id 
_database_2.database_code 
_database_2.pdbx_database_accession 
_database_2.pdbx_DOI 
PDB   2Z2I         pdb_00002z2i 10.2210/pdb2z2i/pdb 
RCSB  RCSB027438   ?            ?                   
WWPDB D_1000027438 ?            ?                   
# 
loop_
_pdbx_database_related.db_name 
_pdbx_database_related.db_id 
_pdbx_database_related.details 
_pdbx_database_related.content_type 
PDB 2Z2J . unspecified 
PDB 2Z2K . unspecified 
# 
_pdbx_database_status.status_code                     REL 
_pdbx_database_status.entry_id                        2Z2I 
_pdbx_database_status.recvd_initial_deposition_date   2007-05-22 
_pdbx_database_status.deposit_site                    PDBJ 
_pdbx_database_status.process_site                    PDBJ 
_pdbx_database_status.status_code_sf                  REL 
_pdbx_database_status.status_code_mr                  ? 
_pdbx_database_status.SG_entry                        ? 
_pdbx_database_status.pdb_format_compatible           Y 
_pdbx_database_status.status_code_cs                  ? 
_pdbx_database_status.status_code_nmr_data            ? 
_pdbx_database_status.methods_development_category    ? 
# 
loop_
_audit_author.name 
_audit_author.pdbx_ordinal 
'Selvaraj, M.'  1 
'Roy, S.'       2 
'Singh, N.S.'   3 
'Sangeetha, R.' 4 
'Varshney, U.'  5 
'Vijayan, M.'   6 
# 
_citation.id                        primary 
_citation.title                     
'Structural Plasticity and Enzyme Action: Crystal Structures of Mycobacterium tuberculosis Peptidyl-tRNA Hydrolase' 
_citation.journal_abbrev            J.Mol.Biol. 
_citation.journal_volume            372 
_citation.page_first                186 
_citation.page_last                 193 
_citation.year                      2007 
_citation.journal_id_ASTM           JMOBAK 
_citation.country                   UK 
_citation.journal_id_ISSN           0022-2836 
_citation.journal_id_CSD            0070 
_citation.book_publisher            ? 
_citation.pdbx_database_id_PubMed   17619020 
_citation.pdbx_database_id_DOI      10.1016/j.jmb.2007.06.053 
# 
loop_
_citation_author.citation_id 
_citation_author.name 
_citation_author.ordinal 
_citation_author.identifier_ORCID 
primary 'Selvaraj, M.'  1 ? 
primary 'Roy, S.'       2 ? 
primary 'Singh, N.S.'   3 ? 
primary 'Sangeetha, R.' 4 ? 
primary 'Varshney, U.'  5 ? 
primary 'Vijayan, M.'   6 ? 
# 
_cell.entry_id           2Z2I 
_cell.length_a           36.299 
_cell.length_b           61.849 
_cell.length_c           73.969 
_cell.angle_alpha        90.00 
_cell.angle_beta         90.00 
_cell.angle_gamma        90.00 
_cell.Z_PDB              4 
_cell.pdbx_unique_axis   ? 
_cell.length_a_esd       ? 
_cell.length_b_esd       ? 
_cell.length_c_esd       ? 
_cell.angle_alpha_esd    ? 
_cell.angle_beta_esd     ? 
_cell.angle_gamma_esd    ? 
# 
_symmetry.entry_id                         2Z2I 
_symmetry.space_group_name_H-M             'P 21 21 21' 
_symmetry.pdbx_full_space_group_name_H-M   ? 
_symmetry.cell_setting                     ? 
_symmetry.Int_Tables_number                19 
_symmetry.space_group_name_Hall            ? 
# 
loop_
_entity.id 
_entity.type 
_entity.src_method 
_entity.pdbx_description 
_entity.formula_weight 
_entity.pdbx_number_of_molecules 
_entity.pdbx_ec 
_entity.pdbx_mutation 
_entity.pdbx_fragment 
_entity.details 
1 polymer man 'Peptidyl-tRNA hydrolase' 20485.531 1   3.1.1.29 ? ? ? 
2 water   nat water                     18.015    179 ?        ? ? ? 
# 
_entity_name_com.entity_id   1 
_entity_name_com.name        PTH 
# 
_entity_poly.entity_id                      1 
_entity_poly.type                           'polypeptide(L)' 
_entity_poly.nstd_linkage                   no 
_entity_poly.nstd_monomer                   no 
_entity_poly.pdbx_seq_one_letter_code       
;MAEPLLVVGLGNPGANYARTRHNLGFVVADLLAARLGAKFKAHKRSGAEVATGRSAGRSLVLAKPRCYMNESGRQIGPLA
KFYSVAPANIIVIHDDLDLEFGRIRLKIGGGEGGHNGLRSVVAALGTKDFQRVRIGIGRPPGRKDPAAFVLENFTPAERA
EVPTICEQAADATELLIEQGMEPAQNRVHAW
;
_entity_poly.pdbx_seq_one_letter_code_can   
;MAEPLLVVGLGNPGANYARTRHNLGFVVADLLAARLGAKFKAHKRSGAEVATGRSAGRSLVLAKPRCYMNESGRQIGPLA
KFYSVAPANIIVIHDDLDLEFGRIRLKIGGGEGGHNGLRSVVAALGTKDFQRVRIGIGRPPGRKDPAAFVLENFTPAERA
EVPTICEQAADATELLIEQGMEPAQNRVHAW
;
_entity_poly.pdbx_strand_id                 A 
_entity_poly.pdbx_target_identifier         ? 
# 
loop_
_entity_poly_seq.entity_id 
_entity_poly_seq.num 
_entity_poly_seq.mon_id 
_entity_poly_seq.hetero 
1 1   MET n 
1 2   ALA n 
1 3   GLU n 
1 4   PRO n 
1 5   LEU n 
1 6   LEU n 
1 7   VAL n 
1 8   VAL n 
1 9   GLY n 
1 10  LEU n 
1 11  GLY n 
1 12  ASN n 
1 13  PRO n 
1 14  GLY n 
1 15  ALA n 
1 16  ASN n 
1 17  TYR n 
1 18  ALA n 
1 19  ARG n 
1 20  THR n 
1 21  ARG n 
1 22  HIS n 
1 23  ASN n 
1 24  LEU n 
1 25  GLY n 
1 26  PHE n 
1 27  VAL n 
1 28  VAL n 
1 29  ALA n 
1 30  ASP n 
1 31  LEU n 
1 32  LEU n 
1 33  ALA n 
1 34  ALA n 
1 35  ARG n 
1 36  LEU n 
1 37  GLY n 
1 38  ALA n 
1 39  LYS n 
1 40  PHE n 
1 41  LYS n 
1 42  ALA n 
1 43  HIS n 
1 44  LYS n 
1 45  ARG n 
1 46  SER n 
1 47  GLY n 
1 48  ALA n 
1 49  GLU n 
1 50  VAL n 
1 51  ALA n 
1 52  THR n 
1 53  GLY n 
1 54  ARG n 
1 55  SER n 
1 56  ALA n 
1 57  GLY n 
1 58  ARG n 
1 59  SER n 
1 60  LEU n 
1 61  VAL n 
1 62  LEU n 
1 63  ALA n 
1 64  LYS n 
1 65  PRO n 
1 66  ARG n 
1 67  CYS n 
1 68  TYR n 
1 69  MET n 
1 70  ASN n 
1 71  GLU n 
1 72  SER n 
1 73  GLY n 
1 74  ARG n 
1 75  GLN n 
1 76  ILE n 
1 77  GLY n 
1 78  PRO n 
1 79  LEU n 
1 80  ALA n 
1 81  LYS n 
1 82  PHE n 
1 83  TYR n 
1 84  SER n 
1 85  VAL n 
1 86  ALA n 
1 87  PRO n 
1 88  ALA n 
1 89  ASN n 
1 90  ILE n 
1 91  ILE n 
1 92  VAL n 
1 93  ILE n 
1 94  HIS n 
1 95  ASP n 
1 96  ASP n 
1 97  LEU n 
1 98  ASP n 
1 99  LEU n 
1 100 GLU n 
1 101 PHE n 
1 102 GLY n 
1 103 ARG n 
1 104 ILE n 
1 105 ARG n 
1 106 LEU n 
1 107 LYS n 
1 108 ILE n 
1 109 GLY n 
1 110 GLY n 
1 111 GLY n 
1 112 GLU n 
1 113 GLY n 
1 114 GLY n 
1 115 HIS n 
1 116 ASN n 
1 117 GLY n 
1 118 LEU n 
1 119 ARG n 
1 120 SER n 
1 121 VAL n 
1 122 VAL n 
1 123 ALA n 
1 124 ALA n 
1 125 LEU n 
1 126 GLY n 
1 127 THR n 
1 128 LYS n 
1 129 ASP n 
1 130 PHE n 
1 131 GLN n 
1 132 ARG n 
1 133 VAL n 
1 134 ARG n 
1 135 ILE n 
1 136 GLY n 
1 137 ILE n 
1 138 GLY n 
1 139 ARG n 
1 140 PRO n 
1 141 PRO n 
1 142 GLY n 
1 143 ARG n 
1 144 LYS n 
1 145 ASP n 
1 146 PRO n 
1 147 ALA n 
1 148 ALA n 
1 149 PHE n 
1 150 VAL n 
1 151 LEU n 
1 152 GLU n 
1 153 ASN n 
1 154 PHE n 
1 155 THR n 
1 156 PRO n 
1 157 ALA n 
1 158 GLU n 
1 159 ARG n 
1 160 ALA n 
1 161 GLU n 
1 162 VAL n 
1 163 PRO n 
1 164 THR n 
1 165 ILE n 
1 166 CYS n 
1 167 GLU n 
1 168 GLN n 
1 169 ALA n 
1 170 ALA n 
1 171 ASP n 
1 172 ALA n 
1 173 THR n 
1 174 GLU n 
1 175 LEU n 
1 176 LEU n 
1 177 ILE n 
1 178 GLU n 
1 179 GLN n 
1 180 GLY n 
1 181 MET n 
1 182 GLU n 
1 183 PRO n 
1 184 ALA n 
1 185 GLN n 
1 186 ASN n 
1 187 ARG n 
1 188 VAL n 
1 189 HIS n 
1 190 ALA n 
1 191 TRP n 
# 
_entity_src_gen.entity_id                          1 
_entity_src_gen.pdbx_src_id                        1 
_entity_src_gen.pdbx_alt_source_flag               sample 
_entity_src_gen.pdbx_seq_type                      ? 
_entity_src_gen.pdbx_beg_seq_num                   ? 
_entity_src_gen.pdbx_end_seq_num                   ? 
_entity_src_gen.gene_src_common_name               ? 
_entity_src_gen.gene_src_genus                     Mycobacterium 
_entity_src_gen.pdbx_gene_src_gene                 'Rv1014c, pth' 
_entity_src_gen.gene_src_species                   'Mycobacterium tuberculosis' 
_entity_src_gen.gene_src_strain                    H37Rv 
_entity_src_gen.gene_src_tissue                    ? 
_entity_src_gen.gene_src_tissue_fraction           ? 
_entity_src_gen.gene_src_details                   ? 
_entity_src_gen.pdbx_gene_src_fragment             ? 
_entity_src_gen.pdbx_gene_src_scientific_name      'Mycobacterium tuberculosis' 
_entity_src_gen.pdbx_gene_src_ncbi_taxonomy_id     83332 
_entity_src_gen.pdbx_gene_src_variant              ? 
_entity_src_gen.pdbx_gene_src_cell_line            ? 
_entity_src_gen.pdbx_gene_src_atcc                 ? 
_entity_src_gen.pdbx_gene_src_organ                ? 
_entity_src_gen.pdbx_gene_src_organelle            ? 
_entity_src_gen.pdbx_gene_src_cell                 ? 
_entity_src_gen.pdbx_gene_src_cellular_location    ? 
_entity_src_gen.host_org_common_name               ? 
_entity_src_gen.pdbx_host_org_scientific_name      'Escherichia coli BL21(DE3)' 
_entity_src_gen.pdbx_host_org_ncbi_taxonomy_id     469008 
_entity_src_gen.host_org_genus                     Escherichia 
_entity_src_gen.pdbx_host_org_gene                 ? 
_entity_src_gen.pdbx_host_org_organ                ? 
_entity_src_gen.host_org_species                   'Escherichia coli' 
_entity_src_gen.pdbx_host_org_tissue               ? 
_entity_src_gen.pdbx_host_org_tissue_fraction      ? 
_entity_src_gen.pdbx_host_org_strain               'BL21 (DE3)' 
_entity_src_gen.pdbx_host_org_variant              ? 
_entity_src_gen.pdbx_host_org_cell_line            ? 
_entity_src_gen.pdbx_host_org_atcc                 ? 
_entity_src_gen.pdbx_host_org_culture_collection   ? 
_entity_src_gen.pdbx_host_org_cell                 ? 
_entity_src_gen.pdbx_host_org_organelle            ? 
_entity_src_gen.pdbx_host_org_cellular_location    ? 
_entity_src_gen.pdbx_host_org_vector_type          Plasmid 
_entity_src_gen.pdbx_host_org_vector               ? 
_entity_src_gen.host_org_details                   ? 
_entity_src_gen.expression_system_id               ? 
_entity_src_gen.plasmid_name                       pRSETBMtuPth 
_entity_src_gen.plasmid_details                    ? 
_entity_src_gen.pdbx_description                   ? 
# 
_struct_ref.id                         1 
_struct_ref.db_name                    UNP 
_struct_ref.db_code                    PTH_MYCTU 
_struct_ref.pdbx_db_accession          P65865 
_struct_ref.entity_id                  1 
_struct_ref.pdbx_seq_one_letter_code   
;MAEPLLVVGLGNPGANYARTRHNLGFVVADLLAARLGAKFKAHKRSGAEVATGRSAGRSLVLAKPRCYMNESGRQIGPLA
KFYSVAPANIIVIHDDLDLEFGRIRLKIGGGEGGHNGLRSVVAALGTKDFQRVRIGIGRPPGRKDPAAFVLENFTPAERA
EVPTICEQAADATELLIEQGMEPAQNRVHAW
;
_struct_ref.pdbx_align_begin           1 
_struct_ref.pdbx_db_isoform            ? 
# 
_struct_ref_seq.align_id                      1 
_struct_ref_seq.ref_id                        1 
_struct_ref_seq.pdbx_PDB_id_code              2Z2I 
_struct_ref_seq.pdbx_strand_id                A 
_struct_ref_seq.seq_align_beg                 1 
_struct_ref_seq.pdbx_seq_align_beg_ins_code   ? 
_struct_ref_seq.seq_align_end                 191 
_struct_ref_seq.pdbx_seq_align_end_ins_code   ? 
_struct_ref_seq.pdbx_db_accession             P65865 
_struct_ref_seq.db_align_beg                  1 
_struct_ref_seq.pdbx_db_align_beg_ins_code    ? 
_struct_ref_seq.db_align_end                  191 
_struct_ref_seq.pdbx_db_align_end_ins_code    ? 
_struct_ref_seq.pdbx_auth_seq_align_beg       1 
_struct_ref_seq.pdbx_auth_seq_align_end       191 
# 
loop_
_chem_comp.id 
_chem_comp.type 
_chem_comp.mon_nstd_flag 
_chem_comp.name 
_chem_comp.pdbx_synonyms 
_chem_comp.formula 
_chem_comp.formula_weight 
ALA 'L-peptide linking' y ALANINE         ? 'C3 H7 N O2'     89.093  
ARG 'L-peptide linking' y ARGININE        ? 'C6 H15 N4 O2 1' 175.209 
ASN 'L-peptide linking' y ASPARAGINE      ? 'C4 H8 N2 O3'    132.118 
ASP 'L-peptide linking' y 'ASPARTIC ACID' ? 'C4 H7 N O4'     133.103 
CYS 'L-peptide linking' y CYSTEINE        ? 'C3 H7 N O2 S'   121.158 
GLN 'L-peptide linking' y GLUTAMINE       ? 'C5 H10 N2 O3'   146.144 
GLU 'L-peptide linking' y 'GLUTAMIC ACID' ? 'C5 H9 N O4'     147.129 
GLY 'peptide linking'   y GLYCINE         ? 'C2 H5 N O2'     75.067  
HIS 'L-peptide linking' y HISTIDINE       ? 'C6 H10 N3 O2 1' 156.162 
HOH non-polymer         . WATER           ? 'H2 O'           18.015  
ILE 'L-peptide linking' y ISOLEUCINE      ? 'C6 H13 N O2'    131.173 
LEU 'L-peptide linking' y LEUCINE         ? 'C6 H13 N O2'    131.173 
LYS 'L-peptide linking' y LYSINE          ? 'C6 H15 N2 O2 1' 147.195 
MET 'L-peptide linking' y METHIONINE      ? 'C5 H11 N O2 S'  149.211 
PHE 'L-peptide linking' y PHENYLALANINE   ? 'C9 H11 N O2'    165.189 
PRO 'L-peptide linking' y PROLINE         ? 'C5 H9 N O2'     115.130 
SER 'L-peptide linking' y SERINE          ? 'C3 H7 N O3'     105.093 
THR 'L-peptide linking' y THREONINE       ? 'C4 H9 N O3'     119.119 
TRP 'L-peptide linking' y TRYPTOPHAN      ? 'C11 H12 N2 O2'  204.225 
TYR 'L-peptide linking' y TYROSINE        ? 'C9 H11 N O3'    181.189 
VAL 'L-peptide linking' y VALINE          ? 'C5 H11 N O2'    117.146 
# 
_exptl.entry_id          2Z2I 
_exptl.method            'X-RAY DIFFRACTION' 
_exptl.crystals_number   1 
# 
_exptl_crystal.id                    1 
_exptl_crystal.density_meas          ? 
_exptl_crystal.density_Matthews      2.03 
_exptl_crystal.density_percent_sol   39.27 
_exptl_crystal.description           ? 
_exptl_crystal.F_000                 ? 
_exptl_crystal.preparation           ? 
# 
_exptl_crystal_grow.crystal_id      1 
_exptl_crystal_grow.method          MICROBATCH 
_exptl_crystal_grow.temp            298 
_exptl_crystal_grow.temp_details    ? 
_exptl_crystal_grow.pH              6.6 
_exptl_crystal_grow.pdbx_details    
'25%(w/v) PEG 8000, 100mm Na-cacodylate, 5%(v/v) 2-propanol, pH 6.6, Microbatch, temperature 298K' 
_exptl_crystal_grow.pdbx_pH_range   . 
# 
_diffrn.id                     1 
_diffrn.ambient_temp           100 
_diffrn.ambient_temp_details   ? 
_diffrn.crystal_id             1 
# 
_diffrn_detector.diffrn_id              1 
_diffrn_detector.detector               'IMAGE PLATE' 
_diffrn_detector.type                   'MAR scanner 345 mm plate' 
_diffrn_detector.pdbx_collection_date   2006-03-10 
_diffrn_detector.details                ? 
# 
_diffrn_radiation.diffrn_id                        1 
_diffrn_radiation.wavelength_id                    1 
_diffrn_radiation.pdbx_monochromatic_or_laue_m_l   M 
_diffrn_radiation.monochromator                    'OSMIC MIRROR' 
_diffrn_radiation.pdbx_diffrn_protocol             'SINGLE WAVELENGTH' 
_diffrn_radiation.pdbx_scattering_type             x-ray 
# 
_diffrn_radiation_wavelength.id           1 
_diffrn_radiation_wavelength.wavelength   1.5418 
_diffrn_radiation_wavelength.wt           1.0 
# 
_diffrn_source.diffrn_id                   1 
_diffrn_source.source                      'ROTATING ANODE' 
_diffrn_source.type                        'RIGAKU RU200' 
_diffrn_source.pdbx_synchrotron_site       ? 
_diffrn_source.pdbx_synchrotron_beamline   ? 
_diffrn_source.pdbx_wavelength             ? 
_diffrn_source.pdbx_wavelength_list        1.5418 
# 
_reflns.entry_id                     2Z2I 
_reflns.observed_criterion_sigma_I   ? 
_reflns.observed_criterion_sigma_F   ? 
_reflns.d_resolution_low             30.0 
_reflns.d_resolution_high            1.98 
_reflns.number_obs                   11702 
_reflns.number_all                   ? 
_reflns.percent_possible_obs         95.2 
_reflns.pdbx_Rmerge_I_obs            ? 
_reflns.pdbx_Rsym_value              0.077 
_reflns.pdbx_netI_over_sigmaI        22.7 
_reflns.B_iso_Wilson_estimate        21.4 
_reflns.pdbx_redundancy              7.1 
_reflns.R_free_details               ? 
_reflns.limit_h_max                  ? 
_reflns.limit_h_min                  ? 
_reflns.limit_k_max                  ? 
_reflns.limit_k_min                  ? 
_reflns.limit_l_max                  ? 
_reflns.limit_l_min                  ? 
_reflns.observed_criterion_F_max     ? 
_reflns.observed_criterion_F_min     ? 
_reflns.pdbx_chi_squared             ? 
_reflns.pdbx_scaling_rejects         ? 
_reflns.pdbx_ordinal                 1 
_reflns.pdbx_diffrn_id               1 
# 
_reflns_shell.d_res_high             1.98 
_reflns_shell.d_res_low              2.04 
_reflns_shell.percent_possible_all   99.8 
_reflns_shell.Rmerge_I_obs           ? 
_reflns_shell.pdbx_Rsym_value        0.487 
_reflns_shell.meanI_over_sigI_obs    3.7 
_reflns_shell.pdbx_redundancy        ? 
_reflns_shell.percent_possible_obs   ? 
_reflns_shell.number_unique_all      1174 
_reflns_shell.number_measured_all    ? 
_reflns_shell.number_measured_obs    ? 
_reflns_shell.number_unique_obs      ? 
_reflns_shell.pdbx_chi_squared       ? 
_reflns_shell.pdbx_ordinal           1 
_reflns_shell.pdbx_diffrn_id         1 
# 
_refine.entry_id                                 2Z2I 
_refine.ls_number_reflns_obs                     11461 
_refine.ls_number_reflns_all                     ? 
_refine.pdbx_ls_sigma_I                          ? 
_refine.pdbx_ls_sigma_F                          0.0 
_refine.pdbx_data_cutoff_high_absF               1162921.42 
_refine.pdbx_data_cutoff_low_absF                0.000000 
_refine.pdbx_data_cutoff_high_rms_absF           ? 
_refine.ls_d_res_low                             22.90 
_refine.ls_d_res_high                            1.98 
_refine.ls_percent_reflns_obs                    94.9 
_refine.ls_R_factor_obs                          0.225 
_refine.ls_R_factor_all                          ? 
_refine.ls_R_factor_R_work                       0.225 
_refine.ls_R_factor_R_free                       0.251 
_refine.ls_R_factor_R_free_error                 0.010 
_refine.ls_R_factor_R_free_error_details         ? 
_refine.ls_percent_reflns_R_free                 5.0 
_refine.ls_number_reflns_R_free                  588 
_refine.ls_number_parameters                     ? 
_refine.ls_number_restraints                     ? 
_refine.occupancy_min                            ? 
_refine.occupancy_max                            ? 
_refine.correlation_coeff_Fo_to_Fc               ? 
_refine.correlation_coeff_Fo_to_Fc_free          ? 
_refine.B_iso_mean                               33.3 
_refine.aniso_B[1][1]                            -2.16 
_refine.aniso_B[2][2]                            13.77 
_refine.aniso_B[3][3]                            -11.62 
_refine.aniso_B[1][2]                            0.00 
_refine.aniso_B[1][3]                            0.00 
_refine.aniso_B[2][3]                            0.00 
_refine.solvent_model_details                    'FLAT MODEL' 
_refine.solvent_model_param_ksol                 0.299127 
_refine.solvent_model_param_bsol                 44.8832 
_refine.pdbx_solvent_vdw_probe_radii             ? 
_refine.pdbx_solvent_ion_probe_radii             ? 
_refine.pdbx_solvent_shrinkage_radii             ? 
_refine.pdbx_ls_cross_valid_method               THROUGHOUT 
_refine.details                                  ? 
_refine.pdbx_starting_model                      'PDB ENTRY 2PTH' 
_refine.pdbx_method_to_determine_struct          'MOLECULAR REPLACEMENT' 
_refine.pdbx_isotropic_thermal_model             RESTRAINED 
_refine.pdbx_stereochemistry_target_values       'Engh & Huber' 
_refine.pdbx_stereochem_target_val_spec_case     ? 
_refine.pdbx_R_Free_selection_details            RANDOM 
_refine.pdbx_overall_ESU_R                       ? 
_refine.pdbx_overall_ESU_R_Free                  ? 
_refine.overall_SU_ML                            ? 
_refine.overall_SU_B                             ? 
_refine.ls_redundancy_reflns_obs                 ? 
_refine.B_iso_min                                ? 
_refine.B_iso_max                                ? 
_refine.overall_SU_R_Cruickshank_DPI             ? 
_refine.overall_SU_R_free                        ? 
_refine.ls_wR_factor_R_free                      ? 
_refine.ls_wR_factor_R_work                      ? 
_refine.overall_FOM_free_R_set                   ? 
_refine.overall_FOM_work_R_set                   ? 
_refine.pdbx_refine_id                           'X-RAY DIFFRACTION' 
_refine.pdbx_diffrn_id                           1 
_refine.pdbx_TLS_residual_ADP_flag               ? 
_refine.pdbx_overall_phase_error                 ? 
_refine.pdbx_overall_SU_R_free_Cruickshank_DPI   ? 
_refine.pdbx_overall_SU_R_Blow_DPI               ? 
_refine.pdbx_overall_SU_R_free_Blow_DPI          ? 
# 
_refine_analyze.entry_id                        2Z2I 
_refine_analyze.Luzzati_coordinate_error_obs    0.27 
_refine_analyze.Luzzati_sigma_a_obs             0.28 
_refine_analyze.Luzzati_d_res_low_obs           5.00 
_refine_analyze.Luzzati_coordinate_error_free   0.34 
_refine_analyze.Luzzati_sigma_a_free            0.34 
_refine_analyze.Luzzati_d_res_low_free          ? 
_refine_analyze.number_disordered_residues      ? 
_refine_analyze.occupancy_sum_hydrogen          ? 
_refine_analyze.occupancy_sum_non_hydrogen      ? 
_refine_analyze.pdbx_Luzzati_d_res_high_obs     ? 
_refine_analyze.pdbx_refine_id                  'X-RAY DIFFRACTION' 
# 
_refine_hist.pdbx_refine_id                   'X-RAY DIFFRACTION' 
_refine_hist.cycle_id                         LAST 
_refine_hist.pdbx_number_atoms_protein        1337 
_refine_hist.pdbx_number_atoms_nucleic_acid   0 
_refine_hist.pdbx_number_atoms_ligand         0 
_refine_hist.number_atoms_solvent             179 
_refine_hist.number_atoms_total               1516 
_refine_hist.d_res_high                       1.98 
_refine_hist.d_res_low                        22.90 
# 
loop_
_refine_ls_restr.type 
_refine_ls_restr.dev_ideal 
_refine_ls_restr.dev_ideal_target 
_refine_ls_restr.weight 
_refine_ls_restr.number 
_refine_ls_restr.pdbx_refine_id 
_refine_ls_restr.pdbx_restraint_function 
c_bond_d           0.006 ?    ? ? 'X-RAY DIFFRACTION' ? 
c_angle_deg        1.3   ?    ? ? 'X-RAY DIFFRACTION' ? 
c_dihedral_angle_d 23.5  ?    ? ? 'X-RAY DIFFRACTION' ? 
c_improper_angle_d 0.93  ?    ? ? 'X-RAY DIFFRACTION' ? 
c_mcbond_it        1.28  1.50 ? ? 'X-RAY DIFFRACTION' ? 
c_mcangle_it       1.98  2.00 ? ? 'X-RAY DIFFRACTION' ? 
c_scbond_it        2.06  2.00 ? ? 'X-RAY DIFFRACTION' ? 
c_scangle_it       3.12  2.50 ? ? 'X-RAY DIFFRACTION' ? 
# 
_refine_ls_shell.pdbx_total_number_of_bins_used   6 
_refine_ls_shell.d_res_high                       1.98 
_refine_ls_shell.d_res_low                        2.09 
_refine_ls_shell.number_reflns_R_work             1899 
_refine_ls_shell.R_factor_R_work                  0.305 
_refine_ls_shell.percent_reflns_obs               99.7 
_refine_ls_shell.R_factor_R_free                  0.351 
_refine_ls_shell.R_factor_R_free_error            0.035 
_refine_ls_shell.percent_reflns_R_free            5.0 
_refine_ls_shell.number_reflns_R_free             101 
_refine_ls_shell.number_reflns_all                ? 
_refine_ls_shell.R_factor_all                     ? 
_refine_ls_shell.number_reflns_obs                1899 
_refine_ls_shell.redundancy_reflns_obs            ? 
_refine_ls_shell.pdbx_refine_id                   'X-RAY DIFFRACTION' 
# 
loop_
_pdbx_xplor_file.serial_no 
_pdbx_xplor_file.param_file 
_pdbx_xplor_file.topol_file 
_pdbx_xplor_file.pdbx_refine_id 
1 protein_rep.param protein.top 'X-RAY DIFFRACTION' 
2 water_rep.param   water.top   'X-RAY DIFFRACTION' 
# 
_struct.entry_id                  2Z2I 
_struct.title                     'Crystal structure of Peptidyl-tRNA hydrolase from Mycobacterium tuberculosis' 
_struct.pdbx_model_details        ? 
_struct.pdbx_CASP_flag            ? 
_struct.pdbx_model_type_details   ? 
# 
_struct_keywords.entry_id        2Z2I 
_struct_keywords.pdbx_keywords   HYDROLASE 
_struct_keywords.text            'Protein synthesis, HYDROLASE' 
# 
loop_
_struct_asym.id 
_struct_asym.pdbx_blank_PDB_chainid_flag 
_struct_asym.pdbx_modified 
_struct_asym.entity_id 
_struct_asym.details 
A N N 1 ? 
B N N 2 ? 
# 
_struct_biol.id        1 
_struct_biol.details   'The biological assembly is a monomer' 
# 
loop_
_struct_conf.conf_type_id 
_struct_conf.id 
_struct_conf.pdbx_PDB_helix_id 
_struct_conf.beg_label_comp_id 
_struct_conf.beg_label_asym_id 
_struct_conf.beg_label_seq_id 
_struct_conf.pdbx_beg_PDB_ins_code 
_struct_conf.end_label_comp_id 
_struct_conf.end_label_asym_id 
_struct_conf.end_label_seq_id 
_struct_conf.pdbx_end_PDB_ins_code 
_struct_conf.beg_auth_comp_id 
_struct_conf.beg_auth_asym_id 
_struct_conf.beg_auth_seq_id 
_struct_conf.end_auth_comp_id 
_struct_conf.end_auth_asym_id 
_struct_conf.end_auth_seq_id 
_struct_conf.pdbx_PDB_helix_class 
_struct_conf.details 
_struct_conf.pdbx_PDB_helix_length 
HELX_P HELX_P1  1  GLY A 14  ? ARG A 19  ? GLY A 14  ARG A 19  1 ? 6  
HELX_P HELX_P2  2  THR A 20  ? HIS A 22  ? THR A 20  HIS A 22  5 ? 3  
HELX_P HELX_P3  3  ASN A 23  ? LEU A 36  ? ASN A 23  LEU A 36  1 ? 14 
HELX_P HELX_P4  4  TYR A 68  ? GLU A 71  ? TYR A 68  GLU A 71  5 ? 4  
HELX_P HELX_P5  5  SER A 72  ? TYR A 83  ? SER A 72  TYR A 83  1 ? 12 
HELX_P HELX_P6  6  ALA A 86  ? ALA A 88  ? ALA A 86  ALA A 88  5 ? 3  
HELX_P HELX_P7  7  HIS A 115 ? GLY A 126 ? HIS A 115 GLY A 126 1 ? 12 
HELX_P HELX_P8  8  ASP A 145 ? LEU A 151 ? ASP A 145 LEU A 151 1 ? 7  
HELX_P HELX_P9  9  THR A 155 ? ALA A 160 ? THR A 155 ALA A 160 1 ? 6  
HELX_P HELX_P10 10 GLU A 161 ? GLN A 179 ? GLU A 161 GLN A 179 1 ? 19 
# 
_struct_conf_type.id          HELX_P 
_struct_conf_type.criteria    ? 
_struct_conf_type.reference   ? 
# 
_struct_sheet.id               A 
_struct_sheet.type             ? 
_struct_sheet.number_strands   7 
_struct_sheet.details          ? 
# 
loop_
_struct_sheet_order.sheet_id 
_struct_sheet_order.range_id_1 
_struct_sheet_order.range_id_2 
_struct_sheet_order.offset 
_struct_sheet_order.sense 
A 1 2 ? anti-parallel 
A 2 3 ? anti-parallel 
A 3 4 ? parallel      
A 4 5 ? parallel      
A 5 6 ? parallel      
A 6 7 ? anti-parallel 
# 
loop_
_struct_sheet_range.sheet_id 
_struct_sheet_range.id 
_struct_sheet_range.beg_label_comp_id 
_struct_sheet_range.beg_label_asym_id 
_struct_sheet_range.beg_label_seq_id 
_struct_sheet_range.pdbx_beg_PDB_ins_code 
_struct_sheet_range.end_label_comp_id 
_struct_sheet_range.end_label_asym_id 
_struct_sheet_range.end_label_seq_id 
_struct_sheet_range.pdbx_end_PDB_ins_code 
_struct_sheet_range.beg_auth_comp_id 
_struct_sheet_range.beg_auth_asym_id 
_struct_sheet_range.beg_auth_seq_id 
_struct_sheet_range.end_auth_comp_id 
_struct_sheet_range.end_auth_asym_id 
_struct_sheet_range.end_auth_seq_id 
A 1 LYS A 41  ? ALA A 42  ? LYS A 41  ALA A 42  
A 2 GLU A 49  ? SER A 55  ? GLU A 49  SER A 55  
A 3 ARG A 58  ? LYS A 64  ? ARG A 58  LYS A 64  
A 4 LEU A 5   ? GLY A 9   ? LEU A 5   GLY A 9   
A 5 ILE A 90  ? ASP A 96  ? ILE A 90  ASP A 96  
A 6 GLN A 131 ? GLY A 136 ? GLN A 131 GLY A 136 
A 7 ILE A 104 ? ILE A 108 ? ILE A 104 ILE A 108 
# 
loop_
_pdbx_struct_sheet_hbond.sheet_id 
_pdbx_struct_sheet_hbond.range_id_1 
_pdbx_struct_sheet_hbond.range_id_2 
_pdbx_struct_sheet_hbond.range_1_label_atom_id 
_pdbx_struct_sheet_hbond.range_1_label_comp_id 
_pdbx_struct_sheet_hbond.range_1_label_asym_id 
_pdbx_struct_sheet_hbond.range_1_label_seq_id 
_pdbx_struct_sheet_hbond.range_1_PDB_ins_code 
_pdbx_struct_sheet_hbond.range_1_auth_atom_id 
_pdbx_struct_sheet_hbond.range_1_auth_comp_id 
_pdbx_struct_sheet_hbond.range_1_auth_asym_id 
_pdbx_struct_sheet_hbond.range_1_auth_seq_id 
_pdbx_struct_sheet_hbond.range_2_label_atom_id 
_pdbx_struct_sheet_hbond.range_2_label_comp_id 
_pdbx_struct_sheet_hbond.range_2_label_asym_id 
_pdbx_struct_sheet_hbond.range_2_label_seq_id 
_pdbx_struct_sheet_hbond.range_2_PDB_ins_code 
_pdbx_struct_sheet_hbond.range_2_auth_atom_id 
_pdbx_struct_sheet_hbond.range_2_auth_comp_id 
_pdbx_struct_sheet_hbond.range_2_auth_asym_id 
_pdbx_struct_sheet_hbond.range_2_auth_seq_id 
A 1 2 N LYS A 41  ? N LYS A 41  O VAL A 50  ? O VAL A 50  
A 2 3 N ALA A 51  ? N ALA A 51  O LEU A 62  ? O LEU A 62  
A 3 4 O VAL A 61  ? O VAL A 61  N VAL A 7   ? N VAL A 7   
A 4 5 N VAL A 8   ? N VAL A 8   O ILE A 91  ? O ILE A 91  
A 5 6 N HIS A 94  ? N HIS A 94  O ILE A 135 ? O ILE A 135 
A 6 7 O ARG A 134 ? O ARG A 134 N ARG A 105 ? N ARG A 105 
# 
_atom_sites.entry_id                    2Z2I 
_atom_sites.fract_transf_matrix[1][1]   0.01671477 
_atom_sites.fract_transf_matrix[1][2]   -0.02058006 
_atom_sites.fract_transf_matrix[1][3]   0.00748498 
_atom_sites.fract_transf_matrix[2][1]   -0.01275631 
_atom_sites.fract_transf_matrix[2][2]   -0.00847668 
_atom_sites.fract_transf_matrix[2][3]   0.00517946 
_atom_sites.fract_transf_matrix[3][1]   -0.00130955 
_atom_sites.fract_transf_matrix[3][2]   -0.00552565 
_atom_sites.fract_transf_matrix[3][3]   -0.01226848 
_atom_sites.fract_transf_vector[1]      0.078993 
_atom_sites.fract_transf_vector[2]      -0.002522 
_atom_sites.fract_transf_vector[3]      -0.266656 
# 
loop_
_atom_type.symbol 
C 
N 
O 
S 
# 
loop_
_atom_site.group_PDB 
_atom_site.id 
_atom_site.type_symbol 
_atom_site.label_atom_id 
_atom_site.label_alt_id 
_atom_site.label_comp_id 
_atom_site.label_asym_id 
_atom_site.label_entity_id 
_atom_site.label_seq_id 
_atom_site.pdbx_PDB_ins_code 
_atom_site.Cartn_x 
_atom_site.Cartn_y 
_atom_site.Cartn_z 
_atom_site.occupancy 
_atom_site.B_iso_or_equiv 
_atom_site.pdbx_formal_charge 
_atom_site.auth_seq_id 
_atom_site.auth_comp_id 
_atom_site.auth_asym_id 
_atom_site.auth_atom_id 
_atom_site.pdbx_PDB_model_num 
ATOM   1    N N   . MET A 1 1   ? -2.018  4.653   22.258  1.00 57.00 ? 1   MET A N   1 
ATOM   2    C CA  . MET A 1 1   ? -1.586  3.229   22.315  1.00 56.49 ? 1   MET A CA  1 
ATOM   3    C C   . MET A 1 1   ? -0.076  3.137   22.110  1.00 55.07 ? 1   MET A C   1 
ATOM   4    O O   . MET A 1 1   ? 0.505   3.924   21.364  1.00 53.67 ? 1   MET A O   1 
ATOM   5    C CB  . MET A 1 1   ? -2.307  2.423   21.235  1.00 59.79 ? 1   MET A CB  1 
ATOM   6    C CG  . MET A 1 1   ? -2.178  0.920   21.390  1.00 63.67 ? 1   MET A CG  1 
ATOM   7    S SD  . MET A 1 1   ? -2.871  0.359   22.956  1.00 68.70 ? 1   MET A SD  1 
ATOM   8    C CE  . MET A 1 1   ? -4.620  0.418   22.576  1.00 68.57 ? 1   MET A CE  1 
ATOM   9    N N   . ALA A 1 2   ? 0.555   2.177   22.776  1.00 53.65 ? 2   ALA A N   1 
ATOM   10   C CA  . ALA A 1 2   ? 1.996   1.995   22.661  1.00 53.04 ? 2   ALA A CA  1 
ATOM   11   C C   . ALA A 1 2   ? 2.350   1.039   21.527  1.00 52.32 ? 2   ALA A C   1 
ATOM   12   O O   . ALA A 1 2   ? 3.493   1.002   21.071  1.00 52.89 ? 2   ALA A O   1 
ATOM   13   C CB  . ALA A 1 2   ? 2.560   1.473   23.976  1.00 53.33 ? 2   ALA A CB  1 
ATOM   14   N N   . GLU A 1 3   ? 1.361   0.273   21.073  1.00 52.00 ? 3   GLU A N   1 
ATOM   15   C CA  . GLU A 1 3   ? 1.561   -0.693  19.995  1.00 51.40 ? 3   GLU A CA  1 
ATOM   16   C C   . GLU A 1 3   ? 1.998   -0.002  18.707  1.00 48.49 ? 3   GLU A C   1 
ATOM   17   O O   . GLU A 1 3   ? 1.460   1.041   18.335  1.00 48.02 ? 3   GLU A O   1 
ATOM   18   C CB  . GLU A 1 3   ? 0.269   -1.471  19.741  1.00 54.08 ? 3   GLU A CB  1 
ATOM   19   C CG  . GLU A 1 3   ? -0.442  -1.910  21.009  1.00 58.13 ? 3   GLU A CG  1 
ATOM   20   C CD  . GLU A 1 3   ? -1.721  -2.687  20.735  1.00 60.11 ? 3   GLU A CD  1 
ATOM   21   O OE1 . GLU A 1 3   ? -2.550  -2.216  19.924  1.00 59.81 ? 3   GLU A OE1 1 
ATOM   22   O OE2 . GLU A 1 3   ? -1.896  -3.767  21.342  1.00 62.15 ? 3   GLU A OE2 1 
ATOM   23   N N   . PRO A 1 4   ? 2.980   -0.581  18.008  1.00 46.65 ? 4   PRO A N   1 
ATOM   24   C CA  . PRO A 1 4   ? 3.458   0.013   16.755  1.00 43.99 ? 4   PRO A CA  1 
ATOM   25   C C   . PRO A 1 4   ? 2.472   -0.221  15.606  1.00 40.54 ? 4   PRO A C   1 
ATOM   26   O O   . PRO A 1 4   ? 1.735   -1.209  15.596  1.00 39.77 ? 4   PRO A O   1 
ATOM   27   C CB  . PRO A 1 4   ? 4.789   -0.697  16.535  1.00 44.47 ? 4   PRO A CB  1 
ATOM   28   C CG  . PRO A 1 4   ? 4.490   -2.080  17.040  1.00 44.97 ? 4   PRO A CG  1 
ATOM   29   C CD  . PRO A 1 4   ? 3.738   -1.805  18.334  1.00 46.37 ? 4   PRO A CD  1 
ATOM   30   N N   . LEU A 1 5   ? 2.460   0.698   14.648  1.00 37.59 ? 5   LEU A N   1 
ATOM   31   C CA  . LEU A 1 5   ? 1.590   0.598   13.482  1.00 33.93 ? 5   LEU A CA  1 
ATOM   32   C C   . LEU A 1 5   ? 2.478   0.418   12.254  1.00 31.53 ? 5   LEU A C   1 
ATOM   33   O O   . LEU A 1 5   ? 3.496   1.100   12.114  1.00 28.93 ? 5   LEU A O   1 
ATOM   34   C CB  . LEU A 1 5   ? 0.761   1.881   13.336  1.00 35.34 ? 5   LEU A CB  1 
ATOM   35   C CG  . LEU A 1 5   ? -0.765  1.791   13.370  1.00 36.31 ? 5   LEU A CG  1 
ATOM   36   C CD1 . LEU A 1 5   ? -1.225  0.986   14.577  1.00 36.48 ? 5   LEU A CD1 1 
ATOM   37   C CD2 . LEU A 1 5   ? -1.344  3.201   13.415  1.00 36.07 ? 5   LEU A CD2 1 
ATOM   38   N N   . LEU A 1 6   ? 2.101   -0.501  11.372  1.00 27.44 ? 6   LEU A N   1 
ATOM   39   C CA  . LEU A 1 6   ? 2.873   -0.741  10.158  1.00 25.92 ? 6   LEU A CA  1 
ATOM   40   C C   . LEU A 1 6   ? 2.045   -0.386  8.924   1.00 26.56 ? 6   LEU A C   1 
ATOM   41   O O   . LEU A 1 6   ? 1.019   -1.019  8.631   1.00 26.44 ? 6   LEU A O   1 
ATOM   42   C CB  . LEU A 1 6   ? 3.325   -2.205  10.093  1.00 23.77 ? 6   LEU A CB  1 
ATOM   43   C CG  . LEU A 1 6   ? 4.029   -2.703  8.826   1.00 22.73 ? 6   LEU A CG  1 
ATOM   44   C CD1 . LEU A 1 6   ? 5.299   -1.899  8.573   1.00 24.52 ? 6   LEU A CD1 1 
ATOM   45   C CD2 . LEU A 1 6   ? 4.362   -4.174  8.995   1.00 24.60 ? 6   LEU A CD2 1 
ATOM   46   N N   . VAL A 1 7   ? 2.476   0.655   8.222   1.00 23.84 ? 7   VAL A N   1 
ATOM   47   C CA  . VAL A 1 7   ? 1.791   1.092   7.014   1.00 24.57 ? 7   VAL A CA  1 
ATOM   48   C C   . VAL A 1 7   ? 2.601   0.564   5.842   1.00 24.67 ? 7   VAL A C   1 
ATOM   49   O O   . VAL A 1 7   ? 3.785   0.882   5.705   1.00 22.77 ? 7   VAL A O   1 
ATOM   50   C CB  . VAL A 1 7   ? 1.723   2.631   6.929   1.00 25.92 ? 7   VAL A CB  1 
ATOM   51   C CG1 . VAL A 1 7   ? 1.042   3.053   5.636   1.00 22.30 ? 7   VAL A CG1 1 
ATOM   52   C CG2 . VAL A 1 7   ? 0.967   3.175   8.123   1.00 24.15 ? 7   VAL A CG2 1 
ATOM   53   N N   . VAL A 1 8   ? 1.965   -0.252  5.006   1.00 22.34 ? 8   VAL A N   1 
ATOM   54   C CA  . VAL A 1 8   ? 2.646   -0.835  3.862   1.00 22.86 ? 8   VAL A CA  1 
ATOM   55   C C   . VAL A 1 8   ? 2.016   -0.404  2.542   1.00 22.78 ? 8   VAL A C   1 
ATOM   56   O O   . VAL A 1 8   ? 0.799   -0.491  2.362   1.00 22.51 ? 8   VAL A O   1 
ATOM   57   C CB  . VAL A 1 8   ? 2.611   -2.392  3.922   1.00 23.39 ? 8   VAL A CB  1 
ATOM   58   C CG1 . VAL A 1 8   ? 3.446   -2.987  2.785   1.00 23.23 ? 8   VAL A CG1 1 
ATOM   59   C CG2 . VAL A 1 8   ? 3.113   -2.875  5.265   1.00 24.51 ? 8   VAL A CG2 1 
ATOM   60   N N   . GLY A 1 9   ? 2.850   0.075   1.626   1.00 21.00 ? 9   GLY A N   1 
ATOM   61   C CA  . GLY A 1 9   ? 2.364   0.459   0.315   1.00 21.39 ? 9   GLY A CA  1 
ATOM   62   C C   . GLY A 1 9   ? 2.779   -0.668  -0.609  1.00 22.29 ? 9   GLY A C   1 
ATOM   63   O O   . GLY A 1 9   ? 3.897   -1.175  -0.477  1.00 21.17 ? 9   GLY A O   1 
ATOM   64   N N   . LEU A 1 10  ? 1.904   -1.085  -1.529  1.00 21.41 ? 10  LEU A N   1 
ATOM   65   C CA  . LEU A 1 10  ? 2.248   -2.173  -2.439  1.00 21.75 ? 10  LEU A CA  1 
ATOM   66   C C   . LEU A 1 10  ? 2.629   -1.654  -3.825  1.00 22.78 ? 10  LEU A C   1 
ATOM   67   O O   . LEU A 1 10  ? 2.118   -0.623  -4.280  1.00 22.39 ? 10  LEU A O   1 
ATOM   68   C CB  . LEU A 1 10  ? 1.082   -3.164  -2.559  1.00 18.71 ? 10  LEU A CB  1 
ATOM   69   C CG  . LEU A 1 10  ? 0.572   -3.797  -1.262  1.00 17.30 ? 10  LEU A CG  1 
ATOM   70   C CD1 . LEU A 1 10  ? -0.595  -4.708  -1.557  1.00 13.03 ? 10  LEU A CD1 1 
ATOM   71   C CD2 . LEU A 1 10  ? 1.685   -4.570  -0.592  1.00 17.28 ? 10  LEU A CD2 1 
ATOM   72   N N   . GLY A 1 11  ? 3.530   -2.376  -4.488  1.00 22.60 ? 11  GLY A N   1 
ATOM   73   C CA  . GLY A 1 11  ? 3.977   -1.977  -5.814  1.00 25.34 ? 11  GLY A CA  1 
ATOM   74   C C   . GLY A 1 11  ? 5.133   -2.810  -6.354  1.00 26.37 ? 11  GLY A C   1 
ATOM   75   O O   . GLY A 1 11  ? 5.776   -3.549  -5.608  1.00 27.44 ? 11  GLY A O   1 
ATOM   76   N N   . ASN A 1 12  ? 5.381   -2.709  -7.657  1.00 26.52 ? 12  ASN A N   1 
ATOM   77   C CA  . ASN A 1 12  ? 6.477   -3.435  -8.300  1.00 27.94 ? 12  ASN A CA  1 
ATOM   78   C C   . ASN A 1 12  ? 7.729   -2.565  -8.284  1.00 28.05 ? 12  ASN A C   1 
ATOM   79   O O   . ASN A 1 12  ? 7.637   -1.342  -8.225  1.00 26.96 ? 12  ASN A O   1 
ATOM   80   C CB  . ASN A 1 12  ? 6.114   -3.797  -9.744  1.00 28.53 ? 12  ASN A CB  1 
ATOM   81   C CG  . ASN A 1 12  ? 5.213   -5.014  -9.830  1.00 30.71 ? 12  ASN A CG  1 
ATOM   82   O OD1 . ASN A 1 12  ? 5.570   -6.096  -9.357  1.00 29.43 ? 12  ASN A OD1 1 
ATOM   83   N ND2 . ASN A 1 12  ? 4.036   -4.847  -10.431 1.00 30.81 ? 12  ASN A ND2 1 
ATOM   84   N N   . PRO A 1 13  ? 8.920   -3.187  -8.326  1.00 28.86 ? 13  PRO A N   1 
ATOM   85   C CA  . PRO A 1 13  ? 10.176  -2.427  -8.314  1.00 28.38 ? 13  PRO A CA  1 
ATOM   86   C C   . PRO A 1 13  ? 10.578  -1.916  -9.691  1.00 28.92 ? 13  PRO A C   1 
ATOM   87   O O   . PRO A 1 13  ? 10.102  -2.411  -10.705 1.00 28.12 ? 13  PRO A O   1 
ATOM   88   C CB  . PRO A 1 13  ? 11.176  -3.448  -7.780  1.00 29.28 ? 13  PRO A CB  1 
ATOM   89   C CG  . PRO A 1 13  ? 10.698  -4.716  -8.425  1.00 27.72 ? 13  PRO A CG  1 
ATOM   90   C CD  . PRO A 1 13  ? 9.182   -4.635  -8.223  1.00 29.00 ? 13  PRO A CD  1 
ATOM   91   N N   . GLY A 1 14  ? 11.461  -0.922  -9.720  1.00 29.52 ? 14  GLY A N   1 
ATOM   92   C CA  . GLY A 1 14  ? 11.928  -0.398  -10.990 1.00 31.47 ? 14  GLY A CA  1 
ATOM   93   C C   . GLY A 1 14  ? 11.214  0.835   -11.511 1.00 33.16 ? 14  GLY A C   1 
ATOM   94   O O   . GLY A 1 14  ? 10.053  1.090   -11.188 1.00 30.63 ? 14  GLY A O   1 
ATOM   95   N N   . ALA A 1 15  ? 11.917  1.602   -12.339 1.00 34.98 ? 15  ALA A N   1 
ATOM   96   C CA  . ALA A 1 15  ? 11.361  2.815   -12.928 1.00 38.20 ? 15  ALA A CA  1 
ATOM   97   C C   . ALA A 1 15  ? 10.191  2.481   -13.851 1.00 39.87 ? 15  ALA A C   1 
ATOM   98   O O   . ALA A 1 15  ? 9.222   3.236   -13.928 1.00 41.29 ? 15  ALA A O   1 
ATOM   99   C CB  . ALA A 1 15  ? 12.447  3.570   -13.709 1.00 39.18 ? 15  ALA A CB  1 
ATOM   100  N N   . ASN A 1 16  ? 10.277  1.349   -14.546 1.00 41.80 ? 16  ASN A N   1 
ATOM   101  C CA  . ASN A 1 16  ? 9.212   0.942   -15.459 1.00 43.43 ? 16  ASN A CA  1 
ATOM   102  C C   . ASN A 1 16  ? 7.842   0.839   -14.801 1.00 42.71 ? 16  ASN A C   1 
ATOM   103  O O   . ASN A 1 16  ? 6.821   1.016   -15.466 1.00 43.33 ? 16  ASN A O   1 
ATOM   104  C CB  . ASN A 1 16  ? 9.531   -0.404  -16.121 1.00 45.46 ? 16  ASN A CB  1 
ATOM   105  C CG  . ASN A 1 16  ? 10.496  -0.270  -17.283 1.00 47.94 ? 16  ASN A CG  1 
ATOM   106  O OD1 . ASN A 1 16  ? 10.399  0.667   -18.082 1.00 49.93 ? 16  ASN A OD1 1 
ATOM   107  N ND2 . ASN A 1 16  ? 11.426  -1.218  -17.396 1.00 48.40 ? 16  ASN A ND2 1 
ATOM   108  N N   . TYR A 1 17  ? 7.812   0.556   -13.505 1.00 40.73 ? 17  TYR A N   1 
ATOM   109  C CA  . TYR A 1 17  ? 6.537   0.419   -12.821 1.00 37.68 ? 17  TYR A CA  1 
ATOM   110  C C   . TYR A 1 17  ? 6.185   1.536   -11.842 1.00 35.42 ? 17  TYR A C   1 
ATOM   111  O O   . TYR A 1 17  ? 5.088   1.547   -11.283 1.00 34.59 ? 17  TYR A O   1 
ATOM   112  C CB  . TYR A 1 17  ? 6.487   -0.933  -12.103 1.00 39.17 ? 17  TYR A CB  1 
ATOM   113  C CG  . TYR A 1 17  ? 6.652   -2.117  -13.032 1.00 41.41 ? 17  TYR A CG  1 
ATOM   114  C CD1 . TYR A 1 17  ? 7.872   -2.796  -13.130 1.00 41.45 ? 17  TYR A CD1 1 
ATOM   115  C CD2 . TYR A 1 17  ? 5.590   -2.557  -13.819 1.00 41.82 ? 17  TYR A CD2 1 
ATOM   116  C CE1 . TYR A 1 17  ? 8.026   -3.878  -13.999 1.00 42.65 ? 17  TYR A CE1 1 
ATOM   117  C CE2 . TYR A 1 17  ? 5.734   -3.633  -14.693 1.00 42.86 ? 17  TYR A CE2 1 
ATOM   118  C CZ  . TYR A 1 17  ? 6.949   -4.296  -14.772 1.00 43.33 ? 17  TYR A CZ  1 
ATOM   119  O OH  . TYR A 1 17  ? 7.077   -5.364  -15.633 1.00 44.13 ? 17  TYR A OH  1 
ATOM   120  N N   . ALA A 1 18  ? 7.096   2.486   -11.654 1.00 32.43 ? 18  ALA A N   1 
ATOM   121  C CA  . ALA A 1 18  ? 6.892   3.588   -10.712 1.00 30.63 ? 18  ALA A CA  1 
ATOM   122  C C   . ALA A 1 18  ? 5.594   4.374   -10.882 1.00 30.35 ? 18  ALA A C   1 
ATOM   123  O O   . ALA A 1 18  ? 4.967   4.769   -9.895  1.00 29.09 ? 18  ALA A O   1 
ATOM   124  C CB  . ALA A 1 18  ? 8.082   4.550   -10.769 1.00 30.60 ? 18  ALA A CB  1 
ATOM   125  N N   . ARG A 1 19  ? 5.188   4.609   -12.123 1.00 28.88 ? 19  ARG A N   1 
ATOM   126  C CA  . ARG A 1 19  ? 3.969   5.369   -12.365 1.00 30.14 ? 19  ARG A CA  1 
ATOM   127  C C   . ARG A 1 19  ? 2.753   4.547   -12.783 1.00 27.18 ? 19  ARG A C   1 
ATOM   128  O O   . ARG A 1 19  ? 1.735   5.108   -13.185 1.00 28.41 ? 19  ARG A O   1 
ATOM   129  C CB  . ARG A 1 19  ? 4.237   6.442   -13.418 1.00 30.55 ? 19  ARG A CB  1 
ATOM   130  C CG  . ARG A 1 19  ? 5.255   7.474   -12.975 1.00 33.73 ? 19  ARG A CG  1 
ATOM   131  C CD  . ARG A 1 19  ? 5.246   8.658   -13.915 1.00 34.64 ? 19  ARG A CD  1 
ATOM   132  N NE  . ARG A 1 19  ? 5.604   8.277   -15.275 1.00 35.90 ? 19  ARG A NE  1 
ATOM   133  C CZ  . ARG A 1 19  ? 5.259   8.978   -16.350 1.00 36.70 ? 19  ARG A CZ  1 
ATOM   134  N NH1 . ARG A 1 19  ? 4.546   10.089  -16.210 1.00 38.14 ? 19  ARG A NH1 1 
ATOM   135  N NH2 . ARG A 1 19  ? 5.624   8.572   -17.558 1.00 37.23 ? 19  ARG A NH2 1 
ATOM   136  N N   . THR A 1 20  ? 2.854   3.225   -12.689 1.00 26.17 ? 20  THR A N   1 
ATOM   137  C CA  . THR A 1 20  ? 1.744   2.356   -13.072 1.00 24.06 ? 20  THR A CA  1 
ATOM   138  C C   . THR A 1 20  ? 0.650   2.309   -12.009 1.00 22.77 ? 20  THR A C   1 
ATOM   139  O O   . THR A 1 20  ? 0.854   2.705   -10.856 1.00 20.44 ? 20  THR A O   1 
ATOM   140  C CB  . THR A 1 20  ? 2.230   0.932   -13.367 1.00 23.24 ? 20  THR A CB  1 
ATOM   141  O OG1 . THR A 1 20  ? 2.806   0.372   -12.179 1.00 22.65 ? 20  THR A OG1 1 
ATOM   142  C CG2 . THR A 1 20  ? 3.281   0.955   -14.489 1.00 26.22 ? 20  THR A CG2 1 
ATOM   143  N N   . ARG A 1 21  ? -0.515  1.810   -12.413 1.00 22.83 ? 21  ARG A N   1 
ATOM   144  C CA  . ARG A 1 21  ? -1.682  1.728   -11.544 1.00 22.76 ? 21  ARG A CA  1 
ATOM   145  C C   . ARG A 1 21  ? -1.442  0.867   -10.314 1.00 23.16 ? 21  ARG A C   1 
ATOM   146  O O   . ARG A 1 21  ? -1.847  1.222   -9.205  1.00 23.73 ? 21  ARG A O   1 
ATOM   147  C CB  . ARG A 1 21  ? -2.879  1.183   -12.336 1.00 23.67 ? 21  ARG A CB  1 
ATOM   148  C CG  . ARG A 1 21  ? -3.275  2.042   -13.546 1.00 25.20 ? 21  ARG A CG  1 
ATOM   149  C CD  . ARG A 1 21  ? -4.662  1.680   -14.058 1.00 25.48 ? 21  ARG A CD  1 
ATOM   150  N NE  . ARG A 1 21  ? -5.153  2.631   -15.059 1.00 25.93 ? 21  ARG A NE  1 
ATOM   151  C CZ  . ARG A 1 21  ? -4.857  2.593   -16.356 1.00 27.23 ? 21  ARG A CZ  1 
ATOM   152  N NH1 . ARG A 1 21  ? -4.061  1.641   -16.848 1.00 27.20 ? 21  ARG A NH1 1 
ATOM   153  N NH2 . ARG A 1 21  ? -5.350  3.518   -17.167 1.00 26.80 ? 21  ARG A NH2 1 
ATOM   154  N N   . HIS A 1 22  ? -0.777  -0.262  -10.524 1.00 22.40 ? 22  HIS A N   1 
ATOM   155  C CA  . HIS A 1 22  ? -0.477  -1.209  -9.463  1.00 22.33 ? 22  HIS A CA  1 
ATOM   156  C C   . HIS A 1 22  ? 0.527   -0.664  -8.450  1.00 22.85 ? 22  HIS A C   1 
ATOM   157  O O   . HIS A 1 22  ? 0.791   -1.299  -7.430  1.00 21.96 ? 22  HIS A O   1 
ATOM   158  C CB  . HIS A 1 22  ? 0.054   -2.504  -10.086 1.00 21.30 ? 22  HIS A CB  1 
ATOM   159  C CG  . HIS A 1 22  ? -0.562  -3.748  -9.533  1.00 19.75 ? 22  HIS A CG  1 
ATOM   160  N ND1 . HIS A 1 22  ? -1.873  -3.802  -9.102  1.00 20.43 ? 22  HIS A ND1 1 
ATOM   161  C CD2 . HIS A 1 22  ? -0.082  -5.010  -9.413  1.00 20.14 ? 22  HIS A CD2 1 
ATOM   162  C CE1 . HIS A 1 22  ? -2.172  -5.039  -8.748  1.00 20.81 ? 22  HIS A CE1 1 
ATOM   163  N NE2 . HIS A 1 22  ? -1.094  -5.793  -8.932  1.00 21.32 ? 22  HIS A NE2 1 
ATOM   164  N N   . ASN A 1 23  ? 1.083   0.515   -8.719  1.00 21.66 ? 23  ASN A N   1 
ATOM   165  C CA  . ASN A 1 23  ? 2.055   1.102   -7.803  1.00 21.09 ? 23  ASN A CA  1 
ATOM   166  C C   . ASN A 1 23  ? 1.552   2.280   -6.961  1.00 21.71 ? 23  ASN A C   1 
ATOM   167  O O   . ASN A 1 23  ? 2.356   2.973   -6.324  1.00 20.39 ? 23  ASN A O   1 
ATOM   168  C CB  . ASN A 1 23  ? 3.317   1.524   -8.574  1.00 21.28 ? 23  ASN A CB  1 
ATOM   169  C CG  . ASN A 1 23  ? 4.408   0.480   -8.514  1.00 22.85 ? 23  ASN A CG  1 
ATOM   170  O OD1 . ASN A 1 23  ? 4.198   -0.674  -8.877  1.00 25.36 ? 23  ASN A OD1 1 
ATOM   171  N ND2 . ASN A 1 23  ? 5.585   0.878   -8.055  1.00 22.16 ? 23  ASN A ND2 1 
ATOM   172  N N   . LEU A 1 24  ? 0.238   2.507   -6.934  1.00 20.72 ? 24  LEU A N   1 
ATOM   173  C CA  . LEU A 1 24  ? -0.284  3.620   -6.142  1.00 20.75 ? 24  LEU A CA  1 
ATOM   174  C C   . LEU A 1 24  ? 0.145   3.547   -4.674  1.00 20.63 ? 24  LEU A C   1 
ATOM   175  O O   . LEU A 1 24  ? 0.450   4.574   -4.067  1.00 19.33 ? 24  LEU A O   1 
ATOM   176  C CB  . LEU A 1 24  ? -1.814  3.683   -6.225  1.00 18.36 ? 24  LEU A CB  1 
ATOM   177  C CG  . LEU A 1 24  ? -2.380  4.288   -7.513  1.00 20.73 ? 24  LEU A CG  1 
ATOM   178  C CD1 . LEU A 1 24  ? -3.892  4.338   -7.422  1.00 21.31 ? 24  LEU A CD1 1 
ATOM   179  C CD2 . LEU A 1 24  ? -1.814  5.694   -7.738  1.00 20.05 ? 24  LEU A CD2 1 
ATOM   180  N N   . GLY A 1 25  ? 0.148   2.336   -4.109  1.00 20.23 ? 25  GLY A N   1 
ATOM   181  C CA  . GLY A 1 25  ? 0.542   2.158   -2.721  1.00 21.34 ? 25  GLY A CA  1 
ATOM   182  C C   . GLY A 1 25  ? 1.925   2.729   -2.452  1.00 23.31 ? 25  GLY A C   1 
ATOM   183  O O   . GLY A 1 25  ? 2.169   3.342   -1.404  1.00 23.34 ? 25  GLY A O   1 
ATOM   184  N N   . PHE A 1 26  ? 2.833   2.523   -3.400  1.00 22.14 ? 26  PHE A N   1 
ATOM   185  C CA  . PHE A 1 26  ? 4.200   3.018   -3.283  1.00 22.96 ? 26  PHE A CA  1 
ATOM   186  C C   . PHE A 1 26  ? 4.199   4.537   -3.294  1.00 22.12 ? 26  PHE A C   1 
ATOM   187  O O   . PHE A 1 26  ? 4.914   5.176   -2.518  1.00 22.33 ? 26  PHE A O   1 
ATOM   188  C CB  . PHE A 1 26  ? 5.053   2.507   -4.451  1.00 22.94 ? 26  PHE A CB  1 
ATOM   189  C CG  . PHE A 1 26  ? 5.736   1.190   -4.184  1.00 24.38 ? 26  PHE A CG  1 
ATOM   190  C CD1 . PHE A 1 26  ? 5.244   0.300   -3.229  1.00 24.82 ? 26  PHE A CD1 1 
ATOM   191  C CD2 . PHE A 1 26  ? 6.865   0.828   -4.915  1.00 24.82 ? 26  PHE A CD2 1 
ATOM   192  C CE1 . PHE A 1 26  ? 5.871   -0.929  -3.003  1.00 25.10 ? 26  PHE A CE1 1 
ATOM   193  C CE2 . PHE A 1 26  ? 7.500   -0.397  -4.702  1.00 25.74 ? 26  PHE A CE2 1 
ATOM   194  C CZ  . PHE A 1 26  ? 7.003   -1.279  -3.745  1.00 24.81 ? 26  PHE A CZ  1 
ATOM   195  N N   . VAL A 1 27  ? 3.404   5.110   -4.190  1.00 20.71 ? 27  VAL A N   1 
ATOM   196  C CA  . VAL A 1 27  ? 3.309   6.555   -4.304  1.00 21.68 ? 27  VAL A CA  1 
ATOM   197  C C   . VAL A 1 27  ? 2.803   7.195   -3.015  1.00 21.92 ? 27  VAL A C   1 
ATOM   198  O O   . VAL A 1 27  ? 3.333   8.217   -2.578  1.00 21.49 ? 27  VAL A O   1 
ATOM   199  C CB  . VAL A 1 27  ? 2.380   6.954   -5.482  1.00 23.89 ? 27  VAL A CB  1 
ATOM   200  C CG1 . VAL A 1 27  ? 2.213   8.472   -5.525  1.00 22.90 ? 27  VAL A CG1 1 
ATOM   201  C CG2 . VAL A 1 27  ? 2.960   6.434   -6.807  1.00 23.94 ? 27  VAL A CG2 1 
ATOM   202  N N   . VAL A 1 28  ? 1.785   6.592   -2.404  1.00 21.02 ? 28  VAL A N   1 
ATOM   203  C CA  . VAL A 1 28  ? 1.209   7.117   -1.166  1.00 22.04 ? 28  VAL A CA  1 
ATOM   204  C C   . VAL A 1 28  ? 2.144   6.912   0.017   1.00 23.15 ? 28  VAL A C   1 
ATOM   205  O O   . VAL A 1 28  ? 2.235   7.768   0.908   1.00 24.04 ? 28  VAL A O   1 
ATOM   206  C CB  . VAL A 1 28  ? -0.156  6.450   -0.853  1.00 22.73 ? 28  VAL A CB  1 
ATOM   207  C CG1 . VAL A 1 28  ? -0.742  7.031   0.431   1.00 22.41 ? 28  VAL A CG1 1 
ATOM   208  C CG2 . VAL A 1 28  ? -1.109  6.658   -2.016  1.00 20.43 ? 28  VAL A CG2 1 
ATOM   209  N N   . ALA A 1 29  ? 2.849   5.778   0.031   1.00 22.42 ? 29  ALA A N   1 
ATOM   210  C CA  . ALA A 1 29  ? 3.788   5.503   1.108   1.00 22.99 ? 29  ALA A CA  1 
ATOM   211  C C   . ALA A 1 29  ? 4.918   6.544   1.065   1.00 21.94 ? 29  ALA A C   1 
ATOM   212  O O   . ALA A 1 29  ? 5.416   6.966   2.108   1.00 21.15 ? 29  ALA A O   1 
ATOM   213  C CB  . ALA A 1 29  ? 4.356   4.078   0.976   1.00 22.97 ? 29  ALA A CB  1 
ATOM   214  N N   . ASP A 1 30  ? 5.315   6.961   -0.134  1.00 24.26 ? 30  ASP A N   1 
ATOM   215  C CA  . ASP A 1 30  ? 6.370   7.972   -0.254  1.00 25.75 ? 30  ASP A CA  1 
ATOM   216  C C   . ASP A 1 30  ? 5.836   9.319   0.234   1.00 25.83 ? 30  ASP A C   1 
ATOM   217  O O   . ASP A 1 30  ? 6.525   10.048  0.957   1.00 25.81 ? 30  ASP A O   1 
ATOM   218  C CB  . ASP A 1 30  ? 6.859   8.089   -1.702  1.00 26.79 ? 30  ASP A CB  1 
ATOM   219  C CG  . ASP A 1 30  ? 7.662   6.882   -2.142  1.00 29.40 ? 30  ASP A CG  1 
ATOM   220  O OD1 . ASP A 1 30  ? 8.289   6.243   -1.270  1.00 30.52 ? 30  ASP A OD1 1 
ATOM   221  O OD2 . ASP A 1 30  ? 7.683   6.578   -3.356  1.00 29.90 ? 30  ASP A OD2 1 
ATOM   222  N N   . LEU A 1 31  ? 4.608   9.640   -0.163  1.00 25.52 ? 31  LEU A N   1 
ATOM   223  C CA  . LEU A 1 31  ? 3.954   10.873  0.259   1.00 26.03 ? 31  LEU A CA  1 
ATOM   224  C C   . LEU A 1 31  ? 3.937   10.918  1.785   1.00 27.08 ? 31  LEU A C   1 
ATOM   225  O O   . LEU A 1 31  ? 4.323   11.912  2.398   1.00 28.65 ? 31  LEU A O   1 
ATOM   226  C CB  . LEU A 1 31  ? 2.514   10.910  -0.258  1.00 26.09 ? 31  LEU A CB  1 
ATOM   227  C CG  . LEU A 1 31  ? 2.090   11.969  -1.277  1.00 29.71 ? 31  LEU A CG  1 
ATOM   228  C CD1 . LEU A 1 31  ? 2.927   11.846  -2.520  1.00 31.80 ? 31  LEU A CD1 1 
ATOM   229  C CD2 . LEU A 1 31  ? 0.617   11.794  -1.624  1.00 31.36 ? 31  LEU A CD2 1 
ATOM   230  N N   . LEU A 1 32  ? 3.474   9.834   2.400   1.00 27.40 ? 32  LEU A N   1 
ATOM   231  C CA  . LEU A 1 32  ? 3.410   9.759   3.852   1.00 26.98 ? 32  LEU A CA  1 
ATOM   232  C C   . LEU A 1 32  ? 4.785   9.953   4.486   1.00 28.22 ? 32  LEU A C   1 
ATOM   233  O O   . LEU A 1 32  ? 4.924   10.696  5.463   1.00 28.39 ? 32  LEU A O   1 
ATOM   234  C CB  . LEU A 1 32  ? 2.819   8.409   4.278   1.00 27.53 ? 32  LEU A CB  1 
ATOM   235  C CG  . LEU A 1 32  ? 1.333   8.243   3.941   1.00 24.94 ? 32  LEU A CG  1 
ATOM   236  C CD1 . LEU A 1 32  ? 0.891   6.806   4.179   1.00 24.39 ? 32  LEU A CD1 1 
ATOM   237  C CD2 . LEU A 1 32  ? 0.524   9.203   4.794   1.00 24.44 ? 32  LEU A CD2 1 
ATOM   238  N N   . ALA A 1 33  ? 5.800   9.284   3.931   1.00 28.03 ? 33  ALA A N   1 
ATOM   239  C CA  . ALA A 1 33  ? 7.162   9.394   4.448   1.00 29.43 ? 33  ALA A CA  1 
ATOM   240  C C   . ALA A 1 33  ? 7.660   10.831  4.293   1.00 31.33 ? 33  ALA A C   1 
ATOM   241  O O   . ALA A 1 33  ? 8.303   11.383  5.187   1.00 31.29 ? 33  ALA A O   1 
ATOM   242  C CB  . ALA A 1 33  ? 8.086   8.437   3.712   1.00 28.58 ? 33  ALA A CB  1 
ATOM   243  N N   . ALA A 1 34  ? 7.361   11.433  3.150   1.00 32.19 ? 34  ALA A N   1 
ATOM   244  C CA  . ALA A 1 34  ? 7.766   12.808  2.903   1.00 33.58 ? 34  ALA A CA  1 
ATOM   245  C C   . ALA A 1 34  ? 7.119   13.692  3.960   1.00 35.17 ? 34  ALA A C   1 
ATOM   246  O O   . ALA A 1 34  ? 7.799   14.484  4.619   1.00 35.19 ? 34  ALA A O   1 
ATOM   247  C CB  . ALA A 1 34  ? 7.325   13.238  1.515   1.00 33.82 ? 34  ALA A CB  1 
ATOM   248  N N   . ARG A 1 35  ? 5.807   13.536  4.130   1.00 36.11 ? 35  ARG A N   1 
ATOM   249  C CA  . ARG A 1 35  ? 5.063   14.325  5.105   1.00 37.48 ? 35  ARG A CA  1 
ATOM   250  C C   . ARG A 1 35  ? 5.716   14.330  6.483   1.00 39.99 ? 35  ARG A C   1 
ATOM   251  O O   . ARG A 1 35  ? 5.869   15.393  7.086   1.00 40.89 ? 35  ARG A O   1 
ATOM   252  C CB  . ARG A 1 35  ? 3.613   13.836  5.213   1.00 35.97 ? 35  ARG A CB  1 
ATOM   253  C CG  . ARG A 1 35  ? 2.746   14.205  4.016   1.00 33.05 ? 35  ARG A CG  1 
ATOM   254  C CD  . ARG A 1 35  ? 1.301   13.763  4.213   1.00 32.37 ? 35  ARG A CD  1 
ATOM   255  N NE  . ARG A 1 35  ? 0.464   14.107  3.067   1.00 29.44 ? 35  ARG A NE  1 
ATOM   256  C CZ  . ARG A 1 35  ? -0.850  13.912  3.013   1.00 30.66 ? 35  ARG A CZ  1 
ATOM   257  N NH1 . ARG A 1 35  ? -1.486  13.374  4.045   1.00 30.07 ? 35  ARG A NH1 1 
ATOM   258  N NH2 . ARG A 1 35  ? -1.532  14.268  1.931   1.00 30.89 ? 35  ARG A NH2 1 
ATOM   259  N N   . LEU A 1 36  ? 6.104   13.165  6.995   1.00 41.37 ? 36  LEU A N   1 
ATOM   260  C CA  . LEU A 1 36  ? 6.749   13.148  8.303   1.00 44.42 ? 36  LEU A CA  1 
ATOM   261  C C   . LEU A 1 36  ? 8.275   13.113  8.227   1.00 44.90 ? 36  LEU A C   1 
ATOM   262  O O   . LEU A 1 36  ? 8.937   12.555  9.102   1.00 46.73 ? 36  LEU A O   1 
ATOM   263  C CB  . LEU A 1 36  ? 6.229   11.991  9.172   1.00 46.57 ? 36  LEU A CB  1 
ATOM   264  C CG  . LEU A 1 36  ? 6.226   10.514  8.768   1.00 46.99 ? 36  LEU A CG  1 
ATOM   265  C CD1 . LEU A 1 36  ? 4.803   10.085  8.493   1.00 48.03 ? 36  LEU A CD1 1 
ATOM   266  C CD2 . LEU A 1 36  ? 7.121   10.275  7.575   1.00 48.98 ? 36  LEU A CD2 1 
ATOM   267  N N   . GLY A 1 37  ? 8.813   13.727  7.174   1.00 45.36 ? 37  GLY A N   1 
ATOM   268  C CA  . GLY A 1 37  ? 10.251  13.803  6.968   1.00 44.70 ? 37  GLY A CA  1 
ATOM   269  C C   . GLY A 1 37  ? 11.078  12.557  7.230   1.00 45.54 ? 37  GLY A C   1 
ATOM   270  O O   . GLY A 1 37  ? 12.253  12.662  7.602   1.00 46.28 ? 37  GLY A O   1 
ATOM   271  N N   . ALA A 1 38  ? 10.488  11.380  7.036   1.00 44.11 ? 38  ALA A N   1 
ATOM   272  C CA  . ALA A 1 38  ? 11.205  10.122  7.241   1.00 42.76 ? 38  ALA A CA  1 
ATOM   273  C C   . ALA A 1 38  ? 11.749  9.623   5.905   1.00 41.68 ? 38  ALA A C   1 
ATOM   274  O O   . ALA A 1 38  ? 11.193  9.930   4.851   1.00 42.11 ? 38  ALA A O   1 
ATOM   275  C CB  . ALA A 1 38  ? 10.280  9.075   7.847   1.00 42.46 ? 38  ALA A CB  1 
ATOM   276  N N   . LYS A 1 39  ? 12.830  8.853   5.956   1.00 41.17 ? 39  LYS A N   1 
ATOM   277  C CA  . LYS A 1 39  ? 13.446  8.314   4.750   1.00 39.51 ? 39  LYS A CA  1 
ATOM   278  C C   . LYS A 1 39  ? 13.582  6.791   4.805   1.00 36.90 ? 39  LYS A C   1 
ATOM   279  O O   . LYS A 1 39  ? 13.984  6.228   5.824   1.00 36.23 ? 39  LYS A O   1 
ATOM   280  C CB  . LYS A 1 39  ? 14.820  8.963   4.548   1.00 42.78 ? 39  LYS A CB  1 
ATOM   281  C CG  . LYS A 1 39  ? 15.542  8.549   3.279   1.00 46.53 ? 39  LYS A CG  1 
ATOM   282  C CD  . LYS A 1 39  ? 16.325  7.255   3.454   1.00 50.36 ? 39  LYS A CD  1 
ATOM   283  C CE  . LYS A 1 39  ? 17.384  7.393   4.538   1.00 51.66 ? 39  LYS A CE  1 
ATOM   284  N NZ  . LYS A 1 39  ? 18.458  6.370   4.394   1.00 53.62 ? 39  LYS A NZ  1 
ATOM   285  N N   . PHE A 1 40  ? 13.259  6.136   3.696   1.00 35.12 ? 40  PHE A N   1 
ATOM   286  C CA  . PHE A 1 40  ? 13.330  4.683   3.610   1.00 33.14 ? 40  PHE A CA  1 
ATOM   287  C C   . PHE A 1 40  ? 14.743  4.125   3.594   1.00 34.22 ? 40  PHE A C   1 
ATOM   288  O O   . PHE A 1 40  ? 15.614  4.610   2.870   1.00 32.04 ? 40  PHE A O   1 
ATOM   289  C CB  . PHE A 1 40  ? 12.596  4.179   2.368   1.00 31.79 ? 40  PHE A CB  1 
ATOM   290  C CG  . PHE A 1 40  ? 11.111  4.348   2.435   1.00 27.40 ? 40  PHE A CG  1 
ATOM   291  C CD1 . PHE A 1 40  ? 10.501  5.468   1.889   1.00 25.62 ? 40  PHE A CD1 1 
ATOM   292  C CD2 . PHE A 1 40  ? 10.316  3.371   3.029   1.00 26.70 ? 40  PHE A CD2 1 
ATOM   293  C CE1 . PHE A 1 40  ? 9.123   5.626   1.944   1.00 25.45 ? 40  PHE A CE1 1 
ATOM   294  C CE2 . PHE A 1 40  ? 8.940   3.520   3.091   1.00 24.30 ? 40  PHE A CE2 1 
ATOM   295  C CZ  . PHE A 1 40  ? 8.339   4.645   2.539   1.00 24.21 ? 40  PHE A CZ  1 
ATOM   296  N N   . LYS A 1 41  ? 14.948  3.082   4.391   1.00 33.83 ? 41  LYS A N   1 
ATOM   297  C CA  . LYS A 1 41  ? 16.237  2.422   4.493   1.00 35.35 ? 41  LYS A CA  1 
ATOM   298  C C   . LYS A 1 41  ? 16.066  0.918   4.372   1.00 35.02 ? 41  LYS A C   1 
ATOM   299  O O   . LYS A 1 41  ? 15.010  0.379   4.699   1.00 35.21 ? 41  LYS A O   1 
ATOM   300  C CB  . LYS A 1 41  ? 16.903  2.766   5.832   1.00 37.01 ? 41  LYS A CB  1 
ATOM   301  C CG  . LYS A 1 41  ? 17.533  4.149   5.852   1.00 39.78 ? 41  LYS A CG  1 
ATOM   302  C CD  . LYS A 1 41  ? 18.282  4.437   7.156   1.00 42.74 ? 41  LYS A CD  1 
ATOM   303  C CE  . LYS A 1 41  ? 17.352  4.982   8.230   1.00 44.41 ? 41  LYS A CE  1 
ATOM   304  N NZ  . LYS A 1 41  ? 16.755  6.287   7.817   1.00 44.87 ? 41  LYS A NZ  1 
ATOM   305  N N   . ALA A 1 42  ? 17.109  0.241   3.903   1.00 34.84 ? 42  ALA A N   1 
ATOM   306  C CA  . ALA A 1 42  ? 17.064  -1.201  3.744   1.00 34.57 ? 42  ALA A CA  1 
ATOM   307  C C   . ALA A 1 42  ? 16.842  -1.885  5.096   1.00 34.51 ? 42  ALA A C   1 
ATOM   308  O O   . ALA A 1 42  ? 17.438  -1.504  6.105   1.00 34.34 ? 42  ALA A O   1 
ATOM   309  C CB  . ALA A 1 42  ? 18.362  -1.696  3.107   1.00 34.72 ? 42  ALA A CB  1 
ATOM   310  N N   . HIS A 1 43  ? 15.969  -2.884  5.108   1.00 34.02 ? 43  HIS A N   1 
ATOM   311  C CA  . HIS A 1 43  ? 15.673  -3.648  6.319   1.00 35.04 ? 43  HIS A CA  1 
ATOM   312  C C   . HIS A 1 43  ? 16.094  -5.071  5.960   1.00 35.25 ? 43  HIS A C   1 
ATOM   313  O O   . HIS A 1 43  ? 15.344  -5.798  5.306   1.00 36.06 ? 43  HIS A O   1 
ATOM   314  C CB  . HIS A 1 43  ? 14.170  -3.606  6.627   1.00 33.90 ? 43  HIS A CB  1 
ATOM   315  C CG  . HIS A 1 43  ? 13.805  -4.231  7.935   1.00 34.26 ? 43  HIS A CG  1 
ATOM   316  N ND1 . HIS A 1 43  ? 13.887  -3.549  9.133   1.00 35.90 ? 43  HIS A ND1 1 
ATOM   317  C CD2 . HIS A 1 43  ? 13.378  -5.475  8.242   1.00 34.61 ? 43  HIS A CD2 1 
ATOM   318  C CE1 . HIS A 1 43  ? 13.519  -4.349  10.116  1.00 36.27 ? 43  HIS A CE1 1 
ATOM   319  N NE2 . HIS A 1 43  ? 13.203  -5.526  9.603   1.00 36.23 ? 43  HIS A NE2 1 
ATOM   320  N N   . LYS A 1 44  ? 17.286  -5.471  6.387   1.00 35.97 ? 44  LYS A N   1 
ATOM   321  C CA  . LYS A 1 44  ? 17.795  -6.797  6.036   1.00 36.65 ? 44  LYS A CA  1 
ATOM   322  C C   . LYS A 1 44  ? 17.142  -7.983  6.726   1.00 35.42 ? 44  LYS A C   1 
ATOM   323  O O   . LYS A 1 44  ? 17.388  -9.128  6.346   1.00 36.04 ? 44  LYS A O   1 
ATOM   324  C CB  . LYS A 1 44  ? 19.320  -6.865  6.227   1.00 38.69 ? 44  LYS A CB  1 
ATOM   325  C CG  . LYS A 1 44  ? 19.840  -7.201  7.632   1.00 39.96 ? 44  LYS A CG  1 
ATOM   326  C CD  . LYS A 1 44  ? 21.364  -7.442  7.554   1.00 43.49 ? 44  LYS A CD  1 
ATOM   327  C CE  . LYS A 1 44  ? 22.069  -7.560  8.913   1.00 43.94 ? 44  LYS A CE  1 
ATOM   328  N NZ  . LYS A 1 44  ? 21.844  -8.847  9.633   1.00 44.80 ? 44  LYS A NZ  1 
ATOM   329  N N   . ARG A 1 45  ? 16.316  -7.722  7.732   1.00 33.26 ? 45  ARG A N   1 
ATOM   330  C CA  . ARG A 1 45  ? 15.629  -8.803  8.434   1.00 32.02 ? 45  ARG A CA  1 
ATOM   331  C C   . ARG A 1 45  ? 14.360  -9.181  7.654   1.00 31.34 ? 45  ARG A C   1 
ATOM   332  O O   . ARG A 1 45  ? 13.768  -10.229 7.893   1.00 32.25 ? 45  ARG A O   1 
ATOM   333  C CB  . ARG A 1 45  ? 15.253  -8.367  9.859   1.00 31.89 ? 45  ARG A CB  1 
ATOM   334  C CG  . ARG A 1 45  ? 15.849  -9.219  10.988  1.00 30.26 ? 45  ARG A CG  1 
ATOM   335  C CD  . ARG A 1 45  ? 17.263  -8.805  11.351  1.00 29.26 ? 45  ARG A CD  1 
ATOM   336  N NE  . ARG A 1 45  ? 17.858  -9.698  12.343  1.00 24.96 ? 45  ARG A NE  1 
ATOM   337  C CZ  . ARG A 1 45  ? 19.026  -9.480  12.936  1.00 28.60 ? 45  ARG A CZ  1 
ATOM   338  N NH1 . ARG A 1 45  ? 19.498  -10.345 13.825  1.00 25.33 ? 45  ARG A NH1 1 
ATOM   339  N NH2 . ARG A 1 45  ? 19.723  -8.383  12.646  1.00 26.80 ? 45  ARG A NH2 1 
ATOM   340  N N   . SER A 1 46  ? 13.955  -8.326  6.713   1.00 30.81 ? 46  SER A N   1 
ATOM   341  C CA  . SER A 1 46  ? 12.753  -8.575  5.908   1.00 29.78 ? 46  SER A CA  1 
ATOM   342  C C   . SER A 1 46  ? 13.012  -8.470  4.409   1.00 29.43 ? 46  SER A C   1 
ATOM   343  O O   . SER A 1 46  ? 12.380  -9.164  3.612   1.00 26.92 ? 46  SER A O   1 
ATOM   344  C CB  . SER A 1 46  ? 11.646  -7.578  6.273   1.00 31.40 ? 46  SER A CB  1 
ATOM   345  O OG  . SER A 1 46  ? 11.974  -6.264  5.843   1.00 27.48 ? 46  SER A OG  1 
ATOM   346  N N   . GLY A 1 47  ? 13.936  -7.591  4.032   1.00 29.88 ? 47  GLY A N   1 
ATOM   347  C CA  . GLY A 1 47  ? 14.239  -7.399  2.628   1.00 29.70 ? 47  GLY A CA  1 
ATOM   348  C C   . GLY A 1 47  ? 13.538  -6.172  2.073   1.00 29.98 ? 47  GLY A C   1 
ATOM   349  O O   . GLY A 1 47  ? 13.890  -5.681  1.004   1.00 29.53 ? 47  GLY A O   1 
ATOM   350  N N   . ALA A 1 48  ? 12.533  -5.678  2.787   1.00 29.20 ? 48  ALA A N   1 
ATOM   351  C CA  . ALA A 1 48  ? 11.816  -4.493  2.332   1.00 30.74 ? 48  ALA A CA  1 
ATOM   352  C C   . ALA A 1 48  ? 12.573  -3.276  2.827   1.00 31.05 ? 48  ALA A C   1 
ATOM   353  O O   . ALA A 1 48  ? 13.616  -3.403  3.468   1.00 32.54 ? 48  ALA A O   1 
ATOM   354  C CB  . ALA A 1 48  ? 10.400  -4.481  2.893   1.00 29.68 ? 48  ALA A CB  1 
ATOM   355  N N   . GLU A 1 49  ? 12.066  -2.091  2.515   1.00 31.49 ? 49  GLU A N   1 
ATOM   356  C CA  . GLU A 1 49  ? 12.709  -0.887  3.008   1.00 32.00 ? 49  GLU A CA  1 
ATOM   357  C C   . GLU A 1 49  ? 11.735  -0.196  3.952   1.00 31.08 ? 49  GLU A C   1 
ATOM   358  O O   . GLU A 1 49  ? 10.530  -0.184  3.726   1.00 30.88 ? 49  GLU A O   1 
ATOM   359  C CB  . GLU A 1 49  ? 13.147  0.024   1.859   1.00 31.77 ? 49  GLU A CB  1 
ATOM   360  C CG  . GLU A 1 49  ? 12.078  0.448   0.895   1.00 34.34 ? 49  GLU A CG  1 
ATOM   361  C CD  . GLU A 1 49  ? 12.683  1.128   -0.322  1.00 35.70 ? 49  GLU A CD  1 
ATOM   362  O OE1 . GLU A 1 49  ? 13.538  2.022   -0.138  1.00 37.09 ? 49  GLU A OE1 1 
ATOM   363  O OE2 . GLU A 1 49  ? 12.306  0.769   -1.457  1.00 36.23 ? 49  GLU A OE2 1 
ATOM   364  N N   . VAL A 1 50  ? 12.268  0.367   5.026   1.00 30.86 ? 50  VAL A N   1 
ATOM   365  C CA  . VAL A 1 50  ? 11.437  0.993   6.028   1.00 32.52 ? 50  VAL A CA  1 
ATOM   366  C C   . VAL A 1 50  ? 11.745  2.462   6.297   1.00 32.30 ? 50  VAL A C   1 
ATOM   367  O O   . VAL A 1 50  ? 12.867  2.920   6.105   1.00 32.64 ? 50  VAL A O   1 
ATOM   368  C CB  . VAL A 1 50  ? 11.550  0.193   7.350   1.00 33.51 ? 50  VAL A CB  1 
ATOM   369  C CG1 . VAL A 1 50  ? 10.802  0.896   8.464   1.00 37.40 ? 50  VAL A CG1 1 
ATOM   370  C CG2 . VAL A 1 50  ? 10.999  -1.218  7.143   1.00 35.66 ? 50  VAL A CG2 1 
ATOM   371  N N   . ALA A 1 51  ? 10.716  3.182   6.735   1.00 32.01 ? 51  ALA A N   1 
ATOM   372  C CA  . ALA A 1 51  ? 10.799  4.598   7.086   1.00 32.09 ? 51  ALA A CA  1 
ATOM   373  C C   . ALA A 1 51  ? 10.024  4.731   8.399   1.00 32.57 ? 51  ALA A C   1 
ATOM   374  O O   . ALA A 1 51  ? 8.891   4.259   8.501   1.00 32.75 ? 51  ALA A O   1 
ATOM   375  C CB  . ALA A 1 51  ? 10.150  5.446   5.997   1.00 30.72 ? 51  ALA A CB  1 
ATOM   376  N N   . THR A 1 52  ? 10.617  5.356   9.412   1.00 32.83 ? 52  THR A N   1 
ATOM   377  C CA  . THR A 1 52  ? 9.921   5.487   10.693  1.00 35.68 ? 52  THR A CA  1 
ATOM   378  C C   . THR A 1 52  ? 9.594   6.919   11.112  1.00 36.04 ? 52  THR A C   1 
ATOM   379  O O   . THR A 1 52  ? 10.267  7.869   10.706  1.00 36.32 ? 52  THR A O   1 
ATOM   380  C CB  . THR A 1 52  ? 10.717  4.815   11.826  1.00 35.10 ? 52  THR A CB  1 
ATOM   381  O OG1 . THR A 1 52  ? 12.020  5.398   11.905  1.00 38.16 ? 52  THR A OG1 1 
ATOM   382  C CG2 . THR A 1 52  ? 10.848  3.321   11.569  1.00 35.64 ? 52  THR A CG2 1 
ATOM   383  N N   . GLY A 1 53  ? 8.551   7.057   11.927  1.00 35.79 ? 53  GLY A N   1 
ATOM   384  C CA  . GLY A 1 53  ? 8.130   8.367   12.396  1.00 37.64 ? 53  GLY A CA  1 
ATOM   385  C C   . GLY A 1 53  ? 6.945   8.281   13.341  1.00 38.71 ? 53  GLY A C   1 
ATOM   386  O O   . GLY A 1 53  ? 6.670   7.219   13.898  1.00 38.99 ? 53  GLY A O   1 
ATOM   387  N N   . ARG A 1 54  ? 6.238   9.391   13.531  1.00 39.86 ? 54  ARG A N   1 
ATOM   388  C CA  . ARG A 1 54  ? 5.087   9.403   14.429  1.00 42.04 ? 54  ARG A CA  1 
ATOM   389  C C   . ARG A 1 54  ? 3.917   10.216  13.879  1.00 41.84 ? 54  ARG A C   1 
ATOM   390  O O   . ARG A 1 54  ? 4.104   11.298  13.320  1.00 41.51 ? 54  ARG A O   1 
ATOM   391  C CB  . ARG A 1 54  ? 5.491   9.950   15.800  1.00 44.19 ? 54  ARG A CB  1 
ATOM   392  C CG  . ARG A 1 54  ? 6.606   9.172   16.483  1.00 46.97 ? 54  ARG A CG  1 
ATOM   393  C CD  . ARG A 1 54  ? 6.866   9.704   17.885  1.00 49.20 ? 54  ARG A CD  1 
ATOM   394  N NE  . ARG A 1 54  ? 5.779   9.375   18.804  1.00 51.09 ? 54  ARG A NE  1 
ATOM   395  C CZ  . ARG A 1 54  ? 5.580   8.167   19.327  1.00 51.13 ? 54  ARG A CZ  1 
ATOM   396  N NH1 . ARG A 1 54  ? 6.397   7.166   19.029  1.00 51.97 ? 54  ARG A NH1 1 
ATOM   397  N NH2 . ARG A 1 54  ? 4.557   7.956   20.143  1.00 52.61 ? 54  ARG A NH2 1 
ATOM   398  N N   . SER A 1 55  ? 2.712   9.685   14.050  1.00 41.09 ? 55  SER A N   1 
ATOM   399  C CA  . SER A 1 55  ? 1.506   10.346  13.570  1.00 40.12 ? 55  SER A CA  1 
ATOM   400  C C   . SER A 1 55  ? 0.381   10.199  14.590  1.00 39.86 ? 55  SER A C   1 
ATOM   401  O O   . SER A 1 55  ? 0.100   9.093   15.067  1.00 37.19 ? 55  SER A O   1 
ATOM   402  C CB  . SER A 1 55  ? 1.073   9.739   12.228  1.00 38.75 ? 55  SER A CB  1 
ATOM   403  O OG  . SER A 1 55  ? -0.105  10.360  11.737  1.00 38.18 ? 55  SER A OG  1 
ATOM   404  N N   . ALA A 1 56  ? -0.262  11.319  14.918  1.00 40.78 ? 56  ALA A N   1 
ATOM   405  C CA  . ALA A 1 56  ? -1.354  11.319  15.886  1.00 40.72 ? 56  ALA A CA  1 
ATOM   406  C C   . ALA A 1 56  ? -0.877  10.726  17.216  1.00 40.49 ? 56  ALA A C   1 
ATOM   407  O O   . ALA A 1 56  ? -1.635  10.055  17.925  1.00 41.06 ? 56  ALA A O   1 
ATOM   408  C CB  . ALA A 1 56  ? -2.541  10.517  15.333  1.00 39.37 ? 56  ALA A CB  1 
ATOM   409  N N   . GLY A 1 57  ? 0.389   10.971  17.540  1.00 39.26 ? 57  GLY A N   1 
ATOM   410  C CA  . GLY A 1 57  ? 0.954   10.463  18.776  1.00 40.39 ? 57  GLY A CA  1 
ATOM   411  C C   . GLY A 1 57  ? 1.236   8.970   18.770  1.00 41.28 ? 57  GLY A C   1 
ATOM   412  O O   . GLY A 1 57  ? 1.476   8.377   19.823  1.00 41.40 ? 57  GLY A O   1 
ATOM   413  N N   . ARG A 1 58  ? 1.216   8.361   17.585  1.00 40.22 ? 58  ARG A N   1 
ATOM   414  C CA  . ARG A 1 58  ? 1.470   6.928   17.457  1.00 40.47 ? 58  ARG A CA  1 
ATOM   415  C C   . ARG A 1 58  ? 2.805   6.642   16.780  1.00 39.39 ? 58  ARG A C   1 
ATOM   416  O O   . ARG A 1 58  ? 3.248   7.395   15.910  1.00 38.97 ? 58  ARG A O   1 
ATOM   417  C CB  . ARG A 1 58  ? 0.351   6.257   16.650  1.00 41.76 ? 58  ARG A CB  1 
ATOM   418  C CG  . ARG A 1 58  ? -1.008  6.226   17.344  1.00 44.53 ? 58  ARG A CG  1 
ATOM   419  C CD  . ARG A 1 58  ? -0.950  5.437   18.649  1.00 45.55 ? 58  ARG A CD  1 
ATOM   420  N NE  . ARG A 1 58  ? -0.736  4.006   18.442  1.00 46.76 ? 58  ARG A NE  1 
ATOM   421  C CZ  . ARG A 1 58  ? -1.629  3.189   17.892  1.00 45.31 ? 58  ARG A CZ  1 
ATOM   422  N NH1 . ARG A 1 58  ? -2.800  3.661   17.493  1.00 45.52 ? 58  ARG A NH1 1 
ATOM   423  N NH2 . ARG A 1 58  ? -1.359  1.898   17.765  1.00 44.77 ? 58  ARG A NH2 1 
ATOM   424  N N   . SER A 1 59  ? 3.447   5.554   17.196  1.00 38.15 ? 59  SER A N   1 
ATOM   425  C CA  . SER A 1 59  ? 4.712   5.149   16.599  1.00 38.13 ? 59  SER A CA  1 
ATOM   426  C C   . SER A 1 59  ? 4.343   4.612   15.219  1.00 36.77 ? 59  SER A C   1 
ATOM   427  O O   . SER A 1 59  ? 3.462   3.758   15.099  1.00 36.05 ? 59  SER A O   1 
ATOM   428  C CB  . SER A 1 59  ? 5.373   4.049   17.429  1.00 39.27 ? 59  SER A CB  1 
ATOM   429  O OG  . SER A 1 59  ? 6.629   3.695   16.876  1.00 42.47 ? 59  SER A OG  1 
ATOM   430  N N   . LEU A 1 60  ? 5.020   5.103   14.189  1.00 34.08 ? 60  LEU A N   1 
ATOM   431  C CA  . LEU A 1 60  ? 4.710   4.708   12.823  1.00 34.35 ? 60  LEU A CA  1 
ATOM   432  C C   . LEU A 1 60  ? 5.863   4.058   12.057  1.00 33.29 ? 60  LEU A C   1 
ATOM   433  O O   . LEU A 1 60  ? 6.987   4.559   12.064  1.00 30.69 ? 60  LEU A O   1 
ATOM   434  C CB  . LEU A 1 60  ? 4.245   5.951   12.050  1.00 36.14 ? 60  LEU A CB  1 
ATOM   435  C CG  . LEU A 1 60  ? 3.022   5.906   11.140  1.00 37.25 ? 60  LEU A CG  1 
ATOM   436  C CD1 . LEU A 1 60  ? 3.158   4.756   10.168  1.00 40.39 ? 60  LEU A CD1 1 
ATOM   437  C CD2 . LEU A 1 60  ? 1.772   5.758   11.971  1.00 39.99 ? 60  LEU A CD2 1 
ATOM   438  N N   . VAL A 1 61  ? 5.576   2.942   11.396  1.00 31.78 ? 61  VAL A N   1 
ATOM   439  C CA  . VAL A 1 61  ? 6.581   2.269   10.580  1.00 30.69 ? 61  VAL A CA  1 
ATOM   440  C C   . VAL A 1 61  ? 6.029   2.111   9.167   1.00 28.71 ? 61  VAL A C   1 
ATOM   441  O O   . VAL A 1 61  ? 5.098   1.344   8.939   1.00 28.79 ? 61  VAL A O   1 
ATOM   442  C CB  . VAL A 1 61  ? 6.951   0.874   11.131  1.00 31.01 ? 61  VAL A CB  1 
ATOM   443  C CG1 . VAL A 1 61  ? 7.865   0.160   10.147  1.00 30.46 ? 61  VAL A CG1 1 
ATOM   444  C CG2 . VAL A 1 61  ? 7.657   1.015   12.471  1.00 32.13 ? 61  VAL A CG2 1 
ATOM   445  N N   . LEU A 1 62  ? 6.601   2.860   8.230   1.00 28.68 ? 62  LEU A N   1 
ATOM   446  C CA  . LEU A 1 62  ? 6.183   2.818   6.832   1.00 27.88 ? 62  LEU A CA  1 
ATOM   447  C C   . LEU A 1 62  ? 7.053   1.804   6.100   1.00 28.76 ? 62  LEU A C   1 
ATOM   448  O O   . LEU A 1 62  ? 8.246   1.679   6.393   1.00 28.96 ? 62  LEU A O   1 
ATOM   449  C CB  . LEU A 1 62  ? 6.332   4.202   6.192   1.00 29.95 ? 62  LEU A CB  1 
ATOM   450  C CG  . LEU A 1 62  ? 5.575   5.357   6.861   1.00 28.93 ? 62  LEU A CG  1 
ATOM   451  C CD1 . LEU A 1 62  ? 5.851   6.659   6.121   1.00 31.55 ? 62  LEU A CD1 1 
ATOM   452  C CD2 . LEU A 1 62  ? 4.090   5.068   6.857   1.00 33.56 ? 62  LEU A CD2 1 
ATOM   453  N N   . ALA A 1 63  ? 6.469   1.082   5.151   1.00 26.97 ? 63  ALA A N   1 
ATOM   454  C CA  . ALA A 1 63  ? 7.237   0.077   4.434   1.00 26.90 ? 63  ALA A CA  1 
ATOM   455  C C   . ALA A 1 63  ? 6.809   -0.164  2.994   1.00 26.03 ? 63  ALA A C   1 
ATOM   456  O O   . ALA A 1 63  ? 5.648   0.029   2.630   1.00 25.89 ? 63  ALA A O   1 
ATOM   457  C CB  . ALA A 1 63  ? 7.200   -1.243  5.207   1.00 25.94 ? 63  ALA A CB  1 
ATOM   458  N N   . LYS A 1 64  ? 7.778   -0.578  2.186   1.00 23.49 ? 64  LYS A N   1 
ATOM   459  C CA  . LYS A 1 64  ? 7.560   -0.910  0.786   1.00 23.71 ? 64  LYS A CA  1 
ATOM   460  C C   . LYS A 1 64  ? 8.400   -2.145  0.487   1.00 25.25 ? 64  LYS A C   1 
ATOM   461  O O   . LYS A 1 64  ? 9.621   -2.128  0.666   1.00 26.08 ? 64  LYS A O   1 
ATOM   462  C CB  . LYS A 1 64  ? 8.014   0.221   -0.141  1.00 23.47 ? 64  LYS A CB  1 
ATOM   463  C CG  . LYS A 1 64  ? 7.222   1.516   -0.031  1.00 22.63 ? 64  LYS A CG  1 
ATOM   464  C CD  . LYS A 1 64  ? 7.700   2.536   -1.066  1.00 22.47 ? 64  LYS A CD  1 
ATOM   465  C CE  . LYS A 1 64  ? 9.182   2.856   -0.897  1.00 26.53 ? 64  LYS A CE  1 
ATOM   466  N NZ  . LYS A 1 64  ? 9.657   3.922   -1.844  1.00 26.21 ? 64  LYS A NZ  1 
ATOM   467  N N   . PRO A 1 65  ? 7.762   -3.249  0.078   1.00 26.09 ? 65  PRO A N   1 
ATOM   468  C CA  . PRO A 1 65  ? 8.530   -4.457  -0.239  1.00 26.06 ? 65  PRO A CA  1 
ATOM   469  C C   . PRO A 1 65  ? 9.488   -4.110  -1.389  1.00 29.03 ? 65  PRO A C   1 
ATOM   470  O O   . PRO A 1 65  ? 9.221   -3.184  -2.158  1.00 28.07 ? 65  PRO A O   1 
ATOM   471  C CB  . PRO A 1 65  ? 7.455   -5.447  -0.671  1.00 25.17 ? 65  PRO A CB  1 
ATOM   472  C CG  . PRO A 1 65  ? 6.280   -5.043  0.187   1.00 26.25 ? 65  PRO A CG  1 
ATOM   473  C CD  . PRO A 1 65  ? 6.312   -3.532  0.087   1.00 24.63 ? 65  PRO A CD  1 
ATOM   474  N N   . ARG A 1 66  ? 10.594  -4.834  -1.507  1.00 29.89 ? 66  ARG A N   1 
ATOM   475  C CA  . ARG A 1 66  ? 11.540  -4.560  -2.578  1.00 32.72 ? 66  ARG A CA  1 
ATOM   476  C C   . ARG A 1 66  ? 11.510  -5.634  -3.650  1.00 33.37 ? 66  ARG A C   1 
ATOM   477  O O   . ARG A 1 66  ? 12.173  -5.519  -4.683  1.00 31.36 ? 66  ARG A O   1 
ATOM   478  C CB  . ARG A 1 66  ? 12.949  -4.401  -2.011  1.00 35.44 ? 66  ARG A CB  1 
ATOM   479  C CG  . ARG A 1 66  ? 13.261  -2.955  -1.637  1.00 40.55 ? 66  ARG A CG  1 
ATOM   480  C CD  . ARG A 1 66  ? 14.690  -2.787  -1.157  1.00 45.26 ? 66  ARG A CD  1 
ATOM   481  N NE  . ARG A 1 66  ? 14.895  -3.384  0.156   1.00 49.04 ? 66  ARG A NE  1 
ATOM   482  C CZ  . ARG A 1 66  ? 16.057  -3.386  0.800   1.00 52.10 ? 66  ARG A CZ  1 
ATOM   483  N NH1 . ARG A 1 66  ? 17.122  -2.818  0.243   1.00 51.87 ? 66  ARG A NH1 1 
ATOM   484  N NH2 . ARG A 1 66  ? 16.154  -3.950  2.002   1.00 51.36 ? 66  ARG A NH2 1 
ATOM   485  N N   . CYS A 1 67  ? 10.713  -6.667  -3.400  1.00 33.62 ? 67  CYS A N   1 
ATOM   486  C CA  . CYS A 1 67  ? 10.554  -7.774  -4.326  1.00 35.27 ? 67  CYS A CA  1 
ATOM   487  C C   . CYS A 1 67  ? 9.348   -7.457  -5.198  1.00 35.04 ? 67  CYS A C   1 
ATOM   488  O O   . CYS A 1 67  ? 8.745   -6.390  -5.058  1.00 34.33 ? 67  CYS A O   1 
ATOM   489  C CB  . CYS A 1 67  ? 10.298  -9.065  -3.549  1.00 38.56 ? 67  CYS A CB  1 
ATOM   490  S SG  . CYS A 1 67  ? 8.789   -8.992  -2.547  1.00 42.43 ? 67  CYS A SG  1 
ATOM   491  N N   . TYR A 1 68  ? 8.992   -8.375  -6.090  1.00 32.83 ? 68  TYR A N   1 
ATOM   492  C CA  . TYR A 1 68  ? 7.844   -8.152  -6.953  1.00 33.20 ? 68  TYR A CA  1 
ATOM   493  C C   . TYR A 1 68  ? 6.522   -8.276  -6.202  1.00 33.12 ? 68  TYR A C   1 
ATOM   494  O O   . TYR A 1 68  ? 6.431   -8.961  -5.176  1.00 33.37 ? 68  TYR A O   1 
ATOM   495  C CB  . TYR A 1 68  ? 7.877   -9.102  -8.149  1.00 33.22 ? 68  TYR A CB  1 
ATOM   496  C CG  . TYR A 1 68  ? 8.967   -8.746  -9.136  1.00 35.59 ? 68  TYR A CG  1 
ATOM   497  C CD1 . TYR A 1 68  ? 10.261  -9.249  -8.988  1.00 36.31 ? 68  TYR A CD1 1 
ATOM   498  C CD2 . TYR A 1 68  ? 8.713   -7.880  -10.199 1.00 36.32 ? 68  TYR A CD2 1 
ATOM   499  C CE1 . TYR A 1 68  ? 11.280  -8.892  -9.875  1.00 38.21 ? 68  TYR A CE1 1 
ATOM   500  C CE2 . TYR A 1 68  ? 9.723   -7.514  -11.091 1.00 38.60 ? 68  TYR A CE2 1 
ATOM   501  C CZ  . TYR A 1 68  ? 11.003  -8.029  -10.924 1.00 39.83 ? 68  TYR A CZ  1 
ATOM   502  O OH  . TYR A 1 68  ? 12.001  -7.689  -11.804 1.00 42.14 ? 68  TYR A OH  1 
ATOM   503  N N   . MET A 1 69  ? 5.507   -7.590  -6.719  1.00 32.57 ? 69  MET A N   1 
ATOM   504  C CA  . MET A 1 69  ? 4.179   -7.565  -6.115  1.00 32.31 ? 69  MET A CA  1 
ATOM   505  C C   . MET A 1 69  ? 3.657   -8.911  -5.613  1.00 32.29 ? 69  MET A C   1 
ATOM   506  O O   . MET A 1 69  ? 3.105   -9.000  -4.514  1.00 31.81 ? 69  MET A O   1 
ATOM   507  C CB  . MET A 1 69  ? 3.170   -6.989  -7.112  1.00 31.25 ? 69  MET A CB  1 
ATOM   508  C CG  . MET A 1 69  ? 1.777   -6.808  -6.530  1.00 31.42 ? 69  MET A CG  1 
ATOM   509  S SD  . MET A 1 69  ? 1.757   -5.585  -5.207  1.00 30.27 ? 69  MET A SD  1 
ATOM   510  C CE  . MET A 1 69  ? 1.354   -4.084  -6.145  1.00 33.18 ? 69  MET A CE  1 
ATOM   511  N N   . ASN A 1 70  ? 3.829   -9.946  -6.424  1.00 32.33 ? 70  ASN A N   1 
ATOM   512  C CA  . ASN A 1 70  ? 3.348   -11.285 -6.087  1.00 34.11 ? 70  ASN A CA  1 
ATOM   513  C C   . ASN A 1 70  ? 4.009   -11.911 -4.871  1.00 33.03 ? 70  ASN A C   1 
ATOM   514  O O   . ASN A 1 70  ? 3.479   -12.858 -4.285  1.00 30.80 ? 70  ASN A O   1 
ATOM   515  C CB  . ASN A 1 70  ? 3.537   -12.221 -7.273  1.00 36.17 ? 70  ASN A CB  1 
ATOM   516  C CG  . ASN A 1 70  ? 2.352   -13.129 -7.473  1.00 38.44 ? 70  ASN A CG  1 
ATOM   517  O OD1 . ASN A 1 70  ? 1.280   -12.668 -7.859  1.00 40.89 ? 70  ASN A OD1 1 
ATOM   518  N ND2 . ASN A 1 70  ? 2.527   -14.423 -7.205  1.00 39.14 ? 70  ASN A ND2 1 
ATOM   519  N N   . GLU A 1 71  ? 5.165   -11.376 -4.498  1.00 32.60 ? 71  GLU A N   1 
ATOM   520  C CA  . GLU A 1 71  ? 5.926   -11.882 -3.359  1.00 34.72 ? 71  GLU A CA  1 
ATOM   521  C C   . GLU A 1 71  ? 5.926   -10.923 -2.163  1.00 33.09 ? 71  GLU A C   1 
ATOM   522  O O   . GLU A 1 71  ? 6.632   -11.156 -1.181  1.00 32.05 ? 71  GLU A O   1 
ATOM   523  C CB  . GLU A 1 71  ? 7.376   -12.155 -3.787  1.00 36.71 ? 71  GLU A CB  1 
ATOM   524  C CG  . GLU A 1 71  ? 7.689   -13.605 -4.118  1.00 42.29 ? 71  GLU A CG  1 
ATOM   525  C CD  . GLU A 1 71  ? 6.784   -14.179 -5.186  1.00 45.12 ? 71  GLU A CD  1 
ATOM   526  O OE1 . GLU A 1 71  ? 6.828   -13.686 -6.335  1.00 46.82 ? 71  GLU A OE1 1 
ATOM   527  O OE2 . GLU A 1 71  ? 6.030   -15.128 -4.872  1.00 48.19 ? 71  GLU A OE2 1 
ATOM   528  N N   . SER A 1 72  ? 5.140   -9.852  -2.248  1.00 30.72 ? 72  SER A N   1 
ATOM   529  C CA  . SER A 1 72  ? 5.073   -8.856  -1.181  1.00 28.89 ? 72  SER A CA  1 
ATOM   530  C C   . SER A 1 72  ? 4.970   -9.441  0.219   1.00 27.81 ? 72  SER A C   1 
ATOM   531  O O   . SER A 1 72  ? 5.677   -9.015  1.139   1.00 25.08 ? 72  SER A O   1 
ATOM   532  C CB  . SER A 1 72  ? 3.887   -7.921  -1.409  1.00 29.51 ? 72  SER A CB  1 
ATOM   533  O OG  . SER A 1 72  ? 4.095   -7.128  -2.556  1.00 32.68 ? 72  SER A OG  1 
ATOM   534  N N   . GLY A 1 73  ? 4.069   -10.405 0.375   1.00 28.02 ? 73  GLY A N   1 
ATOM   535  C CA  . GLY A 1 73  ? 3.862   -11.038 1.666   1.00 27.11 ? 73  GLY A CA  1 
ATOM   536  C C   . GLY A 1 73  ? 5.099   -11.613 2.329   1.00 27.60 ? 73  GLY A C   1 
ATOM   537  O O   . GLY A 1 73  ? 5.254   -11.486 3.542   1.00 26.31 ? 73  GLY A O   1 
ATOM   538  N N   . ARG A 1 74  ? 5.992   -12.233 1.561   1.00 29.02 ? 74  ARG A N   1 
ATOM   539  C CA  . ARG A 1 74  ? 7.181   -12.820 2.173   1.00 31.40 ? 74  ARG A CA  1 
ATOM   540  C C   . ARG A 1 74  ? 8.146   -11.805 2.792   1.00 29.92 ? 74  ARG A C   1 
ATOM   541  O O   . ARG A 1 74  ? 9.088   -12.191 3.491   1.00 27.52 ? 74  ARG A O   1 
ATOM   542  C CB  . ARG A 1 74  ? 7.933   -13.711 1.180   1.00 35.56 ? 74  ARG A CB  1 
ATOM   543  C CG  . ARG A 1 74  ? 8.698   -12.973 0.106   1.00 41.91 ? 74  ARG A CG  1 
ATOM   544  C CD  . ARG A 1 74  ? 9.513   -13.958 -0.719  1.00 48.10 ? 74  ARG A CD  1 
ATOM   545  N NE  . ARG A 1 74  ? 8.732   -15.143 -1.070  1.00 50.88 ? 74  ARG A NE  1 
ATOM   546  C CZ  . ARG A 1 74  ? 9.094   -16.025 -1.995  1.00 53.36 ? 74  ARG A CZ  1 
ATOM   547  N NH1 . ARG A 1 74  ? 8.323   -17.077 -2.249  1.00 52.38 ? 74  ARG A NH1 1 
ATOM   548  N NH2 . ARG A 1 74  ? 10.222  -15.851 -2.673  1.00 54.18 ? 74  ARG A NH2 1 
ATOM   549  N N   . GLN A 1 75  ? 7.925   -10.517 2.535   1.00 26.85 ? 75  GLN A N   1 
ATOM   550  C CA  . GLN A 1 75  ? 8.776   -9.492  3.129   1.00 28.87 ? 75  GLN A CA  1 
ATOM   551  C C   . GLN A 1 75  ? 8.027   -8.801  4.266   1.00 30.05 ? 75  GLN A C   1 
ATOM   552  O O   . GLN A 1 75  ? 8.616   -8.436  5.290   1.00 31.52 ? 75  GLN A O   1 
ATOM   553  C CB  . GLN A 1 75  ? 9.199   -8.445  2.093   1.00 28.92 ? 75  GLN A CB  1 
ATOM   554  C CG  . GLN A 1 75  ? 10.002  -8.997  0.922   1.00 30.83 ? 75  GLN A CG  1 
ATOM   555  C CD  . GLN A 1 75  ? 10.934  -7.961  0.324   1.00 31.05 ? 75  GLN A CD  1 
ATOM   556  O OE1 . GLN A 1 75  ? 10.615  -6.771  0.282   1.00 31.01 ? 75  GLN A OE1 1 
ATOM   557  N NE2 . GLN A 1 75  ? 12.094  -8.408  -0.150  1.00 30.45 ? 75  GLN A NE2 1 
ATOM   558  N N   . ILE A 1 76  ? 6.720   -8.635  4.081   1.00 29.84 ? 76  ILE A N   1 
ATOM   559  C CA  . ILE A 1 76  ? 5.878   -7.977  5.073   1.00 28.57 ? 76  ILE A CA  1 
ATOM   560  C C   . ILE A 1 76  ? 5.741   -8.807  6.346   1.00 28.17 ? 76  ILE A C   1 
ATOM   561  O O   . ILE A 1 76  ? 5.776   -8.262  7.449   1.00 28.03 ? 76  ILE A O   1 
ATOM   562  C CB  . ILE A 1 76  ? 4.478   -7.682  4.490   1.00 29.34 ? 76  ILE A CB  1 
ATOM   563  C CG1 . ILE A 1 76  ? 4.603   -6.681  3.340   1.00 30.95 ? 76  ILE A CG1 1 
ATOM   564  C CG2 . ILE A 1 76  ? 3.566   -7.105  5.562   1.00 30.16 ? 76  ILE A CG2 1 
ATOM   565  C CD1 . ILE A 1 76  ? 3.301   -6.432  2.603   1.00 31.47 ? 76  ILE A CD1 1 
ATOM   566  N N   . GLY A 1 77  ? 5.585   -10.118 6.189   1.00 26.78 ? 77  GLY A N   1 
ATOM   567  C CA  . GLY A 1 77  ? 5.454   -10.991 7.344   1.00 27.81 ? 77  GLY A CA  1 
ATOM   568  C C   . GLY A 1 77  ? 6.634   -10.860 8.286   1.00 27.86 ? 77  GLY A C   1 
ATOM   569  O O   . GLY A 1 77  ? 6.465   -10.552 9.467   1.00 28.76 ? 77  GLY A O   1 
ATOM   570  N N   . PRO A 1 78  ? 7.853   -11.097 7.791   1.00 28.11 ? 78  PRO A N   1 
ATOM   571  C CA  . PRO A 1 78  ? 9.047   -10.989 8.636   1.00 28.76 ? 78  PRO A CA  1 
ATOM   572  C C   . PRO A 1 78  ? 9.207   -9.577  9.195   1.00 28.83 ? 78  PRO A C   1 
ATOM   573  O O   . PRO A 1 78  ? 9.800   -9.379  10.254  1.00 27.11 ? 78  PRO A O   1 
ATOM   574  C CB  . PRO A 1 78  ? 10.176  -11.374 7.683   1.00 28.64 ? 78  PRO A CB  1 
ATOM   575  C CG  . PRO A 1 78  ? 9.512   -12.403 6.806   1.00 30.00 ? 78  PRO A CG  1 
ATOM   576  C CD  . PRO A 1 78  ? 8.176   -11.742 6.506   1.00 28.82 ? 78  PRO A CD  1 
ATOM   577  N N   . LEU A 1 79  ? 8.659   -8.599  8.482   1.00 28.09 ? 79  LEU A N   1 
ATOM   578  C CA  . LEU A 1 79  ? 8.747   -7.213  8.917   1.00 29.61 ? 79  LEU A CA  1 
ATOM   579  C C   . LEU A 1 79  ? 7.847   -7.023  10.134  1.00 29.18 ? 79  LEU A C   1 
ATOM   580  O O   . LEU A 1 79  ? 8.238   -6.399  11.125  1.00 27.54 ? 79  LEU A O   1 
ATOM   581  C CB  . LEU A 1 79  ? 8.313   -6.278  7.786   1.00 30.34 ? 79  LEU A CB  1 
ATOM   582  C CG  . LEU A 1 79  ? 8.740   -4.807  7.884   1.00 33.52 ? 79  LEU A CG  1 
ATOM   583  C CD1 . LEU A 1 79  ? 10.247  -4.707  7.978   1.00 32.77 ? 79  LEU A CD1 1 
ATOM   584  C CD2 . LEU A 1 79  ? 8.257   -4.055  6.654   1.00 34.05 ? 79  LEU A CD2 1 
ATOM   585  N N   . ALA A 1 80  ? 6.639   -7.572  10.060  1.00 29.35 ? 80  ALA A N   1 
ATOM   586  C CA  . ALA A 1 80  ? 5.702   -7.463  11.170  1.00 30.71 ? 80  ALA A CA  1 
ATOM   587  C C   . ALA A 1 80  ? 6.273   -8.152  12.406  1.00 31.64 ? 80  ALA A C   1 
ATOM   588  O O   . ALA A 1 80  ? 6.112   -7.667  13.529  1.00 32.20 ? 80  ALA A O   1 
ATOM   589  C CB  . ALA A 1 80  ? 4.359   -8.089  10.792  1.00 30.09 ? 80  ALA A CB  1 
ATOM   590  N N   . LYS A 1 81  ? 6.943   -9.285  12.199  1.00 31.15 ? 81  LYS A N   1 
ATOM   591  C CA  . LYS A 1 81  ? 7.528   -10.032 13.312  1.00 31.86 ? 81  LYS A CA  1 
ATOM   592  C C   . LYS A 1 81  ? 8.607   -9.213  14.005  1.00 31.30 ? 81  LYS A C   1 
ATOM   593  O O   . LYS A 1 81  ? 8.670   -9.165  15.233  1.00 31.45 ? 81  LYS A O   1 
ATOM   594  C CB  . LYS A 1 81  ? 8.136   -11.351 12.822  1.00 32.87 ? 81  LYS A CB  1 
ATOM   595  C CG  . LYS A 1 81  ? 8.685   -12.237 13.942  1.00 34.89 ? 81  LYS A CG  1 
ATOM   596  C CD  . LYS A 1 81  ? 9.537   -13.388 13.403  1.00 35.68 ? 81  LYS A CD  1 
ATOM   597  C CE  . LYS A 1 81  ? 8.747   -14.344 12.523  1.00 37.85 ? 81  LYS A CE  1 
ATOM   598  N NZ  . LYS A 1 81  ? 7.697   -15.074 13.291  1.00 37.95 ? 81  LYS A NZ  1 
ATOM   599  N N   . PHE A 1 82  ? 9.458   -8.572  13.209  1.00 31.25 ? 82  PHE A N   1 
ATOM   600  C CA  . PHE A 1 82  ? 10.539  -7.754  13.739  1.00 29.77 ? 82  PHE A CA  1 
ATOM   601  C C   . PHE A 1 82  ? 10.026  -6.644  14.654  1.00 28.60 ? 82  PHE A C   1 
ATOM   602  O O   . PHE A 1 82  ? 10.620  -6.369  15.696  1.00 26.75 ? 82  PHE A O   1 
ATOM   603  C CB  . PHE A 1 82  ? 11.338  -7.135  12.590  1.00 29.78 ? 82  PHE A CB  1 
ATOM   604  C CG  . PHE A 1 82  ? 12.517  -6.326  13.043  1.00 29.37 ? 82  PHE A CG  1 
ATOM   605  C CD1 . PHE A 1 82  ? 13.709  -6.947  13.406  1.00 30.55 ? 82  PHE A CD1 1 
ATOM   606  C CD2 . PHE A 1 82  ? 12.440  -4.939  13.105  1.00 28.60 ? 82  PHE A CD2 1 
ATOM   607  C CE1 . PHE A 1 82  ? 14.810  -6.195  13.821  1.00 28.33 ? 82  PHE A CE1 1 
ATOM   608  C CE2 . PHE A 1 82  ? 13.531  -4.179  13.516  1.00 25.02 ? 82  PHE A CE2 1 
ATOM   609  C CZ  . PHE A 1 82  ? 14.719  -4.807  13.875  1.00 27.93 ? 82  PHE A CZ  1 
ATOM   610  N N   . TYR A 1 83  ? 8.934   -5.991  14.259  1.00 28.73 ? 83  TYR A N   1 
ATOM   611  C CA  . TYR A 1 83  ? 8.364   -4.919  15.067  1.00 29.27 ? 83  TYR A CA  1 
ATOM   612  C C   . TYR A 1 83  ? 7.223   -5.415  15.941  1.00 30.30 ? 83  TYR A C   1 
ATOM   613  O O   . TYR A 1 83  ? 6.554   -4.622  16.600  1.00 31.10 ? 83  TYR A O   1 
ATOM   614  C CB  . TYR A 1 83  ? 7.848   -3.776  14.188  1.00 29.25 ? 83  TYR A CB  1 
ATOM   615  C CG  . TYR A 1 83  ? 8.923   -3.078  13.399  1.00 29.07 ? 83  TYR A CG  1 
ATOM   616  C CD1 . TYR A 1 83  ? 9.179   -3.429  12.072  1.00 29.21 ? 83  TYR A CD1 1 
ATOM   617  C CD2 . TYR A 1 83  ? 9.700   -2.077  13.979  1.00 28.11 ? 83  TYR A CD2 1 
ATOM   618  C CE1 . TYR A 1 83  ? 10.191  -2.810  11.348  1.00 29.80 ? 83  TYR A CE1 1 
ATOM   619  C CE2 . TYR A 1 83  ? 10.716  -1.451  13.261  1.00 28.72 ? 83  TYR A CE2 1 
ATOM   620  C CZ  . TYR A 1 83  ? 10.952  -1.821  11.945  1.00 28.52 ? 83  TYR A CZ  1 
ATOM   621  O OH  . TYR A 1 83  ? 11.955  -1.214  11.225  1.00 29.75 ? 83  TYR A OH  1 
ATOM   622  N N   . SER A 1 84  ? 6.995   -6.724  15.944  1.00 29.99 ? 84  SER A N   1 
ATOM   623  C CA  . SER A 1 84  ? 5.926   -7.288  16.754  1.00 32.06 ? 84  SER A CA  1 
ATOM   624  C C   . SER A 1 84  ? 4.628   -6.523  16.540  1.00 30.95 ? 84  SER A C   1 
ATOM   625  O O   . SER A 1 84  ? 4.013   -6.037  17.491  1.00 31.95 ? 84  SER A O   1 
ATOM   626  C CB  . SER A 1 84  ? 6.303   -7.238  18.237  1.00 32.83 ? 84  SER A CB  1 
ATOM   627  O OG  . SER A 1 84  ? 7.466   -8.007  18.488  1.00 35.94 ? 84  SER A OG  1 
ATOM   628  N N   . VAL A 1 85  ? 4.231   -6.394  15.282  1.00 30.52 ? 85  VAL A N   1 
ATOM   629  C CA  . VAL A 1 85  ? 2.998   -5.703  14.950  1.00 30.30 ? 85  VAL A CA  1 
ATOM   630  C C   . VAL A 1 85  ? 1.944   -6.752  14.636  1.00 30.34 ? 85  VAL A C   1 
ATOM   631  O O   . VAL A 1 85  ? 2.148   -7.604  13.765  1.00 30.80 ? 85  VAL A O   1 
ATOM   632  C CB  . VAL A 1 85  ? 3.177   -4.798  13.723  1.00 29.48 ? 85  VAL A CB  1 
ATOM   633  C CG1 . VAL A 1 85  ? 1.856   -4.092  13.395  1.00 28.68 ? 85  VAL A CG1 1 
ATOM   634  C CG2 . VAL A 1 85  ? 4.285   -3.794  13.988  1.00 29.17 ? 85  VAL A CG2 1 
ATOM   635  N N   . ALA A 1 86  ? 0.829   -6.697  15.354  1.00 30.44 ? 86  ALA A N   1 
ATOM   636  C CA  . ALA A 1 86  ? -0.259  -7.638  15.133  1.00 31.32 ? 86  ALA A CA  1 
ATOM   637  C C   . ALA A 1 86  ? -0.898  -7.301  13.792  1.00 31.44 ? 86  ALA A C   1 
ATOM   638  O O   . ALA A 1 86  ? -1.004  -6.133  13.432  1.00 31.79 ? 86  ALA A O   1 
ATOM   639  C CB  . ALA A 1 86  ? -1.297  -7.523  16.253  1.00 30.77 ? 86  ALA A CB  1 
ATOM   640  N N   . PRO A 1 87  ? -1.341  -8.321  13.042  1.00 32.71 ? 87  PRO A N   1 
ATOM   641  C CA  . PRO A 1 87  ? -1.971  -8.099  11.735  1.00 32.49 ? 87  PRO A CA  1 
ATOM   642  C C   . PRO A 1 87  ? -2.975  -6.938  11.744  1.00 32.97 ? 87  PRO A C   1 
ATOM   643  O O   . PRO A 1 87  ? -3.006  -6.126  10.818  1.00 31.77 ? 87  PRO A O   1 
ATOM   644  C CB  . PRO A 1 87  ? -2.640  -9.440  11.452  1.00 31.28 ? 87  PRO A CB  1 
ATOM   645  C CG  . PRO A 1 87  ? -1.683  -10.413 12.072  1.00 31.55 ? 87  PRO A CG  1 
ATOM   646  C CD  . PRO A 1 87  ? -1.379  -9.751  13.403  1.00 32.16 ? 87  PRO A CD  1 
ATOM   647  N N   . ALA A 1 88  ? -3.786  -6.866  12.799  1.00 31.58 ? 88  ALA A N   1 
ATOM   648  C CA  . ALA A 1 88  ? -4.796  -5.819  12.931  1.00 32.06 ? 88  ALA A CA  1 
ATOM   649  C C   . ALA A 1 88  ? -4.212  -4.403  12.924  1.00 30.67 ? 88  ALA A C   1 
ATOM   650  O O   . ALA A 1 88  ? -4.898  -3.448  12.561  1.00 31.77 ? 88  ALA A O   1 
ATOM   651  C CB  . ALA A 1 88  ? -5.605  -6.041  14.208  1.00 31.63 ? 88  ALA A CB  1 
ATOM   652  N N   . ASN A 1 89  ? -2.955  -4.266  13.334  1.00 30.04 ? 89  ASN A N   1 
ATOM   653  C CA  . ASN A 1 89  ? -2.308  -2.957  13.359  1.00 28.86 ? 89  ASN A CA  1 
ATOM   654  C C   . ASN A 1 89  ? -1.494  -2.705  12.093  1.00 27.79 ? 89  ASN A C   1 
ATOM   655  O O   . ASN A 1 89  ? -0.670  -1.781  12.028  1.00 23.67 ? 89  ASN A O   1 
ATOM   656  C CB  . ASN A 1 89  ? -1.420  -2.822  14.605  1.00 31.13 ? 89  ASN A CB  1 
ATOM   657  C CG  . ASN A 1 89  ? -2.229  -2.608  15.876  1.00 31.79 ? 89  ASN A CG  1 
ATOM   658  O OD1 . ASN A 1 89  ? -3.151  -1.794  15.901  1.00 30.56 ? 89  ASN A OD1 1 
ATOM   659  N ND2 . ASN A 1 89  ? -1.881  -3.331  16.937  1.00 33.94 ? 89  ASN A ND2 1 
ATOM   660  N N   . ILE A 1 90  ? -1.724  -3.547  11.090  1.00 26.62 ? 90  ILE A N   1 
ATOM   661  C CA  . ILE A 1 90  ? -1.066  -3.406  9.797   1.00 24.12 ? 90  ILE A CA  1 
ATOM   662  C C   . ILE A 1 90  ? -2.065  -2.772  8.829   1.00 23.02 ? 90  ILE A C   1 
ATOM   663  O O   . ILE A 1 90  ? -3.214  -3.219  8.713   1.00 21.36 ? 90  ILE A O   1 
ATOM   664  C CB  . ILE A 1 90  ? -0.620  -4.765  9.224   1.00 23.64 ? 90  ILE A CB  1 
ATOM   665  C CG1 . ILE A 1 90  ? 0.288   -5.477  10.231  1.00 22.31 ? 90  ILE A CG1 1 
ATOM   666  C CG2 . ILE A 1 90  ? 0.118   -4.552  7.898   1.00 25.58 ? 90  ILE A CG2 1 
ATOM   667  C CD1 . ILE A 1 90  ? 0.828   -6.798  9.746   1.00 21.15 ? 90  ILE A CD1 1 
ATOM   668  N N   . ILE A 1 91  ? -1.623  -1.713  8.161   1.00 21.93 ? 91  ILE A N   1 
ATOM   669  C CA  . ILE A 1 91  ? -2.439  -0.998  7.192   1.00 21.37 ? 91  ILE A CA  1 
ATOM   670  C C   . ILE A 1 91  ? -1.750  -1.047  5.829   1.00 22.57 ? 91  ILE A C   1 
ATOM   671  O O   . ILE A 1 91  ? -0.651  -0.520  5.669   1.00 24.03 ? 91  ILE A O   1 
ATOM   672  C CB  . ILE A 1 91  ? -2.591  0.486   7.585   1.00 21.58 ? 91  ILE A CB  1 
ATOM   673  C CG1 . ILE A 1 91  ? -3.323  0.601   8.917   1.00 22.39 ? 91  ILE A CG1 1 
ATOM   674  C CG2 . ILE A 1 91  ? -3.345  1.246   6.498   1.00 20.60 ? 91  ILE A CG2 1 
ATOM   675  C CD1 . ILE A 1 91  ? -3.346  2.023   9.461   1.00 25.53 ? 91  ILE A CD1 1 
ATOM   676  N N   . VAL A 1 92  ? -2.376  -1.676  4.841   1.00 21.83 ? 92  VAL A N   1 
ATOM   677  C CA  . VAL A 1 92  ? -1.748  -1.705  3.533   1.00 21.60 ? 92  VAL A CA  1 
ATOM   678  C C   . VAL A 1 92  ? -2.544  -0.887  2.515   1.00 21.87 ? 92  VAL A C   1 
ATOM   679  O O   . VAL A 1 92  ? -3.774  -1.004  2.385   1.00 20.73 ? 92  VAL A O   1 
ATOM   680  C CB  . VAL A 1 92  ? -1.466  -3.173  3.047   1.00 22.72 ? 92  VAL A CB  1 
ATOM   681  C CG1 . VAL A 1 92  ? -1.839  -4.156  4.130   1.00 21.06 ? 92  VAL A CG1 1 
ATOM   682  C CG2 . VAL A 1 92  ? -2.155  -3.472  1.734   1.00 21.75 ? 92  VAL A CG2 1 
ATOM   683  N N   . ILE A 1 93  ? -1.808  -0.017  1.834   1.00 19.74 ? 93  ILE A N   1 
ATOM   684  C CA  . ILE A 1 93  ? -2.344  0.876   0.827   1.00 19.29 ? 93  ILE A CA  1 
ATOM   685  C C   . ILE A 1 93  ? -2.201  0.211   -0.537  1.00 20.09 ? 93  ILE A C   1 
ATOM   686  O O   . ILE A 1 93  ? -1.102  -0.201  -0.933  1.00 18.24 ? 93  ILE A O   1 
ATOM   687  C CB  . ILE A 1 93  ? -1.564  2.218   0.839   1.00 19.54 ? 93  ILE A CB  1 
ATOM   688  C CG1 . ILE A 1 93  ? -1.511  2.763   2.269   1.00 21.04 ? 93  ILE A CG1 1 
ATOM   689  C CG2 . ILE A 1 93  ? -2.227  3.224   -0.096  1.00 15.80 ? 93  ILE A CG2 1 
ATOM   690  C CD1 . ILE A 1 93  ? -0.609  3.959   2.444   1.00 24.88 ? 93  ILE A CD1 1 
ATOM   691  N N   . HIS A 1 94  ? -3.311  0.100   -1.260  1.00 20.07 ? 94  HIS A N   1 
ATOM   692  C CA  . HIS A 1 94  ? -3.271  -0.542  -2.564  1.00 20.61 ? 94  HIS A CA  1 
ATOM   693  C C   . HIS A 1 94  ? -4.292  0.009   -3.545  1.00 21.98 ? 94  HIS A C   1 
ATOM   694  O O   . HIS A 1 94  ? -5.305  0.604   -3.153  1.00 20.12 ? 94  HIS A O   1 
ATOM   695  C CB  . HIS A 1 94  ? -3.517  -2.047  -2.413  1.00 21.51 ? 94  HIS A CB  1 
ATOM   696  C CG  . HIS A 1 94  ? -4.898  -2.382  -1.947  1.00 21.75 ? 94  HIS A CG  1 
ATOM   697  N ND1 . HIS A 1 94  ? -5.258  -2.401  -0.616  1.00 24.66 ? 94  HIS A ND1 1 
ATOM   698  C CD2 . HIS A 1 94  ? -6.032  -2.654  -2.641  1.00 22.48 ? 94  HIS A CD2 1 
ATOM   699  C CE1 . HIS A 1 94  ? -6.542  -2.667  -0.506  1.00 24.35 ? 94  HIS A CE1 1 
ATOM   700  N NE2 . HIS A 1 94  ? -7.041  -2.826  -1.724  1.00 24.78 ? 94  HIS A NE2 1 
ATOM   701  N N   . ASP A 1 95  ? -4.008  -0.194  -4.828  1.00 21.85 ? 95  ASP A N   1 
ATOM   702  C CA  . ASP A 1 95  ? -4.901  0.221   -5.899  1.00 22.26 ? 95  ASP A CA  1 
ATOM   703  C C   . ASP A 1 95  ? -6.047  -0.793  -5.862  1.00 23.49 ? 95  ASP A C   1 
ATOM   704  O O   . ASP A 1 95  ? -5.833  -1.949  -5.484  1.00 24.53 ? 95  ASP A O   1 
ATOM   705  C CB  . ASP A 1 95  ? -4.168  0.150   -7.238  1.00 20.15 ? 95  ASP A CB  1 
ATOM   706  C CG  . ASP A 1 95  ? -3.472  -1.181  -7.450  1.00 20.46 ? 95  ASP A CG  1 
ATOM   707  O OD1 . ASP A 1 95  ? -2.660  -1.572  -6.589  1.00 22.34 ? 95  ASP A OD1 1 
ATOM   708  O OD2 . ASP A 1 95  ? -3.724  -1.838  -8.481  1.00 21.49 ? 95  ASP A OD2 1 
ATOM   709  N N   . ASP A 1 96  ? -7.250  -0.377  -6.246  1.00 22.80 ? 96  ASP A N   1 
ATOM   710  C CA  . ASP A 1 96  ? -8.396  -1.286  -6.211  1.00 23.91 ? 96  ASP A CA  1 
ATOM   711  C C   . ASP A 1 96  ? -9.273  -1.213  -7.463  1.00 25.17 ? 96  ASP A C   1 
ATOM   712  O O   . ASP A 1 96  ? -9.834  -0.165  -7.787  1.00 23.74 ? 96  ASP A O   1 
ATOM   713  C CB  . ASP A 1 96  ? -9.246  -0.989  -4.977  1.00 25.26 ? 96  ASP A CB  1 
ATOM   714  C CG  . ASP A 1 96  ? -10.225 -2.106  -4.658  1.00 27.97 ? 96  ASP A CG  1 
ATOM   715  O OD1 . ASP A 1 96  ? -10.998 -2.491  -5.557  1.00 29.28 ? 96  ASP A OD1 1 
ATOM   716  O OD2 . ASP A 1 96  ? -10.218 -2.592  -3.508  1.00 29.29 ? 96  ASP A OD2 1 
ATOM   717  N N   . LEU A 1 97  ? -9.388  -2.345  -8.152  1.00 27.22 ? 97  LEU A N   1 
ATOM   718  C CA  . LEU A 1 97  ? -10.190 -2.453  -9.372  1.00 29.00 ? 97  LEU A CA  1 
ATOM   719  C C   . LEU A 1 97  ? -11.697 -2.413  -9.134  1.00 30.07 ? 97  LEU A C   1 
ATOM   720  O O   . LEU A 1 97  ? -12.466 -2.098  -10.045 1.00 30.56 ? 97  LEU A O   1 
ATOM   721  C CB  . LEU A 1 97  ? -9.854  -3.753  -10.101 1.00 29.23 ? 97  LEU A CB  1 
ATOM   722  C CG  . LEU A 1 97  ? -8.447  -3.867  -10.678 1.00 29.41 ? 97  LEU A CG  1 
ATOM   723  C CD1 . LEU A 1 97  ? -8.165  -5.297  -11.077 1.00 28.87 ? 97  LEU A CD1 1 
ATOM   724  C CD2 . LEU A 1 97  ? -8.325  -2.932  -11.867 1.00 29.96 ? 97  LEU A CD2 1 
ATOM   725  N N   . ASP A 1 98  ? -12.121 -2.745  -7.917  1.00 31.42 ? 98  ASP A N   1 
ATOM   726  C CA  . ASP A 1 98  ? -13.544 -2.765  -7.595  1.00 32.79 ? 98  ASP A CA  1 
ATOM   727  C C   . ASP A 1 98  ? -14.122 -1.413  -7.189  1.00 32.36 ? 98  ASP A C   1 
ATOM   728  O O   . ASP A 1 98  ? -15.289 -1.331  -6.801  1.00 31.30 ? 98  ASP A O   1 
ATOM   729  C CB  . ASP A 1 98  ? -13.823 -3.787  -6.486  1.00 34.35 ? 98  ASP A CB  1 
ATOM   730  C CG  . ASP A 1 98  ? -13.491 -5.204  -6.902  1.00 37.13 ? 98  ASP A CG  1 
ATOM   731  O OD1 . ASP A 1 98  ? -13.828 -5.573  -8.046  1.00 37.80 ? 98  ASP A OD1 1 
ATOM   732  O OD2 . ASP A 1 98  ? -12.908 -5.950  -6.084  1.00 39.57 ? 98  ASP A OD2 1 
ATOM   733  N N   . LEU A 1 99  ? -13.311 -0.364  -7.274  1.00 31.06 ? 99  LEU A N   1 
ATOM   734  C CA  . LEU A 1 99  ? -13.754 0.980   -6.920  1.00 31.57 ? 99  LEU A CA  1 
ATOM   735  C C   . LEU A 1 99  ? -13.515 1.928   -8.082  1.00 32.00 ? 99  LEU A C   1 
ATOM   736  O O   . LEU A 1 99  ? -12.517 1.800   -8.803  1.00 31.60 ? 99  LEU A O   1 
ATOM   737  C CB  . LEU A 1 99  ? -12.994 1.492   -5.689  1.00 33.14 ? 99  LEU A CB  1 
ATOM   738  C CG  . LEU A 1 99  ? -13.536 1.209   -4.285  1.00 35.69 ? 99  LEU A CG  1 
ATOM   739  C CD1 . LEU A 1 99  ? -13.989 -0.227  -4.179  1.00 39.36 ? 99  LEU A CD1 1 
ATOM   740  C CD2 . LEU A 1 99  ? -12.468 1.517   -3.248  1.00 32.88 ? 99  LEU A CD2 1 
ATOM   741  N N   . GLU A 1 100 ? -14.425 2.881   -8.262  1.00 30.91 ? 100 GLU A N   1 
ATOM   742  C CA  . GLU A 1 100 ? -14.294 3.850   -9.336  1.00 31.89 ? 100 GLU A CA  1 
ATOM   743  C C   . GLU A 1 100 ? -12.993 4.621   -9.187  1.00 30.52 ? 100 GLU A C   1 
ATOM   744  O O   . GLU A 1 100 ? -12.509 4.847   -8.073  1.00 29.68 ? 100 GLU A O   1 
ATOM   745  C CB  . GLU A 1 100 ? -15.461 4.838   -9.326  1.00 35.80 ? 100 GLU A CB  1 
ATOM   746  C CG  . GLU A 1 100 ? -16.822 4.195   -9.494  1.00 42.67 ? 100 GLU A CG  1 
ATOM   747  C CD  . GLU A 1 100 ? -17.924 5.213   -9.743  1.00 46.04 ? 100 GLU A CD  1 
ATOM   748  O OE1 . GLU A 1 100 ? -17.960 6.246   -9.038  1.00 48.50 ? 100 GLU A OE1 1 
ATOM   749  O OE2 . GLU A 1 100 ? -18.759 4.972   -10.642 1.00 48.97 ? 100 GLU A OE2 1 
ATOM   750  N N   . PHE A 1 101 ? -12.434 5.025   -10.322 1.00 28.34 ? 101 PHE A N   1 
ATOM   751  C CA  . PHE A 1 101 ? -11.193 5.783   -10.353 1.00 27.57 ? 101 PHE A CA  1 
ATOM   752  C C   . PHE A 1 101 ? -11.252 6.956   -9.379  1.00 27.51 ? 101 PHE A C   1 
ATOM   753  O O   . PHE A 1 101 ? -12.135 7.809   -9.478  1.00 26.00 ? 101 PHE A O   1 
ATOM   754  C CB  . PHE A 1 101 ? -10.943 6.301   -11.771 1.00 26.27 ? 101 PHE A CB  1 
ATOM   755  C CG  . PHE A 1 101 ? -9.758  7.208   -11.886 1.00 26.29 ? 101 PHE A CG  1 
ATOM   756  C CD1 . PHE A 1 101 ? -8.463  6.699   -11.848 1.00 25.11 ? 101 PHE A CD1 1 
ATOM   757  C CD2 . PHE A 1 101 ? -9.933  8.581   -12.011 1.00 27.50 ? 101 PHE A CD2 1 
ATOM   758  C CE1 . PHE A 1 101 ? -7.360  7.542   -11.924 1.00 24.35 ? 101 PHE A CE1 1 
ATOM   759  C CE2 . PHE A 1 101 ? -8.827  9.441   -12.086 1.00 25.52 ? 101 PHE A CE2 1 
ATOM   760  C CZ  . PHE A 1 101 ? -7.540  8.913   -12.047 1.00 27.15 ? 101 PHE A CZ  1 
ATOM   761  N N   . GLY A 1 102 ? -10.315 6.982   -8.433  1.00 25.51 ? 102 GLY A N   1 
ATOM   762  C CA  . GLY A 1 102 ? -10.253 8.066   -7.466  1.00 27.12 ? 102 GLY A CA  1 
ATOM   763  C C   . GLY A 1 102 ? -11.012 7.892   -6.159  1.00 28.36 ? 102 GLY A C   1 
ATOM   764  O O   . GLY A 1 102 ? -10.808 8.669   -5.222  1.00 28.35 ? 102 GLY A O   1 
ATOM   765  N N   . ARG A 1 103 ? -11.890 6.898   -6.083  1.00 27.36 ? 103 ARG A N   1 
ATOM   766  C CA  . ARG A 1 103 ? -12.642 6.678   -4.854  1.00 29.30 ? 103 ARG A CA  1 
ATOM   767  C C   . ARG A 1 103 ? -11.800 5.923   -3.829  1.00 28.56 ? 103 ARG A C   1 
ATOM   768  O O   . ARG A 1 103 ? -11.257 4.850   -4.114  1.00 29.00 ? 103 ARG A O   1 
ATOM   769  C CB  . ARG A 1 103 ? -13.933 5.909   -5.138  1.00 32.06 ? 103 ARG A CB  1 
ATOM   770  C CG  . ARG A 1 103 ? -14.717 5.553   -3.876  1.00 39.02 ? 103 ARG A CG  1 
ATOM   771  C CD  . ARG A 1 103 ? -16.214 5.763   -4.073  1.00 46.48 ? 103 ARG A CD  1 
ATOM   772  N NE  . ARG A 1 103 ? -16.794 4.865   -5.071  1.00 53.00 ? 103 ARG A NE  1 
ATOM   773  C CZ  . ARG A 1 103 ? -18.018 5.007   -5.579  1.00 56.59 ? 103 ARG A CZ  1 
ATOM   774  N NH1 . ARG A 1 103 ? -18.472 4.146   -6.480  1.00 57.84 ? 103 ARG A NH1 1 
ATOM   775  N NH2 . ARG A 1 103 ? -18.786 6.020   -5.193  1.00 56.84 ? 103 ARG A NH2 1 
ATOM   776  N N   . ILE A 1 104 ? -11.704 6.489   -2.634  1.00 27.33 ? 104 ILE A N   1 
ATOM   777  C CA  . ILE A 1 104 ? -10.917 5.889   -1.561  1.00 26.67 ? 104 ILE A CA  1 
ATOM   778  C C   . ILE A 1 104 ? -11.826 5.329   -0.469  1.00 27.38 ? 104 ILE A C   1 
ATOM   779  O O   . ILE A 1 104 ? -12.743 6.009   -0.015  1.00 26.03 ? 104 ILE A O   1 
ATOM   780  C CB  . ILE A 1 104 ? -9.962  6.945   -0.949  1.00 24.46 ? 104 ILE A CB  1 
ATOM   781  C CG1 . ILE A 1 104 ? -9.085  7.545   -2.056  1.00 25.07 ? 104 ILE A CG1 1 
ATOM   782  C CG2 . ILE A 1 104 ? -9.095  6.311   0.133   1.00 22.62 ? 104 ILE A CG2 1 
ATOM   783  C CD1 . ILE A 1 104 ? -8.204  8.713   -1.613  1.00 25.98 ? 104 ILE A CD1 1 
ATOM   784  N N   . ARG A 1 105 ? -11.580 4.087   -0.056  1.00 28.30 ? 105 ARG A N   1 
ATOM   785  C CA  . ARG A 1 105 ? -12.375 3.463   1.000   1.00 29.73 ? 105 ARG A CA  1 
ATOM   786  C C   . ARG A 1 105 ? -11.488 2.682   1.965   1.00 30.48 ? 105 ARG A C   1 
ATOM   787  O O   . ARG A 1 105 ? -10.408 2.208   1.592   1.00 30.54 ? 105 ARG A O   1 
ATOM   788  C CB  . ARG A 1 105 ? -13.440 2.541   0.399   1.00 31.25 ? 105 ARG A CB  1 
ATOM   789  C CG  . ARG A 1 105 ? -14.565 3.284   -0.336  1.00 36.53 ? 105 ARG A CG  1 
ATOM   790  C CD  . ARG A 1 105 ? -15.360 4.165   0.628   1.00 40.47 ? 105 ARG A CD  1 
ATOM   791  N NE  . ARG A 1 105 ? -16.428 4.933   -0.017  1.00 45.54 ? 105 ARG A NE  1 
ATOM   792  C CZ  . ARG A 1 105 ? -16.244 6.028   -0.752  1.00 48.55 ? 105 ARG A CZ  1 
ATOM   793  N NH1 . ARG A 1 105 ? -15.023 6.510   -0.952  1.00 49.27 ? 105 ARG A NH1 1 
ATOM   794  N NH2 . ARG A 1 105 ? -17.288 6.658   -1.279  1.00 49.63 ? 105 ARG A NH2 1 
ATOM   795  N N   . LEU A 1 106 ? -11.942 2.564   3.208   1.00 29.24 ? 106 LEU A N   1 
ATOM   796  C CA  . LEU A 1 106 ? -11.199 1.854   4.243   1.00 28.43 ? 106 LEU A CA  1 
ATOM   797  C C   . LEU A 1 106 ? -11.878 0.525   4.538   1.00 29.93 ? 106 LEU A C   1 
ATOM   798  O O   . LEU A 1 106 ? -13.086 0.385   4.350   1.00 30.00 ? 106 LEU A O   1 
ATOM   799  C CB  . LEU A 1 106 ? -11.140 2.703   5.509   1.00 28.16 ? 106 LEU A CB  1 
ATOM   800  C CG  . LEU A 1 106 ? -10.675 4.137   5.249   1.00 26.34 ? 106 LEU A CG  1 
ATOM   801  C CD1 . LEU A 1 106 ? -10.721 4.912   6.539   1.00 29.82 ? 106 LEU A CD1 1 
ATOM   802  C CD2 . LEU A 1 106 ? -9.270  4.130   4.665   1.00 22.97 ? 106 LEU A CD2 1 
ATOM   803  N N   . LYS A 1 107 ? -11.113 -0.445  5.018   1.00 30.59 ? 107 LYS A N   1 
ATOM   804  C CA  . LYS A 1 107 ? -11.692 -1.747  5.284   1.00 33.44 ? 107 LYS A CA  1 
ATOM   805  C C   . LYS A 1 107 ? -10.737 -2.668  6.026   1.00 34.42 ? 107 LYS A C   1 
ATOM   806  O O   . LYS A 1 107 ? -9.521  -2.599  5.855   1.00 33.47 ? 107 LYS A O   1 
ATOM   807  C CB  . LYS A 1 107 ? -12.122 -2.334  3.938   1.00 35.10 ? 107 LYS A CB  1 
ATOM   808  C CG  . LYS A 1 107 ? -12.180 -3.832  3.790   1.00 37.35 ? 107 LYS A CG  1 
ATOM   809  C CD  . LYS A 1 107 ? -12.578 -4.129  2.344   1.00 38.19 ? 107 LYS A CD  1 
ATOM   810  C CE  . LYS A 1 107 ? -12.424 -5.582  1.971   1.00 39.92 ? 107 LYS A CE  1 
ATOM   811  N NZ  . LYS A 1 107 ? -12.884 -5.793  0.573   1.00 44.00 ? 107 LYS A NZ  1 
ATOM   812  N N   . ILE A 1 108 ? -11.298 -3.511  6.883   1.00 34.83 ? 108 ILE A N   1 
ATOM   813  C CA  . ILE A 1 108 ? -10.498 -4.457  7.638   1.00 35.60 ? 108 ILE A CA  1 
ATOM   814  C C   . ILE A 1 108 ? -10.979 -5.829  7.208   1.00 35.86 ? 108 ILE A C   1 
ATOM   815  O O   . ILE A 1 108 ? -12.170 -6.125  7.299   1.00 36.55 ? 108 ILE A O   1 
ATOM   816  C CB  . ILE A 1 108 ? -10.689 -4.281  9.164   1.00 36.74 ? 108 ILE A CB  1 
ATOM   817  C CG1 . ILE A 1 108 ? -9.946  -5.386  9.916   1.00 38.14 ? 108 ILE A CG1 1 
ATOM   818  C CG2 . ILE A 1 108 ? -12.165 -4.308  9.518   1.00 38.99 ? 108 ILE A CG2 1 
ATOM   819  C CD1 . ILE A 1 108 ? -8.453  -5.368  9.717   1.00 37.46 ? 108 ILE A CD1 1 
ATOM   820  N N   . GLY A 1 109 ? -10.059 -6.652  6.719   1.00 34.72 ? 109 GLY A N   1 
ATOM   821  C CA  . GLY A 1 109 ? -10.437 -7.976  6.266   1.00 34.85 ? 109 GLY A CA  1 
ATOM   822  C C   . GLY A 1 109 ? -11.178 -7.890  4.945   1.00 34.51 ? 109 GLY A C   1 
ATOM   823  O O   . GLY A 1 109 ? -11.053 -6.902  4.223   1.00 35.47 ? 109 GLY A O   1 
ATOM   824  N N   . GLY A 1 110 ? -11.963 -8.909  4.628   1.00 35.00 ? 110 GLY A N   1 
ATOM   825  C CA  . GLY A 1 110 ? -12.682 -8.897  3.364   1.00 34.85 ? 110 GLY A CA  1 
ATOM   826  C C   . GLY A 1 110 ? -11.836 -9.554  2.293   1.00 35.24 ? 110 GLY A C   1 
ATOM   827  O O   . GLY A 1 110 ? -10.782 -10.124 2.598   1.00 36.33 ? 110 GLY A O   1 
ATOM   828  N N   . GLY A 1 111 ? -12.281 -9.477  1.043   1.00 35.12 ? 111 GLY A N   1 
ATOM   829  C CA  . GLY A 1 111 ? -11.546 -10.097 -0.047  1.00 36.28 ? 111 GLY A CA  1 
ATOM   830  C C   . GLY A 1 111 ? -10.365 -9.302  -0.573  1.00 37.11 ? 111 GLY A C   1 
ATOM   831  O O   . GLY A 1 111 ? -10.147 -8.161  -0.167  1.00 36.46 ? 111 GLY A O   1 
ATOM   832  N N   . GLU A 1 112 ? -9.614  -9.913  -1.492  1.00 37.84 ? 112 GLU A N   1 
ATOM   833  C CA  . GLU A 1 112 ? -8.439  -9.292  -2.101  1.00 38.64 ? 112 GLU A CA  1 
ATOM   834  C C   . GLU A 1 112 ? -8.755  -8.454  -3.339  1.00 38.54 ? 112 GLU A C   1 
ATOM   835  O O   . GLU A 1 112 ? -7.891  -7.730  -3.843  1.00 38.21 ? 112 GLU A O   1 
ATOM   836  C CB  . GLU A 1 112 ? -7.413  -10.359 -2.500  1.00 41.00 ? 112 GLU A CB  1 
ATOM   837  C CG  . GLU A 1 112 ? -6.695  -11.044 -1.348  1.00 44.96 ? 112 GLU A CG  1 
ATOM   838  C CD  . GLU A 1 112 ? -7.446  -12.240 -0.805  1.00 47.99 ? 112 GLU A CD  1 
ATOM   839  O OE1 . GLU A 1 112 ? -8.528  -12.056 -0.205  1.00 50.44 ? 112 GLU A OE1 1 
ATOM   840  O OE2 . GLU A 1 112 ? -6.947  -13.372 -0.985  1.00 49.91 ? 112 GLU A OE2 1 
ATOM   841  N N   . GLY A 1 113 ? -9.981  -8.560  -3.837  1.00 38.35 ? 113 GLY A N   1 
ATOM   842  C CA  . GLY A 1 113 ? -10.353 -7.800  -5.016  1.00 37.33 ? 113 GLY A CA  1 
ATOM   843  C C   . GLY A 1 113 ? -9.540  -8.200  -6.234  1.00 37.23 ? 113 GLY A C   1 
ATOM   844  O O   . GLY A 1 113 ? -9.440  -7.444  -7.198  1.00 38.56 ? 113 GLY A O   1 
ATOM   845  N N   . GLY A 1 114 ? -8.958  -9.391  -6.190  1.00 36.82 ? 114 GLY A N   1 
ATOM   846  C CA  . GLY A 1 114 ? -8.163  -9.866  -7.310  1.00 37.40 ? 114 GLY A CA  1 
ATOM   847  C C   . GLY A 1 114 ? -6.748  -9.316  -7.337  1.00 37.40 ? 114 GLY A C   1 
ATOM   848  O O   . GLY A 1 114 ? -6.004  -9.540  -8.290  1.00 38.81 ? 114 GLY A O   1 
ATOM   849  N N   . HIS A 1 115 ? -6.368  -8.593  -6.288  1.00 35.65 ? 115 HIS A N   1 
ATOM   850  C CA  . HIS A 1 115 ? -5.031  -8.010  -6.204  1.00 33.29 ? 115 HIS A CA  1 
ATOM   851  C C   . HIS A 1 115 ? -4.019  -9.079  -5.784  1.00 33.33 ? 115 HIS A C   1 
ATOM   852  O O   . HIS A 1 115 ? -4.103  -9.615  -4.678  1.00 32.59 ? 115 HIS A O   1 
ATOM   853  C CB  . HIS A 1 115 ? -5.036  -6.869  -5.187  1.00 32.50 ? 115 HIS A CB  1 
ATOM   854  C CG  . HIS A 1 115 ? -3.806  -6.020  -5.230  1.00 30.23 ? 115 HIS A CG  1 
ATOM   855  N ND1 . HIS A 1 115 ? -3.818  -4.711  -5.657  1.00 28.66 ? 115 HIS A ND1 1 
ATOM   856  C CD2 . HIS A 1 115 ? -2.521  -6.303  -4.916  1.00 28.17 ? 115 HIS A CD2 1 
ATOM   857  C CE1 . HIS A 1 115 ? -2.597  -4.221  -5.603  1.00 29.28 ? 115 HIS A CE1 1 
ATOM   858  N NE2 . HIS A 1 115 ? -1.785  -5.168  -5.157  1.00 30.16 ? 115 HIS A NE2 1 
ATOM   859  N N   . ASN A 1 116 ? -3.056  -9.381  -6.654  1.00 33.66 ? 116 ASN A N   1 
ATOM   860  C CA  . ASN A 1 116 ? -2.065  -10.408 -6.343  1.00 33.97 ? 116 ASN A CA  1 
ATOM   861  C C   . ASN A 1 116 ? -1.178  -10.075 -5.139  1.00 34.92 ? 116 ASN A C   1 
ATOM   862  O O   . ASN A 1 116 ? -0.660  -10.980 -4.475  1.00 34.93 ? 116 ASN A O   1 
ATOM   863  C CB  . ASN A 1 116 ? -1.212  -10.727 -7.590  1.00 35.67 ? 116 ASN A CB  1 
ATOM   864  C CG  . ASN A 1 116 ? -0.382  -9.537  -8.073  1.00 39.65 ? 116 ASN A CG  1 
ATOM   865  O OD1 . ASN A 1 116 ? -0.846  -8.394  -8.080  1.00 39.45 ? 116 ASN A OD1 1 
ATOM   866  N ND2 . ASN A 1 116 ? 0.851   -9.812  -8.502  1.00 37.25 ? 116 ASN A ND2 1 
ATOM   867  N N   . GLY A 1 117 ? -1.019  -8.785  -4.845  1.00 32.33 ? 117 GLY A N   1 
ATOM   868  C CA  . GLY A 1 117 ? -0.207  -8.375  -3.713  1.00 31.19 ? 117 GLY A CA  1 
ATOM   869  C C   . GLY A 1 117 ? -0.914  -8.670  -2.400  1.00 30.62 ? 117 GLY A C   1 
ATOM   870  O O   . GLY A 1 117 ? -0.311  -9.185  -1.460  1.00 29.48 ? 117 GLY A O   1 
ATOM   871  N N   . LEU A 1 118 ? -2.200  -8.337  -2.340  1.00 30.63 ? 118 LEU A N   1 
ATOM   872  C CA  . LEU A 1 118 ? -3.008  -8.574  -1.148  1.00 30.72 ? 118 LEU A CA  1 
ATOM   873  C C   . LEU A 1 118 ? -3.079  -10.068 -0.886  1.00 30.92 ? 118 LEU A C   1 
ATOM   874  O O   . LEU A 1 118 ? -3.007  -10.525 0.258   1.00 28.56 ? 118 LEU A O   1 
ATOM   875  C CB  . LEU A 1 118 ? -4.424  -8.033  -1.345  1.00 29.20 ? 118 LEU A CB  1 
ATOM   876  C CG  . LEU A 1 118 ? -4.611  -6.520  -1.276  1.00 28.35 ? 118 LEU A CG  1 
ATOM   877  C CD1 . LEU A 1 118 ? -6.080  -6.174  -1.525  1.00 28.09 ? 118 LEU A CD1 1 
ATOM   878  C CD2 . LEU A 1 118 ? -4.158  -6.026  0.092   1.00 26.42 ? 118 LEU A CD2 1 
ATOM   879  N N   . ARG A 1 119 ? -3.231  -10.820 -1.967  1.00 31.74 ? 119 ARG A N   1 
ATOM   880  C CA  . ARG A 1 119 ? -3.302  -12.265 -1.888  1.00 32.65 ? 119 ARG A CA  1 
ATOM   881  C C   . ARG A 1 119 ? -2.045  -12.758 -1.168  1.00 30.16 ? 119 ARG A C   1 
ATOM   882  O O   . ARG A 1 119 ? -2.119  -13.574 -0.249  1.00 30.03 ? 119 ARG A O   1 
ATOM   883  C CB  . ARG A 1 119 ? -3.397  -12.847 -3.302  1.00 35.29 ? 119 ARG A CB  1 
ATOM   884  C CG  . ARG A 1 119 ? -4.251  -14.102 -3.385  1.00 42.91 ? 119 ARG A CG  1 
ATOM   885  C CD  . ARG A 1 119 ? -4.877  -14.291 -4.774  1.00 47.30 ? 119 ARG A CD  1 
ATOM   886  N NE  . ARG A 1 119 ? -3.883  -14.499 -5.826  1.00 52.17 ? 119 ARG A NE  1 
ATOM   887  C CZ  . ARG A 1 119 ? -2.909  -15.401 -5.766  1.00 53.81 ? 119 ARG A CZ  1 
ATOM   888  N NH1 . ARG A 1 119 ? -2.058  -15.525 -6.773  1.00 54.27 ? 119 ARG A NH1 1 
ATOM   889  N NH2 . ARG A 1 119 ? -2.780  -16.179 -4.696  1.00 54.62 ? 119 ARG A NH2 1 
ATOM   890  N N   . SER A 1 120 ? -0.899  -12.224 -1.582  1.00 29.49 ? 120 SER A N   1 
ATOM   891  C CA  . SER A 1 120 ? 0.397   -12.566 -1.007  1.00 28.95 ? 120 SER A CA  1 
ATOM   892  C C   . SER A 1 120 ? 0.474   -12.201 0.481   1.00 29.86 ? 120 SER A C   1 
ATOM   893  O O   . SER A 1 120 ? 0.944   -12.990 1.300   1.00 31.14 ? 120 SER A O   1 
ATOM   894  C CB  . SER A 1 120 ? 1.495   -11.839 -1.780  1.00 28.85 ? 120 SER A CB  1 
ATOM   895  O OG  . SER A 1 120 ? 2.778   -12.232 -1.346  1.00 29.82 ? 120 SER A OG  1 
ATOM   896  N N   . VAL A 1 121 ? 0.005   -11.006 0.827   1.00 28.27 ? 121 VAL A N   1 
ATOM   897  C CA  . VAL A 1 121 ? 0.019   -10.542 2.212   1.00 28.19 ? 121 VAL A CA  1 
ATOM   898  C C   . VAL A 1 121 ? -0.852  -11.416 3.120   1.00 28.55 ? 121 VAL A C   1 
ATOM   899  O O   . VAL A 1 121 ? -0.449  -11.782 4.226   1.00 29.77 ? 121 VAL A O   1 
ATOM   900  C CB  . VAL A 1 121 ? -0.483  -9.077  2.319   1.00 27.03 ? 121 VAL A CB  1 
ATOM   901  C CG1 . VAL A 1 121 ? -0.638  -8.690  3.785   1.00 27.26 ? 121 VAL A CG1 1 
ATOM   902  C CG2 . VAL A 1 121 ? 0.497   -8.127  1.624   1.00 26.86 ? 121 VAL A CG2 1 
ATOM   903  N N   . VAL A 1 122 ? -2.050  -11.737 2.654   1.00 30.47 ? 122 VAL A N   1 
ATOM   904  C CA  . VAL A 1 122 ? -2.968  -12.568 3.425   1.00 31.40 ? 122 VAL A CA  1 
ATOM   905  C C   . VAL A 1 122 ? -2.324  -13.918 3.730   1.00 31.77 ? 122 VAL A C   1 
ATOM   906  O O   . VAL A 1 122 ? -2.439  -14.437 4.841   1.00 32.20 ? 122 VAL A O   1 
ATOM   907  C CB  . VAL A 1 122 ? -4.277  -12.794 2.653   1.00 32.55 ? 122 VAL A CB  1 
ATOM   908  C CG1 . VAL A 1 122 ? -5.152  -13.806 3.382   1.00 34.19 ? 122 VAL A CG1 1 
ATOM   909  C CG2 . VAL A 1 122 ? -5.013  -11.476 2.498   1.00 30.15 ? 122 VAL A CG2 1 
ATOM   910  N N   . ALA A 1 123 ? -1.640  -14.475 2.741   1.00 33.48 ? 123 ALA A N   1 
ATOM   911  C CA  . ALA A 1 123 ? -0.977  -15.766 2.900   1.00 34.67 ? 123 ALA A CA  1 
ATOM   912  C C   . ALA A 1 123 ? 0.128   -15.697 3.946   1.00 35.73 ? 123 ALA A C   1 
ATOM   913  O O   . ALA A 1 123 ? 0.239   -16.570 4.807   1.00 36.34 ? 123 ALA A O   1 
ATOM   914  C CB  . ALA A 1 123 ? -0.396  -16.225 1.562   1.00 35.67 ? 123 ALA A CB  1 
ATOM   915  N N   . ALA A 1 124 ? 0.942   -14.648 3.868   1.00 34.79 ? 124 ALA A N   1 
ATOM   916  C CA  . ALA A 1 124 ? 2.049   -14.467 4.795   1.00 34.12 ? 124 ALA A CA  1 
ATOM   917  C C   . ALA A 1 124 ? 1.591   -14.156 6.216   1.00 33.54 ? 124 ALA A C   1 
ATOM   918  O O   . ALA A 1 124 ? 2.239   -14.563 7.181   1.00 33.61 ? 124 ALA A O   1 
ATOM   919  C CB  . ALA A 1 124 ? 2.982   -13.355 4.288   1.00 34.00 ? 124 ALA A CB  1 
ATOM   920  N N   . LEU A 1 125 ? 0.478   -13.444 6.352   1.00 32.30 ? 125 LEU A N   1 
ATOM   921  C CA  . LEU A 1 125 ? -0.018  -13.090 7.677   1.00 32.74 ? 125 LEU A CA  1 
ATOM   922  C C   . LEU A 1 125 ? -0.950  -14.144 8.275   1.00 35.25 ? 125 LEU A C   1 
ATOM   923  O O   . LEU A 1 125 ? -1.287  -14.084 9.460   1.00 35.45 ? 125 LEU A O   1 
ATOM   924  C CB  . LEU A 1 125 ? -0.730  -11.732 7.631   1.00 31.94 ? 125 LEU A CB  1 
ATOM   925  C CG  . LEU A 1 125 ? 0.096   -10.510 7.211   1.00 30.15 ? 125 LEU A CG  1 
ATOM   926  C CD1 . LEU A 1 125 ? -0.741  -9.258  7.388   1.00 31.02 ? 125 LEU A CD1 1 
ATOM   927  C CD2 . LEU A 1 125 ? 1.361   -10.408 8.048   1.00 29.47 ? 125 LEU A CD2 1 
ATOM   928  N N   . GLY A 1 126 ? -1.362  -15.105 7.455   1.00 36.12 ? 126 GLY A N   1 
ATOM   929  C CA  . GLY A 1 126 ? -2.247  -16.151 7.929   1.00 37.79 ? 126 GLY A CA  1 
ATOM   930  C C   . GLY A 1 126 ? -3.651  -15.653 8.183   1.00 38.11 ? 126 GLY A C   1 
ATOM   931  O O   . GLY A 1 126 ? -4.463  -16.354 8.786   1.00 38.63 ? 126 GLY A O   1 
ATOM   932  N N   . THR A 1 127 ? -3.946  -14.436 7.730   1.00 38.47 ? 127 THR A N   1 
ATOM   933  C CA  . THR A 1 127 ? -5.272  -13.862 7.917   1.00 35.93 ? 127 THR A CA  1 
ATOM   934  C C   . THR A 1 127 ? -5.562  -12.709 6.967   1.00 35.54 ? 127 THR A C   1 
ATOM   935  O O   . THR A 1 127 ? -4.653  -12.138 6.373   1.00 34.30 ? 127 THR A O   1 
ATOM   936  C CB  . THR A 1 127 ? -5.466  -13.351 9.363   1.00 35.54 ? 127 THR A CB  1 
ATOM   937  O OG1 . THR A 1 127 ? -6.795  -12.834 9.514   1.00 33.50 ? 127 THR A OG1 1 
ATOM   938  C CG2 . THR A 1 127 ? -4.462  -12.248 9.688   1.00 34.20 ? 127 THR A CG2 1 
ATOM   939  N N   . LYS A 1 128 ? -6.842  -12.382 6.830   1.00 34.39 ? 128 LYS A N   1 
ATOM   940  C CA  . LYS A 1 128 ? -7.268  -11.281 5.982   1.00 34.17 ? 128 LYS A CA  1 
ATOM   941  C C   . LYS A 1 128 ? -7.520  -10.063 6.867   1.00 32.89 ? 128 LYS A C   1 
ATOM   942  O O   . LYS A 1 128 ? -7.701  -8.948  6.371   1.00 31.91 ? 128 LYS A O   1 
ATOM   943  C CB  . LYS A 1 128 ? -8.565  -11.631 5.243   1.00 33.70 ? 128 LYS A CB  1 
ATOM   944  C CG  . LYS A 1 128 ? -8.447  -12.760 4.235   1.00 36.12 ? 128 LYS A CG  1 
ATOM   945  C CD  . LYS A 1 128 ? -9.799  -13.018 3.581   1.00 39.80 ? 128 LYS A CD  1 
ATOM   946  C CE  . LYS A 1 128 ? -9.754  -14.206 2.623   1.00 42.79 ? 128 LYS A CE  1 
ATOM   947  N NZ  . LYS A 1 128 ? -11.110 -14.524 2.094   1.00 44.82 ? 128 LYS A NZ  1 
ATOM   948  N N   . ASP A 1 129 ? -7.517  -10.282 8.177   1.00 30.77 ? 129 ASP A N   1 
ATOM   949  C CA  . ASP A 1 129 ? -7.789  -9.209  9.120   1.00 31.32 ? 129 ASP A CA  1 
ATOM   950  C C   . ASP A 1 129 ? -6.697  -8.170  9.373   1.00 28.89 ? 129 ASP A C   1 
ATOM   951  O O   . ASP A 1 129 ? -6.205  -8.006  10.489  1.00 28.05 ? 129 ASP A O   1 
ATOM   952  C CB  . ASP A 1 129 ? -8.287  -9.799  10.443  1.00 33.48 ? 129 ASP A CB  1 
ATOM   953  C CG  . ASP A 1 129 ? -9.742  -10.257 10.358  1.00 37.17 ? 129 ASP A CG  1 
ATOM   954  O OD1 . ASP A 1 129 ? -10.293 -10.288 9.236   1.00 38.28 ? 129 ASP A OD1 1 
ATOM   955  O OD2 . ASP A 1 129 ? -10.337 -10.584 11.406  1.00 38.58 ? 129 ASP A OD2 1 
ATOM   956  N N   . PHE A 1 130 ? -6.330  -7.467  8.307   1.00 29.32 ? 130 PHE A N   1 
ATOM   957  C CA  . PHE A 1 130 ? -5.366  -6.381  8.383   1.00 28.84 ? 130 PHE A CA  1 
ATOM   958  C C   . PHE A 1 130 ? -6.082  -5.228  7.687   1.00 28.39 ? 130 PHE A C   1 
ATOM   959  O O   . PHE A 1 130 ? -6.891  -5.456  6.782   1.00 28.55 ? 130 PHE A O   1 
ATOM   960  C CB  . PHE A 1 130 ? -4.029  -6.743  7.699   1.00 28.10 ? 130 PHE A CB  1 
ATOM   961  C CG  . PHE A 1 130 ? -4.156  -7.197  6.266   1.00 28.32 ? 130 PHE A CG  1 
ATOM   962  C CD1 . PHE A 1 130 ? -4.224  -6.274  5.222   1.00 26.05 ? 130 PHE A CD1 1 
ATOM   963  C CD2 . PHE A 1 130 ? -4.160  -8.556  5.959   1.00 26.00 ? 130 PHE A CD2 1 
ATOM   964  C CE1 . PHE A 1 130 ? -4.307  -6.694  3.898   1.00 26.30 ? 130 PHE A CE1 1 
ATOM   965  C CE2 . PHE A 1 130 ? -4.243  -8.995  4.631   1.00 27.65 ? 130 PHE A CE2 1 
ATOM   966  C CZ  . PHE A 1 130 ? -4.309  -8.059  3.595   1.00 27.22 ? 130 PHE A CZ  1 
ATOM   967  N N   . GLN A 1 131 ? -5.833  -4.003  8.144   1.00 27.06 ? 131 GLN A N   1 
ATOM   968  C CA  . GLN A 1 131 ? -6.478  -2.820  7.571   1.00 26.54 ? 131 GLN A CA  1 
ATOM   969  C C   . GLN A 1 131 ? -6.030  -2.558  6.131   1.00 25.59 ? 131 GLN A C   1 
ATOM   970  O O   . GLN A 1 131 ? -4.932  -2.952  5.737   1.00 25.66 ? 131 GLN A O   1 
ATOM   971  C CB  . GLN A 1 131 ? -6.171  -1.590  8.432   1.00 26.25 ? 131 GLN A CB  1 
ATOM   972  C CG  . GLN A 1 131 ? -6.511  -1.761  9.905   1.00 29.22 ? 131 GLN A CG  1 
ATOM   973  C CD  . GLN A 1 131 ? -6.209  -0.516  10.730  1.00 30.44 ? 131 GLN A CD  1 
ATOM   974  O OE1 . GLN A 1 131 ? -6.784  0.544   10.501  1.00 30.96 ? 131 GLN A OE1 1 
ATOM   975  N NE2 . GLN A 1 131 ? -5.304  -0.644  11.695  1.00 30.96 ? 131 GLN A NE2 1 
ATOM   976  N N   . ARG A 1 132 ? -6.884  -1.906  5.348   1.00 24.51 ? 132 ARG A N   1 
ATOM   977  C CA  . ARG A 1 132 ? -6.549  -1.587  3.964   1.00 26.55 ? 132 ARG A CA  1 
ATOM   978  C C   . ARG A 1 132 ? -7.062  -0.212  3.555   1.00 26.16 ? 132 ARG A C   1 
ATOM   979  O O   . ARG A 1 132 ? -8.181  0.172   3.898   1.00 27.56 ? 132 ARG A O   1 
ATOM   980  C CB  . ARG A 1 132 ? -7.146  -2.611  2.980   1.00 24.52 ? 132 ARG A CB  1 
ATOM   981  C CG  . ARG A 1 132 ? -6.795  -4.077  3.211   1.00 27.25 ? 132 ARG A CG  1 
ATOM   982  C CD  . ARG A 1 132 ? -7.962  -4.800  3.867   1.00 27.66 ? 132 ARG A CD  1 
ATOM   983  N NE  . ARG A 1 132 ? -7.714  -6.223  4.097   1.00 29.19 ? 132 ARG A NE  1 
ATOM   984  C CZ  . ARG A 1 132 ? -7.907  -7.187  3.202   1.00 29.18 ? 132 ARG A CZ  1 
ATOM   985  N NH1 . ARG A 1 132 ? -8.347  -6.899  1.985   1.00 27.28 ? 132 ARG A NH1 1 
ATOM   986  N NH2 . ARG A 1 132 ? -7.665  -8.452  3.528   1.00 29.34 ? 132 ARG A NH2 1 
ATOM   987  N N   . VAL A 1 133 ? -6.229  0.532   2.838   1.00 25.72 ? 133 VAL A N   1 
ATOM   988  C CA  . VAL A 1 133 ? -6.631  1.828   2.306   1.00 23.72 ? 133 VAL A CA  1 
ATOM   989  C C   . VAL A 1 133 ? -6.763  1.520   0.812   1.00 23.36 ? 133 VAL A C   1 
ATOM   990  O O   . VAL A 1 133 ? -5.765  1.363   0.101   1.00 21.83 ? 133 VAL A O   1 
ATOM   991  C CB  . VAL A 1 133 ? -5.564  2.926   2.552   1.00 23.76 ? 133 VAL A CB  1 
ATOM   992  C CG1 . VAL A 1 133 ? -5.973  4.220   1.855   1.00 20.38 ? 133 VAL A CG1 1 
ATOM   993  C CG2 . VAL A 1 133 ? -5.425  3.183   4.053   1.00 22.51 ? 133 VAL A CG2 1 
ATOM   994  N N   . ARG A 1 134 ? -8.008  1.405   0.363   1.00 22.13 ? 134 ARG A N   1 
ATOM   995  C CA  . ARG A 1 134 ? -8.329  1.070   -1.018  1.00 23.36 ? 134 ARG A CA  1 
ATOM   996  C C   . ARG A 1 134 ? -8.429  2.308   -1.907  1.00 22.62 ? 134 ARG A C   1 
ATOM   997  O O   . ARG A 1 134 ? -9.235  3.200   -1.652  1.00 23.21 ? 134 ARG A O   1 
ATOM   998  C CB  . ARG A 1 134 ? -9.655  0.293   -1.050  1.00 23.45 ? 134 ARG A CB  1 
ATOM   999  C CG  . ARG A 1 134 ? -9.777  -0.790  0.022   1.00 25.45 ? 134 ARG A CG  1 
ATOM   1000 C CD  . ARG A 1 134 ? -11.211 -1.332  0.113   1.00 25.37 ? 134 ARG A CD  1 
ATOM   1001 N NE  . ARG A 1 134 ? -11.623 -1.932  -1.150  1.00 31.49 ? 134 ARG A NE  1 
ATOM   1002 C CZ  . ARG A 1 134 ? -12.883 -2.032  -1.565  1.00 30.38 ? 134 ARG A CZ  1 
ATOM   1003 N NH1 . ARG A 1 134 ? -13.867 -1.569  -0.810  1.00 32.47 ? 134 ARG A NH1 1 
ATOM   1004 N NH2 . ARG A 1 134 ? -13.152 -2.582  -2.742  1.00 31.25 ? 134 ARG A NH2 1 
ATOM   1005 N N   . ILE A 1 135 ? -7.609  2.355   -2.956  1.00 22.49 ? 135 ILE A N   1 
ATOM   1006 C CA  . ILE A 1 135 ? -7.604  3.485   -3.885  1.00 20.71 ? 135 ILE A CA  1 
ATOM   1007 C C   . ILE A 1 135 ? -8.113  3.060   -5.263  1.00 21.87 ? 135 ILE A C   1 
ATOM   1008 O O   . ILE A 1 135 ? -7.394  2.408   -6.030  1.00 22.22 ? 135 ILE A O   1 
ATOM   1009 C CB  . ILE A 1 135 ? -6.183  4.063   -4.043  1.00 21.23 ? 135 ILE A CB  1 
ATOM   1010 C CG1 . ILE A 1 135 ? -5.561  4.304   -2.668  1.00 19.00 ? 135 ILE A CG1 1 
ATOM   1011 C CG2 . ILE A 1 135 ? -6.241  5.386   -4.818  1.00 19.56 ? 135 ILE A CG2 1 
ATOM   1012 C CD1 . ILE A 1 135 ? -4.113  4.824   -2.734  1.00 18.28 ? 135 ILE A CD1 1 
ATOM   1013 N N   . GLY A 1 136 ? -9.347  3.444   -5.579  1.00 21.23 ? 136 GLY A N   1 
ATOM   1014 C CA  . GLY A 1 136 ? -9.945  3.078   -6.853  1.00 22.40 ? 136 GLY A CA  1 
ATOM   1015 C C   . GLY A 1 136 ? -9.227  3.471   -8.136  1.00 23.52 ? 136 GLY A C   1 
ATOM   1016 O O   . GLY A 1 136 ? -8.793  4.614   -8.303  1.00 22.07 ? 136 GLY A O   1 
ATOM   1017 N N   . ILE A 1 137 ? -9.098  2.515   -9.052  1.00 23.67 ? 137 ILE A N   1 
ATOM   1018 C CA  . ILE A 1 137 ? -8.466  2.781   -10.343 1.00 24.37 ? 137 ILE A CA  1 
ATOM   1019 C C   . ILE A 1 137 ? -9.463  2.451   -11.445 1.00 27.00 ? 137 ILE A C   1 
ATOM   1020 O O   . ILE A 1 137 ? -9.174  2.601   -12.639 1.00 25.54 ? 137 ILE A O   1 
ATOM   1021 C CB  . ILE A 1 137 ? -7.187  1.935   -10.571 1.00 24.25 ? 137 ILE A CB  1 
ATOM   1022 C CG1 . ILE A 1 137 ? -7.488  0.455   -10.332 1.00 21.10 ? 137 ILE A CG1 1 
ATOM   1023 C CG2 . ILE A 1 137 ? -6.051  2.442   -9.682  1.00 20.52 ? 137 ILE A CG2 1 
ATOM   1024 C CD1 . ILE A 1 137 ? -6.327  -0.441  -10.684 1.00 20.56 ? 137 ILE A CD1 1 
ATOM   1025 N N   . GLY A 1 138 ? -10.638 1.992   -11.029 1.00 28.03 ? 138 GLY A N   1 
ATOM   1026 C CA  . GLY A 1 138 ? -11.684 1.647   -11.973 1.00 31.16 ? 138 GLY A CA  1 
ATOM   1027 C C   . GLY A 1 138 ? -11.492 0.284   -12.597 1.00 33.36 ? 138 GLY A C   1 
ATOM   1028 O O   . GLY A 1 138 ? -10.408 -0.293  -12.528 1.00 31.33 ? 138 GLY A O   1 
ATOM   1029 N N   . ARG A 1 139 ? -12.556 -0.234  -13.204 1.00 35.79 ? 139 ARG A N   1 
ATOM   1030 C CA  . ARG A 1 139 ? -12.500 -1.533  -13.863 1.00 37.12 ? 139 ARG A CA  1 
ATOM   1031 C C   . ARG A 1 139 ? -11.639 -1.421  -15.111 1.00 35.97 ? 139 ARG A C   1 
ATOM   1032 O O   . ARG A 1 139 ? -11.477 -0.335  -15.677 1.00 34.61 ? 139 ARG A O   1 
ATOM   1033 C CB  . ARG A 1 139 ? -13.905 -1.991  -14.255 1.00 40.97 ? 139 ARG A CB  1 
ATOM   1034 C CG  . ARG A 1 139 ? -14.750 -2.523  -13.108 1.00 44.33 ? 139 ARG A CG  1 
ATOM   1035 C CD  . ARG A 1 139 ? -14.938 -4.025  -13.250 1.00 47.69 ? 139 ARG A CD  1 
ATOM   1036 N NE  . ARG A 1 139 ? -13.792 -4.790  -12.770 1.00 49.71 ? 139 ARG A NE  1 
ATOM   1037 C CZ  . ARG A 1 139 ? -13.654 -5.208  -11.516 1.00 51.91 ? 139 ARG A CZ  1 
ATOM   1038 N NH1 . ARG A 1 139 ? -12.579 -5.897  -11.159 1.00 52.29 ? 139 ARG A NH1 1 
ATOM   1039 N NH2 . ARG A 1 139 ? -14.599 -4.950  -10.622 1.00 52.56 ? 139 ARG A NH2 1 
ATOM   1040 N N   . PRO A 1 140 ? -11.066 -2.542  -15.559 1.00 35.60 ? 140 PRO A N   1 
ATOM   1041 C CA  . PRO A 1 140 ? -10.224 -2.508  -16.754 1.00 35.01 ? 140 PRO A CA  1 
ATOM   1042 C C   . PRO A 1 140 ? -11.078 -2.460  -18.021 1.00 34.79 ? 140 PRO A C   1 
ATOM   1043 O O   . PRO A 1 140 ? -12.225 -2.909  -18.021 1.00 32.68 ? 140 PRO A O   1 
ATOM   1044 C CB  . PRO A 1 140 ? -9.429  -3.819  -16.666 1.00 34.37 ? 140 PRO A CB  1 
ATOM   1045 C CG  . PRO A 1 140 ? -9.528  -4.214  -15.206 1.00 36.22 ? 140 PRO A CG  1 
ATOM   1046 C CD  . PRO A 1 140 ? -10.941 -3.837  -14.869 1.00 34.69 ? 140 PRO A CD  1 
ATOM   1047 N N   . PRO A 1 141 ? -10.539 -1.889  -19.108 1.00 35.47 ? 141 PRO A N   1 
ATOM   1048 C CA  . PRO A 1 141 ? -11.301 -1.825  -20.358 1.00 35.87 ? 141 PRO A CA  1 
ATOM   1049 C C   . PRO A 1 141 ? -11.486 -3.275  -20.817 1.00 36.32 ? 141 PRO A C   1 
ATOM   1050 O O   . PRO A 1 141 ? -10.619 -4.114  -20.568 1.00 36.09 ? 141 PRO A O   1 
ATOM   1051 C CB  . PRO A 1 141 ? -10.369 -1.049  -21.289 1.00 35.75 ? 141 PRO A CB  1 
ATOM   1052 C CG  . PRO A 1 141 ? -9.566  -0.198  -20.344 1.00 35.67 ? 141 PRO A CG  1 
ATOM   1053 C CD  . PRO A 1 141 ? -9.265  -1.162  -19.235 1.00 35.47 ? 141 PRO A CD  1 
ATOM   1054 N N   . GLY A 1 142 ? -12.608 -3.578  -21.464 1.00 36.76 ? 142 GLY A N   1 
ATOM   1055 C CA  . GLY A 1 142 ? -12.833 -4.942  -21.921 1.00 34.54 ? 142 GLY A CA  1 
ATOM   1056 C C   . GLY A 1 142 ? -11.748 -5.465  -22.854 1.00 32.16 ? 142 GLY A C   1 
ATOM   1057 O O   . GLY A 1 142 ? -11.491 -6.668  -22.917 1.00 31.15 ? 142 GLY A O   1 
ATOM   1058 N N   . ARG A 1 143 ? -11.094 -4.558  -23.567 1.00 32.87 ? 143 ARG A N   1 
ATOM   1059 C CA  . ARG A 1 143 ? -10.051 -4.929  -24.517 1.00 33.88 ? 143 ARG A CA  1 
ATOM   1060 C C   . ARG A 1 143 ? -8.728  -5.346  -23.884 1.00 34.78 ? 143 ARG A C   1 
ATOM   1061 O O   . ARG A 1 143 ? -7.833  -5.826  -24.580 1.00 35.52 ? 143 ARG A O   1 
ATOM   1062 C CB  . ARG A 1 143 ? -9.783  -3.767  -25.480 1.00 35.30 ? 143 ARG A CB  1 
ATOM   1063 C CG  . ARG A 1 143 ? -9.229  -2.517  -24.810 1.00 35.42 ? 143 ARG A CG  1 
ATOM   1064 C CD  . ARG A 1 143 ? -8.917  -1.443  -25.842 1.00 37.79 ? 143 ARG A CD  1 
ATOM   1065 N NE  . ARG A 1 143 ? -8.399  -0.218  -25.237 1.00 38.05 ? 143 ARG A NE  1 
ATOM   1066 C CZ  . ARG A 1 143 ? -9.131  0.658   -24.559 1.00 37.78 ? 143 ARG A CZ  1 
ATOM   1067 N NH1 . ARG A 1 143 ? -10.432 0.459   -24.384 1.00 37.83 ? 143 ARG A NH1 1 
ATOM   1068 N NH2 . ARG A 1 143 ? -8.562  1.742   -24.051 1.00 40.61 ? 143 ARG A NH2 1 
ATOM   1069 N N   . LYS A 1 144 ? -8.594  -5.164  -22.576 1.00 35.09 ? 144 LYS A N   1 
ATOM   1070 C CA  . LYS A 1 144 ? -7.346  -5.512  -21.904 1.00 35.48 ? 144 LYS A CA  1 
ATOM   1071 C C   . LYS A 1 144 ? -7.521  -6.465  -20.745 1.00 33.71 ? 144 LYS A C   1 
ATOM   1072 O O   . LYS A 1 144 ? -8.526  -6.419  -20.043 1.00 32.22 ? 144 LYS A O   1 
ATOM   1073 C CB  . LYS A 1 144 ? -6.656  -4.249  -21.385 1.00 38.53 ? 144 LYS A CB  1 
ATOM   1074 C CG  . LYS A 1 144 ? -5.810  -3.510  -22.408 1.00 42.45 ? 144 LYS A CG  1 
ATOM   1075 C CD  . LYS A 1 144 ? -4.533  -4.277  -22.716 1.00 44.43 ? 144 LYS A CD  1 
ATOM   1076 C CE  . LYS A 1 144 ? -3.594  -3.465  -23.599 1.00 45.29 ? 144 LYS A CE  1 
ATOM   1077 N NZ  . LYS A 1 144 ? -4.169  -3.195  -24.946 1.00 46.68 ? 144 LYS A NZ  1 
ATOM   1078 N N   . ASP A 1 145 ? -6.537  -7.333  -20.550 1.00 33.38 ? 145 ASP A N   1 
ATOM   1079 C CA  . ASP A 1 145 ? -6.572  -8.261  -19.431 1.00 32.58 ? 145 ASP A CA  1 
ATOM   1080 C C   . ASP A 1 145 ? -6.300  -7.399  -18.198 1.00 30.90 ? 145 ASP A C   1 
ATOM   1081 O O   . ASP A 1 145 ? -5.528  -6.445  -18.269 1.00 29.28 ? 145 ASP A O   1 
ATOM   1082 C CB  . ASP A 1 145 ? -5.473  -9.314  -19.558 1.00 33.45 ? 145 ASP A CB  1 
ATOM   1083 C CG  . ASP A 1 145 ? -5.496  -10.304 -18.414 1.00 33.75 ? 145 ASP A CG  1 
ATOM   1084 O OD1 . ASP A 1 145 ? -6.379  -11.192 -18.407 1.00 31.20 ? 145 ASP A OD1 1 
ATOM   1085 O OD2 . ASP A 1 145 ? -4.643  -10.178 -17.511 1.00 37.87 ? 145 ASP A OD2 1 
ATOM   1086 N N   . PRO A 1 146 ? -6.933  -7.721  -17.062 1.00 30.64 ? 146 PRO A N   1 
ATOM   1087 C CA  . PRO A 1 146 ? -6.752  -6.967  -15.813 1.00 30.61 ? 146 PRO A CA  1 
ATOM   1088 C C   . PRO A 1 146 ? -5.295  -6.839  -15.356 1.00 29.78 ? 146 PRO A C   1 
ATOM   1089 O O   . PRO A 1 146 ? -4.889  -5.794  -14.837 1.00 30.09 ? 146 PRO A O   1 
ATOM   1090 C CB  . PRO A 1 146 ? -7.595  -7.749  -14.816 1.00 30.31 ? 146 PRO A CB  1 
ATOM   1091 C CG  . PRO A 1 146 ? -8.700  -8.293  -15.675 1.00 31.62 ? 146 PRO A CG  1 
ATOM   1092 C CD  . PRO A 1 146 ? -7.961  -8.763  -16.900 1.00 31.23 ? 146 PRO A CD  1 
ATOM   1093 N N   . ALA A 1 147 ? -4.513  -7.897  -15.541 1.00 28.31 ? 147 ALA A N   1 
ATOM   1094 C CA  . ALA A 1 147 ? -3.110  -7.875  -15.138 1.00 27.64 ? 147 ALA A CA  1 
ATOM   1095 C C   . ALA A 1 147 ? -2.336  -6.878  -15.988 1.00 28.56 ? 147 ALA A C   1 
ATOM   1096 O O   . ALA A 1 147 ? -1.456  -6.171  -15.491 1.00 30.19 ? 147 ALA A O   1 
ATOM   1097 C CB  . ALA A 1 147 ? -2.509  -9.263  -15.270 1.00 29.42 ? 147 ALA A CB  1 
ATOM   1098 N N   . ALA A 1 148 ? -2.665  -6.810  -17.273 1.00 28.36 ? 148 ALA A N   1 
ATOM   1099 C CA  . ALA A 1 148 ? -1.982  -5.884  -18.160 1.00 29.59 ? 148 ALA A CA  1 
ATOM   1100 C C   . ALA A 1 148 ? -2.412  -4.458  -17.808 1.00 27.95 ? 148 ALA A C   1 
ATOM   1101 O O   . ALA A 1 148 ? -1.602  -3.541  -17.817 1.00 26.98 ? 148 ALA A O   1 
ATOM   1102 C CB  . ALA A 1 148 ? -2.320  -6.199  -19.618 1.00 29.82 ? 148 ALA A CB  1 
ATOM   1103 N N   . PHE A 1 149 ? -3.689  -4.292  -17.490 1.00 27.44 ? 149 PHE A N   1 
ATOM   1104 C CA  . PHE A 1 149 ? -4.251  -2.989  -17.132 1.00 27.00 ? 149 PHE A CA  1 
ATOM   1105 C C   . PHE A 1 149 ? -3.509  -2.328  -15.975 1.00 26.45 ? 149 PHE A C   1 
ATOM   1106 O O   . PHE A 1 149 ? -3.083  -1.179  -16.079 1.00 25.26 ? 149 PHE A O   1 
ATOM   1107 C CB  . PHE A 1 149 ? -5.733  -3.159  -16.773 1.00 27.33 ? 149 PHE A CB  1 
ATOM   1108 C CG  . PHE A 1 149 ? -6.422  -1.884  -16.359 1.00 27.78 ? 149 PHE A CG  1 
ATOM   1109 C CD1 . PHE A 1 149 ? -6.563  -0.823  -17.249 1.00 29.32 ? 149 PHE A CD1 1 
ATOM   1110 C CD2 . PHE A 1 149 ? -6.972  -1.764  -15.085 1.00 28.10 ? 149 PHE A CD2 1 
ATOM   1111 C CE1 . PHE A 1 149 ? -7.245  0.337   -16.876 1.00 30.54 ? 149 PHE A CE1 1 
ATOM   1112 C CE2 . PHE A 1 149 ? -7.655  -0.607  -14.701 1.00 27.35 ? 149 PHE A CE2 1 
ATOM   1113 C CZ  . PHE A 1 149 ? -7.790  0.445   -15.600 1.00 29.46 ? 149 PHE A CZ  1 
ATOM   1114 N N   . VAL A 1 150 ? -3.336  -3.058  -14.879 1.00 26.89 ? 150 VAL A N   1 
ATOM   1115 C CA  . VAL A 1 150 ? -2.664  -2.497  -13.710 1.00 27.37 ? 150 VAL A CA  1 
ATOM   1116 C C   . VAL A 1 150 ? -1.181  -2.207  -13.911 1.00 28.62 ? 150 VAL A C   1 
ATOM   1117 O O   . VAL A 1 150 ? -0.594  -1.438  -13.150 1.00 28.33 ? 150 VAL A O   1 
ATOM   1118 C CB  . VAL A 1 150 ? -2.842  -3.414  -12.479 1.00 24.51 ? 150 VAL A CB  1 
ATOM   1119 C CG1 . VAL A 1 150 ? -4.319  -3.594  -12.198 1.00 23.54 ? 150 VAL A CG1 1 
ATOM   1120 C CG2 . VAL A 1 150 ? -2.174  -4.766  -12.717 1.00 24.40 ? 150 VAL A CG2 1 
ATOM   1121 N N   . LEU A 1 151 ? -0.576  -2.807  -14.934 1.00 30.96 ? 151 LEU A N   1 
ATOM   1122 C CA  . LEU A 1 151 ? 0.842   -2.572  -15.188 1.00 32.50 ? 151 LEU A CA  1 
ATOM   1123 C C   . LEU A 1 151 ? 1.081   -1.437  -16.182 1.00 33.92 ? 151 LEU A C   1 
ATOM   1124 O O   . LEU A 1 151 ? 2.207   -1.218  -16.622 1.00 33.13 ? 151 LEU A O   1 
ATOM   1125 C CB  . LEU A 1 151 ? 1.518   -3.853  -15.680 1.00 33.29 ? 151 LEU A CB  1 
ATOM   1126 C CG  . LEU A 1 151 ? 1.465   -5.054  -14.736 1.00 34.61 ? 151 LEU A CG  1 
ATOM   1127 C CD1 . LEU A 1 151 ? 2.418   -6.130  -15.247 1.00 34.87 ? 151 LEU A CD1 1 
ATOM   1128 C CD2 . LEU A 1 151 ? 1.855   -4.638  -13.322 1.00 35.29 ? 151 LEU A CD2 1 
ATOM   1129 N N   . GLU A 1 152 ? 0.022   -0.713  -16.534 1.00 34.73 ? 152 GLU A N   1 
ATOM   1130 C CA  . GLU A 1 152 ? 0.143   0.410   -17.459 1.00 34.59 ? 152 GLU A CA  1 
ATOM   1131 C C   . GLU A 1 152 ? 0.126   1.718   -16.675 1.00 32.16 ? 152 GLU A C   1 
ATOM   1132 O O   . GLU A 1 152 ? -0.391  1.766   -15.563 1.00 30.19 ? 152 GLU A O   1 
ATOM   1133 C CB  . GLU A 1 152 ? -1.036  0.461   -18.433 1.00 37.17 ? 152 GLU A CB  1 
ATOM   1134 C CG  . GLU A 1 152 ? -1.391  -0.823  -19.135 1.00 41.96 ? 152 GLU A CG  1 
ATOM   1135 C CD  . GLU A 1 152 ? -2.498  -0.601  -20.149 1.00 45.72 ? 152 GLU A CD  1 
ATOM   1136 O OE1 . GLU A 1 152 ? -3.446  0.155   -19.829 1.00 47.50 ? 152 GLU A OE1 1 
ATOM   1137 O OE2 . GLU A 1 152 ? -2.426  -1.176  -21.255 1.00 47.22 ? 152 GLU A OE2 1 
ATOM   1138 N N   . ASN A 1 153 ? 0.686   2.773   -17.261 1.00 30.74 ? 153 ASN A N   1 
ATOM   1139 C CA  . ASN A 1 153 ? 0.673   4.080   -16.625 1.00 31.98 ? 153 ASN A CA  1 
ATOM   1140 C C   . ASN A 1 153 ? -0.754  4.584   -16.786 1.00 31.30 ? 153 ASN A C   1 
ATOM   1141 O O   . ASN A 1 153 ? -1.481  4.110   -17.662 1.00 31.41 ? 153 ASN A O   1 
ATOM   1142 C CB  . ASN A 1 153 ? 1.613   5.064   -17.339 1.00 34.30 ? 153 ASN A CB  1 
ATOM   1143 C CG  . ASN A 1 153 ? 3.080   4.788   -17.067 1.00 37.40 ? 153 ASN A CG  1 
ATOM   1144 O OD1 . ASN A 1 153 ? 3.428   4.096   -16.110 1.00 37.86 ? 153 ASN A OD1 1 
ATOM   1145 N ND2 . ASN A 1 153 ? 3.952   5.351   -17.900 1.00 38.39 ? 153 ASN A ND2 1 
ATOM   1146 N N   . PHE A 1 154 ? -1.162  5.535   -15.953 1.00 29.67 ? 154 PHE A N   1 
ATOM   1147 C CA  . PHE A 1 154 ? -2.504  6.094   -16.081 1.00 30.33 ? 154 PHE A CA  1 
ATOM   1148 C C   . PHE A 1 154 ? -2.568  6.911   -17.366 1.00 31.66 ? 154 PHE A C   1 
ATOM   1149 O O   . PHE A 1 154 ? -1.549  7.409   -17.847 1.00 31.81 ? 154 PHE A O   1 
ATOM   1150 C CB  . PHE A 1 154 ? -2.833  7.003   -14.901 1.00 28.88 ? 154 PHE A CB  1 
ATOM   1151 C CG  . PHE A 1 154 ? -3.035  6.271   -13.612 1.00 25.88 ? 154 PHE A CG  1 
ATOM   1152 C CD1 . PHE A 1 154 ? -1.983  6.108   -12.717 1.00 26.31 ? 154 PHE A CD1 1 
ATOM   1153 C CD2 . PHE A 1 154 ? -4.274  5.719   -13.301 1.00 25.02 ? 154 PHE A CD2 1 
ATOM   1154 C CE1 . PHE A 1 154 ? -2.167  5.409   -11.514 1.00 23.10 ? 154 PHE A CE1 1 
ATOM   1155 C CE2 . PHE A 1 154 ? -4.467  5.019   -12.104 1.00 22.42 ? 154 PHE A CE2 1 
ATOM   1156 C CZ  . PHE A 1 154 ? -3.413  4.861   -11.215 1.00 21.71 ? 154 PHE A CZ  1 
ATOM   1157 N N   . THR A 1 155 ? -3.766  7.050   -17.927 1.00 33.17 ? 155 THR A N   1 
ATOM   1158 C CA  . THR A 1 155 ? -3.935  7.833   -19.145 1.00 33.84 ? 155 THR A CA  1 
ATOM   1159 C C   . THR A 1 155 ? -3.632  9.297   -18.832 1.00 34.42 ? 155 THR A C   1 
ATOM   1160 O O   . THR A 1 155 ? -3.577  9.692   -17.665 1.00 33.20 ? 155 THR A O   1 
ATOM   1161 C CB  . THR A 1 155 ? -5.376  7.754   -19.662 1.00 34.12 ? 155 THR A CB  1 
ATOM   1162 O OG1 . THR A 1 155 ? -6.231  8.467   -18.767 1.00 33.71 ? 155 THR A OG1 1 
ATOM   1163 C CG2 . THR A 1 155 ? -5.837  6.304   -19.748 1.00 33.73 ? 155 THR A CG2 1 
ATOM   1164 N N   . PRO A 1 156 ? -3.423  10.124  -19.870 1.00 35.85 ? 156 PRO A N   1 
ATOM   1165 C CA  . PRO A 1 156 ? -3.134  11.538  -19.608 1.00 35.55 ? 156 PRO A CA  1 
ATOM   1166 C C   . PRO A 1 156 ? -4.268  12.179  -18.814 1.00 35.00 ? 156 PRO A C   1 
ATOM   1167 O O   . PRO A 1 156 ? -4.036  12.982  -17.904 1.00 33.86 ? 156 PRO A O   1 
ATOM   1168 C CB  . PRO A 1 156 ? -2.991  12.120  -21.010 1.00 35.58 ? 156 PRO A CB  1 
ATOM   1169 C CG  . PRO A 1 156 ? -2.369  10.972  -21.759 1.00 36.03 ? 156 PRO A CG  1 
ATOM   1170 C CD  . PRO A 1 156 ? -3.234  9.813   -21.298 1.00 36.12 ? 156 PRO A CD  1 
ATOM   1171 N N   . ALA A 1 157 ? -5.494  11.807  -19.162 1.00 32.88 ? 157 ALA A N   1 
ATOM   1172 C CA  . ALA A 1 157 ? -6.666  12.329  -18.479 1.00 33.79 ? 157 ALA A CA  1 
ATOM   1173 C C   . ALA A 1 157 ? -6.585  12.013  -16.992 1.00 33.38 ? 157 ALA A C   1 
ATOM   1174 O O   . ALA A 1 157 ? -6.672  12.909  -16.151 1.00 34.04 ? 157 ALA A O   1 
ATOM   1175 C CB  . ALA A 1 157 ? -7.933  11.718  -19.074 1.00 33.71 ? 157 ALA A CB  1 
ATOM   1176 N N   . GLU A 1 158 ? -6.410  10.735  -16.674 1.00 32.13 ? 158 GLU A N   1 
ATOM   1177 C CA  . GLU A 1 158 ? -6.333  10.293  -15.285 1.00 31.00 ? 158 GLU A CA  1 
ATOM   1178 C C   . GLU A 1 158 ? -5.112  10.866  -14.573 1.00 30.13 ? 158 GLU A C   1 
ATOM   1179 O O   . GLU A 1 158 ? -5.198  11.296  -13.423 1.00 30.46 ? 158 GLU A O   1 
ATOM   1180 C CB  . GLU A 1 158 ? -6.289  8.763   -15.216 1.00 30.62 ? 158 GLU A CB  1 
ATOM   1181 C CG  . GLU A 1 158 ? -7.450  8.057   -15.883 1.00 29.17 ? 158 GLU A CG  1 
ATOM   1182 C CD  . GLU A 1 158 ? -7.227  6.552   -15.974 1.00 30.14 ? 158 GLU A CD  1 
ATOM   1183 O OE1 . GLU A 1 158 ? -6.101  6.143   -16.351 1.00 25.48 ? 158 GLU A OE1 1 
ATOM   1184 O OE2 . GLU A 1 158 ? -8.171  5.780   -15.680 1.00 26.76 ? 158 GLU A OE2 1 
ATOM   1185 N N   . ARG A 1 159 ? -3.978  10.879  -15.264 1.00 30.35 ? 159 ARG A N   1 
ATOM   1186 C CA  . ARG A 1 159 ? -2.739  11.387  -14.689 1.00 29.50 ? 159 ARG A CA  1 
ATOM   1187 C C   . ARG A 1 159 ? -2.941  12.730  -14.013 1.00 28.31 ? 159 ARG A C   1 
ATOM   1188 O O   . ARG A 1 159 ? -2.396  12.976  -12.944 1.00 29.13 ? 159 ARG A O   1 
ATOM   1189 C CB  . ARG A 1 159 ? -1.657  11.499  -15.772 1.00 29.90 ? 159 ARG A CB  1 
ATOM   1190 N N   . ALA A 1 160 ? -3.730  13.595  -14.640 1.00 28.07 ? 160 ALA A N   1 
ATOM   1191 C CA  . ALA A 1 160 ? -3.998  14.926  -14.105 1.00 29.54 ? 160 ALA A CA  1 
ATOM   1192 C C   . ALA A 1 160 ? -4.648  14.872  -12.722 1.00 29.44 ? 160 ALA A C   1 
ATOM   1193 O O   . ALA A 1 160 ? -4.477  15.783  -11.910 1.00 29.21 ? 160 ALA A O   1 
ATOM   1194 C CB  . ALA A 1 160 ? -4.896  15.701  -15.070 1.00 29.29 ? 160 ALA A CB  1 
ATOM   1195 N N   . GLU A 1 161 ? -5.382  13.795  -12.458 1.00 29.32 ? 161 GLU A N   1 
ATOM   1196 C CA  . GLU A 1 161 ? -6.068  13.626  -11.185 1.00 28.92 ? 161 GLU A CA  1 
ATOM   1197 C C   . GLU A 1 161 ? -5.298  12.801  -10.151 1.00 28.36 ? 161 GLU A C   1 
ATOM   1198 O O   . GLU A 1 161 ? -5.517  12.944  -8.951  1.00 27.74 ? 161 GLU A O   1 
ATOM   1199 C CB  . GLU A 1 161 ? -7.433  12.982  -11.429 1.00 32.55 ? 161 GLU A CB  1 
ATOM   1200 C CG  . GLU A 1 161 ? -8.471  13.919  -12.019 1.00 38.94 ? 161 GLU A CG  1 
ATOM   1201 C CD  . GLU A 1 161 ? -8.932  14.962  -11.016 1.00 44.35 ? 161 GLU A CD  1 
ATOM   1202 O OE1 . GLU A 1 161 ? -8.156  15.895  -10.721 1.00 44.90 ? 161 GLU A OE1 1 
ATOM   1203 O OE2 . GLU A 1 161 ? -10.069 14.836  -10.507 1.00 47.19 ? 161 GLU A OE2 1 
ATOM   1204 N N   . VAL A 1 162 ? -4.391  11.947  -10.610 1.00 26.12 ? 162 VAL A N   1 
ATOM   1205 C CA  . VAL A 1 162 ? -3.626  11.091  -9.704  1.00 26.63 ? 162 VAL A CA  1 
ATOM   1206 C C   . VAL A 1 162 ? -2.956  11.802  -8.517  1.00 26.90 ? 162 VAL A C   1 
ATOM   1207 O O   . VAL A 1 162 ? -3.028  11.326  -7.386  1.00 26.51 ? 162 VAL A O   1 
ATOM   1208 C CB  . VAL A 1 162 ? -2.569  10.264  -10.501 1.00 25.91 ? 162 VAL A CB  1 
ATOM   1209 C CG1 . VAL A 1 162 ? -1.728  9.414   -9.564  1.00 24.08 ? 162 VAL A CG1 1 
ATOM   1210 C CG2 . VAL A 1 162 ? -3.279  9.369   -11.503 1.00 26.22 ? 162 VAL A CG2 1 
ATOM   1211 N N   . PRO A 1 163 ? -2.300  12.950  -8.755  1.00 27.71 ? 163 PRO A N   1 
ATOM   1212 C CA  . PRO A 1 163 ? -1.652  13.644  -7.639  1.00 26.87 ? 163 PRO A CA  1 
ATOM   1213 C C   . PRO A 1 163 ? -2.566  13.999  -6.466  1.00 25.45 ? 163 PRO A C   1 
ATOM   1214 O O   . PRO A 1 163 ? -2.207  13.762  -5.314  1.00 25.56 ? 163 PRO A O   1 
ATOM   1215 C CB  . PRO A 1 163 ? -1.046  14.878  -8.307  1.00 27.86 ? 163 PRO A CB  1 
ATOM   1216 C CG  . PRO A 1 163 ? -0.684  14.351  -9.668  1.00 28.00 ? 163 PRO A CG  1 
ATOM   1217 C CD  . PRO A 1 163 ? -1.926  13.569  -10.041 1.00 27.61 ? 163 PRO A CD  1 
ATOM   1218 N N   . THR A 1 164 ? -3.740  14.560  -6.743  1.00 24.83 ? 164 THR A N   1 
ATOM   1219 C CA  . THR A 1 164 ? -4.648  14.929  -5.660  1.00 26.08 ? 164 THR A CA  1 
ATOM   1220 C C   . THR A 1 164 ? -5.236  13.684  -4.998  1.00 25.38 ? 164 THR A C   1 
ATOM   1221 O O   . THR A 1 164 ? -5.474  13.666  -3.785  1.00 26.30 ? 164 THR A O   1 
ATOM   1222 C CB  . THR A 1 164 ? -5.806  15.833  -6.153  1.00 27.13 ? 164 THR A CB  1 
ATOM   1223 O OG1 . THR A 1 164 ? -6.544  16.317  -5.018  1.00 26.47 ? 164 THR A OG1 1 
ATOM   1224 C CG2 . THR A 1 164 ? -6.750  15.060  -7.065  1.00 26.45 ? 164 THR A CG2 1 
ATOM   1225 N N   . ILE A 1 165 ? -5.463  12.649  -5.802  1.00 24.49 ? 165 ILE A N   1 
ATOM   1226 C CA  . ILE A 1 165 ? -6.000  11.382  -5.313  1.00 22.79 ? 165 ILE A CA  1 
ATOM   1227 C C   . ILE A 1 165 ? -5.035  10.775  -4.285  1.00 23.11 ? 165 ILE A C   1 
ATOM   1228 O O   . ILE A 1 165 ? -5.460  10.246  -3.255  1.00 22.41 ? 165 ILE A O   1 
ATOM   1229 C CB  . ILE A 1 165 ? -6.207  10.380  -6.485  1.00 24.27 ? 165 ILE A CB  1 
ATOM   1230 C CG1 . ILE A 1 165 ? -7.382  10.839  -7.352  1.00 23.76 ? 165 ILE A CG1 1 
ATOM   1231 C CG2 . ILE A 1 165 ? -6.452  8.964   -5.950  1.00 23.63 ? 165 ILE A CG2 1 
ATOM   1232 C CD1 . ILE A 1 165 ? -7.457  10.143  -8.696  1.00 23.28 ? 165 ILE A CD1 1 
ATOM   1233 N N   . CYS A 1 166 ? -3.738  10.861  -4.560  1.00 22.65 ? 166 CYS A N   1 
ATOM   1234 C CA  . CYS A 1 166 ? -2.749  10.319  -3.635  1.00 22.53 ? 166 CYS A CA  1 
ATOM   1235 C C   . CYS A 1 166 ? -2.675  11.144  -2.357  1.00 22.78 ? 166 CYS A C   1 
ATOM   1236 O O   . CYS A 1 166 ? -2.437  10.598  -1.279  1.00 23.12 ? 166 CYS A O   1 
ATOM   1237 C CB  . CYS A 1 166 ? -1.381  10.236  -4.313  1.00 23.21 ? 166 CYS A CB  1 
ATOM   1238 S SG  . CYS A 1 166 ? -1.325  8.960   -5.596  1.00 26.75 ? 166 CYS A SG  1 
ATOM   1239 N N   . GLU A 1 167 ? -2.883  12.453  -2.467  1.00 21.17 ? 167 GLU A N   1 
ATOM   1240 C CA  . GLU A 1 167 ? -2.869  13.305  -1.282  1.00 21.69 ? 167 GLU A CA  1 
ATOM   1241 C C   . GLU A 1 167 ? -4.066  12.883  -0.413  1.00 21.55 ? 167 GLU A C   1 
ATOM   1242 O O   . GLU A 1 167 ? -3.962  12.765  0.816   1.00 20.45 ? 167 GLU A O   1 
ATOM   1243 C CB  . GLU A 1 167 ? -3.006  14.778  -1.676  1.00 23.73 ? 167 GLU A CB  1 
ATOM   1244 C CG  . GLU A 1 167 ? -1.878  15.320  -2.564  1.00 23.28 ? 167 GLU A CG  1 
ATOM   1245 C CD  . GLU A 1 167 ? -0.561  15.538  -1.818  1.00 28.01 ? 167 GLU A CD  1 
ATOM   1246 O OE1 . GLU A 1 167 ? 0.453   15.848  -2.489  1.00 28.56 ? 167 GLU A OE1 1 
ATOM   1247 O OE2 . GLU A 1 167 ? -0.531  15.412  -0.571  1.00 27.51 ? 167 GLU A OE2 1 
ATOM   1248 N N   . GLN A 1 168 ? -5.203  12.657  -1.061  1.00 19.40 ? 168 GLN A N   1 
ATOM   1249 C CA  . GLN A 1 168 ? -6.405  12.244  -0.350  1.00 21.88 ? 168 GLN A CA  1 
ATOM   1250 C C   . GLN A 1 168 ? -6.190  10.881  0.312   1.00 20.57 ? 168 GLN A C   1 
ATOM   1251 O O   . GLN A 1 168 ? -6.610  10.666  1.444   1.00 23.35 ? 168 GLN A O   1 
ATOM   1252 C CB  . GLN A 1 168 ? -7.591  12.206  -1.318  1.00 22.47 ? 168 GLN A CB  1 
ATOM   1253 C CG  . GLN A 1 168 ? -7.976  13.606  -1.814  1.00 23.33 ? 168 GLN A CG  1 
ATOM   1254 C CD  . GLN A 1 168 ? -8.892  13.596  -3.028  1.00 24.98 ? 168 GLN A CD  1 
ATOM   1255 O OE1 . GLN A 1 168 ? -9.834  12.802  -3.111  1.00 24.11 ? 168 GLN A OE1 1 
ATOM   1256 N NE2 . GLN A 1 168 ? -8.629  14.499  -3.975  1.00 24.79 ? 168 GLN A NE2 1 
ATOM   1257 N N   . ALA A 1 169 ? -5.517  9.972   -0.390  1.00 20.42 ? 169 ALA A N   1 
ATOM   1258 C CA  . ALA A 1 169 ? -5.256  8.641   0.152   1.00 20.49 ? 169 ALA A CA  1 
ATOM   1259 C C   . ALA A 1 169 ? -4.312  8.732   1.344   1.00 20.87 ? 169 ALA A C   1 
ATOM   1260 O O   . ALA A 1 169 ? -4.482  8.021   2.335   1.00 19.60 ? 169 ALA A O   1 
ATOM   1261 C CB  . ALA A 1 169 ? -4.669  7.746   -0.923  1.00 19.63 ? 169 ALA A CB  1 
ATOM   1262 N N   . ALA A 1 170 ? -3.316  9.607   1.245   1.00 20.93 ? 170 ALA A N   1 
ATOM   1263 C CA  . ALA A 1 170 ? -2.380  9.789   2.338   1.00 21.72 ? 170 ALA A CA  1 
ATOM   1264 C C   . ALA A 1 170 ? -3.154  10.384  3.516   1.00 21.87 ? 170 ALA A C   1 
ATOM   1265 O O   . ALA A 1 170 ? -2.919  10.017  4.669   1.00 22.54 ? 170 ALA A O   1 
ATOM   1266 C CB  . ALA A 1 170 ? -1.243  10.715  1.920   1.00 19.61 ? 170 ALA A CB  1 
ATOM   1267 N N   . ASP A 1 171 ? -4.073  11.304  3.222   1.00 21.07 ? 171 ASP A N   1 
ATOM   1268 C CA  . ASP A 1 171 ? -4.895  11.925  4.261   1.00 22.39 ? 171 ASP A CA  1 
ATOM   1269 C C   . ASP A 1 171 ? -5.773  10.876  4.947   1.00 22.67 ? 171 ASP A C   1 
ATOM   1270 O O   . ASP A 1 171 ? -5.898  10.857  6.170   1.00 20.92 ? 171 ASP A O   1 
ATOM   1271 C CB  . ASP A 1 171 ? -5.808  13.004  3.668   1.00 24.84 ? 171 ASP A CB  1 
ATOM   1272 C CG  . ASP A 1 171 ? -5.077  14.306  3.387   1.00 26.35 ? 171 ASP A CG  1 
ATOM   1273 O OD1 . ASP A 1 171 ? -3.948  14.492  3.901   1.00 27.95 ? 171 ASP A OD1 1 
ATOM   1274 O OD2 . ASP A 1 171 ? -5.645  15.146  2.662   1.00 26.76 ? 171 ASP A OD2 1 
ATOM   1275 N N   . ALA A 1 172 ? -6.384  10.007  4.150   1.00 21.00 ? 172 ALA A N   1 
ATOM   1276 C CA  . ALA A 1 172 ? -7.254  8.970   4.695   1.00 23.11 ? 172 ALA A CA  1 
ATOM   1277 C C   . ALA A 1 172 ? -6.455  8.029   5.586   1.00 23.80 ? 172 ALA A C   1 
ATOM   1278 O O   . ALA A 1 172 ? -6.970  7.505   6.575   1.00 22.58 ? 172 ALA A O   1 
ATOM   1279 C CB  . ALA A 1 172 ? -7.932  8.190   3.553   1.00 22.32 ? 172 ALA A CB  1 
ATOM   1280 N N   . THR A 1 173 ? -5.183  7.827   5.246   1.00 24.56 ? 173 THR A N   1 
ATOM   1281 C CA  . THR A 1 173 ? -4.337  6.946   6.031   1.00 24.05 ? 173 THR A CA  1 
ATOM   1282 C C   . THR A 1 173 ? -4.053  7.590   7.382   1.00 24.75 ? 173 THR A C   1 
ATOM   1283 O O   . THR A 1 173 ? -4.063  6.923   8.426   1.00 22.27 ? 173 THR A O   1 
ATOM   1284 C CB  . THR A 1 173 ? -3.015  6.666   5.320   1.00 23.87 ? 173 THR A CB  1 
ATOM   1285 O OG1 . THR A 1 173 ? -3.282  6.159   4.004   1.00 26.27 ? 173 THR A OG1 1 
ATOM   1286 C CG2 . THR A 1 173 ? -2.213  5.623   6.091   1.00 24.59 ? 173 THR A CG2 1 
ATOM   1287 N N   . GLU A 1 174 ? -3.806  8.894   7.364   1.00 23.82 ? 174 GLU A N   1 
ATOM   1288 C CA  . GLU A 1 174 ? -3.533  9.610   8.596   1.00 25.77 ? 174 GLU A CA  1 
ATOM   1289 C C   . GLU A 1 174 ? -4.765  9.617   9.492   1.00 25.57 ? 174 GLU A C   1 
ATOM   1290 O O   . GLU A 1 174 ? -4.656  9.411   10.696  1.00 27.10 ? 174 GLU A O   1 
ATOM   1291 C CB  . GLU A 1 174 ? -3.063  11.035  8.282   1.00 26.87 ? 174 GLU A CB  1 
ATOM   1292 C CG  . GLU A 1 174 ? -1.665  11.060  7.659   1.00 30.55 ? 174 GLU A CG  1 
ATOM   1293 C CD  . GLU A 1 174 ? -1.212  12.449  7.234   1.00 34.08 ? 174 GLU A CD  1 
ATOM   1294 O OE1 . GLU A 1 174 ? -0.008  12.626  6.954   1.00 37.52 ? 174 GLU A OE1 1 
ATOM   1295 O OE2 . GLU A 1 174 ? -2.055  13.363  7.172   1.00 34.54 ? 174 GLU A OE2 1 
ATOM   1296 N N   . LEU A 1 175 ? -5.937  9.845   8.910   1.00 25.81 ? 175 LEU A N   1 
ATOM   1297 C CA  . LEU A 1 175 ? -7.164  9.864   9.703   1.00 27.34 ? 175 LEU A CA  1 
ATOM   1298 C C   . LEU A 1 175 ? -7.392  8.477   10.306  1.00 27.90 ? 175 LEU A C   1 
ATOM   1299 O O   . LEU A 1 175 ? -7.813  8.351   11.457  1.00 27.61 ? 175 LEU A O   1 
ATOM   1300 C CB  . LEU A 1 175 ? -8.358  10.278  8.834   1.00 25.98 ? 175 LEU A CB  1 
ATOM   1301 C CG  . LEU A 1 175 ? -9.748  10.193  9.476   1.00 26.75 ? 175 LEU A CG  1 
ATOM   1302 C CD1 . LEU A 1 175 ? -9.802  10.998  10.772  1.00 26.13 ? 175 LEU A CD1 1 
ATOM   1303 C CD2 . LEU A 1 175 ? -10.779 10.713  8.488   1.00 26.54 ? 175 LEU A CD2 1 
ATOM   1304 N N   . LEU A 1 176 ? -7.090  7.443   9.524   1.00 28.26 ? 176 LEU A N   1 
ATOM   1305 C CA  . LEU A 1 176 ? -7.236  6.057   9.971   1.00 27.66 ? 176 LEU A CA  1 
ATOM   1306 C C   . LEU A 1 176 ? -6.320  5.810   11.169  1.00 27.54 ? 176 LEU A C   1 
ATOM   1307 O O   . LEU A 1 176 ? -6.717  5.190   12.162  1.00 26.34 ? 176 LEU A O   1 
ATOM   1308 C CB  . LEU A 1 176 ? -6.847  5.099   8.847   1.00 27.84 ? 176 LEU A CB  1 
ATOM   1309 C CG  . LEU A 1 176 ? -7.716  3.882   8.525   1.00 30.11 ? 176 LEU A CG  1 
ATOM   1310 C CD1 . LEU A 1 176 ? -6.835  2.840   7.822   1.00 25.11 ? 176 LEU A CD1 1 
ATOM   1311 C CD2 . LEU A 1 176 ? -8.334  3.293   9.789   1.00 28.60 ? 176 LEU A CD2 1 
ATOM   1312 N N   . ILE A 1 177 ? -5.082  6.290   11.057  1.00 27.52 ? 177 ILE A N   1 
ATOM   1313 C CA  . ILE A 1 177 ? -4.091  6.148   12.119  1.00 28.45 ? 177 ILE A CA  1 
ATOM   1314 C C   . ILE A 1 177 ? -4.573  6.842   13.393  1.00 31.51 ? 177 ILE A C   1 
ATOM   1315 O O   . ILE A 1 177 ? -4.411  6.337   14.503  1.00 28.84 ? 177 ILE A O   1 
ATOM   1316 C CB  . ILE A 1 177 ? -2.727  6.760   11.698  1.00 28.22 ? 177 ILE A CB  1 
ATOM   1317 C CG1 . ILE A 1 177 ? -2.100  5.922   10.576  1.00 25.20 ? 177 ILE A CG1 1 
ATOM   1318 C CG2 . ILE A 1 177 ? -1.799  6.851   12.904  1.00 27.73 ? 177 ILE A CG2 1 
ATOM   1319 C CD1 . ILE A 1 177 ? -0.845  6.561   9.948   1.00 26.37 ? 177 ILE A CD1 1 
ATOM   1320 N N   . GLU A 1 178 ? -5.173  8.019   13.223  1.00 34.58 ? 178 GLU A N   1 
ATOM   1321 C CA  . GLU A 1 178 ? -5.682  8.792   14.350  1.00 39.94 ? 178 GLU A CA  1 
ATOM   1322 C C   . GLU A 1 178 ? -6.880  8.152   15.016  1.00 42.43 ? 178 GLU A C   1 
ATOM   1323 O O   . GLU A 1 178 ? -7.056  8.236   16.229  1.00 41.85 ? 178 GLU A O   1 
ATOM   1324 C CB  . GLU A 1 178 ? -6.045  10.199  13.912  1.00 40.41 ? 178 GLU A CB  1 
ATOM   1325 C CG  . GLU A 1 178 ? -6.713  11.047  14.996  1.00 43.87 ? 178 GLU A CG  1 
ATOM   1326 C CD  . GLU A 1 178 ? -6.947  12.486  14.572  1.00 45.05 ? 178 GLU A CD  1 
ATOM   1327 O OE1 . GLU A 1 178 ? -5.961  13.251  14.475  1.00 46.65 ? 178 GLU A OE1 1 
ATOM   1328 O OE2 . GLU A 1 178 ? -8.118  12.848  14.325  1.00 46.32 ? 178 GLU A OE2 1 
ATOM   1329 N N   . GLN A 1 179 ? -7.755  7.512   14.243  1.00 44.41 ? 179 GLN A N   1 
ATOM   1330 C CA  . GLN A 1 179 ? -8.936  6.882   14.835  1.00 49.05 ? 179 GLN A CA  1 
ATOM   1331 C C   . GLN A 1 179 ? -8.904  5.346   14.735  1.00 50.21 ? 179 GLN A C   1 
ATOM   1332 O O   . GLN A 1 179 ? -9.130  4.705   15.779  1.00 50.89 ? 179 GLN A O   1 
ATOM   1333 C CB  . GLN A 1 179 ? -10.221 7.403   14.172  1.00 51.17 ? 179 GLN A CB  1 
ATOM   1334 C CG  . GLN A 1 179 ? -10.141 7.582   12.665  1.00 56.28 ? 179 GLN A CG  1 
ATOM   1335 C CD  . GLN A 1 179 ? -10.638 6.398   11.840  1.00 59.68 ? 179 GLN A CD  1 
ATOM   1336 O OE1 . GLN A 1 179 ? -10.588 6.445   10.605  1.00 62.85 ? 179 GLN A OE1 1 
ATOM   1337 N NE2 . GLN A 1 179 ? -11.124 5.345   12.497  1.00 61.58 ? 179 GLN A NE2 1 
HETATM 1338 O O   . HOH B 2 .   ? -7.303  3.868   -13.758 1.00 17.27 ? 192 HOH A O   1 
HETATM 1339 O O   . HOH B 2 .   ? 4.802   10.206  -3.739  1.00 27.17 ? 193 HOH A O   1 
HETATM 1340 O O   . HOH B 2 .   ? 9.286   9.897   0.289   1.00 29.38 ? 194 HOH A O   1 
HETATM 1341 O O   . HOH B 2 .   ? 14.818  1.142   -12.209 1.00 32.43 ? 195 HOH A O   1 
HETATM 1342 O O   . HOH B 2 .   ? -8.933  -11.752 -18.766 1.00 30.17 ? 196 HOH A O   1 
HETATM 1343 O O   . HOH B 2 .   ? -8.778  8.236   -19.462 1.00 34.73 ? 197 HOH A O   1 
HETATM 1344 O O   . HOH B 2 .   ? 14.028  -3.486  -5.443  1.00 37.00 ? 198 HOH A O   1 
HETATM 1345 O O   . HOH B 2 .   ? -11.914 -1.670  -24.762 1.00 50.15 ? 199 HOH A O   1 
HETATM 1346 O O   . HOH B 2 .   ? -13.750 4.587   -12.898 1.00 26.20 ? 200 HOH A O   1 
HETATM 1347 O O   . HOH B 2 .   ? 8.499   0.730   -8.979  1.00 26.37 ? 201 HOH A O   1 
HETATM 1348 O O   . HOH B 2 .   ? -8.754  -4.370  0.499   1.00 20.20 ? 202 HOH A O   1 
HETATM 1349 O O   . HOH B 2 .   ? -8.100  18.861  -12.562 1.00 37.23 ? 203 HOH A O   1 
HETATM 1350 O O   . HOH B 2 .   ? 7.191   8.848   -5.342  1.00 44.01 ? 204 HOH A O   1 
HETATM 1351 O O   . HOH B 2 .   ? -0.453  -0.345  -5.005  1.00 22.02 ? 205 HOH A O   1 
HETATM 1352 O O   . HOH B 2 .   ? 3.295   -2.041  -10.947 1.00 23.10 ? 206 HOH A O   1 
HETATM 1353 O O   . HOH B 2 .   ? -13.257 9.481   -8.004  1.00 37.21 ? 207 HOH A O   1 
HETATM 1354 O O   . HOH B 2 .   ? -10.899 6.397   -15.653 1.00 31.23 ? 208 HOH A O   1 
HETATM 1355 O O   . HOH B 2 .   ? 1.914   4.597   -9.431  1.00 21.05 ? 209 HOH A O   1 
HETATM 1356 O O   . HOH B 2 .   ? -10.543 2.192   -15.261 1.00 30.19 ? 210 HOH A O   1 
HETATM 1357 O O   . HOH B 2 .   ? 11.693  -11.865 3.552   1.00 28.64 ? 211 HOH A O   1 
HETATM 1358 O O   . HOH B 2 .   ? 4.948   -4.475  -3.011  1.00 23.58 ? 212 HOH A O   1 
HETATM 1359 O O   . HOH B 2 .   ? -7.590  -2.569  12.568  1.00 40.81 ? 213 HOH A O   1 
HETATM 1360 O O   . HOH B 2 .   ? -5.350  -3.317  16.323  1.00 45.19 ? 214 HOH A O   1 
HETATM 1361 O O   . HOH B 2 .   ? -1.890  14.726  -17.729 1.00 25.75 ? 215 HOH A O   1 
HETATM 1362 O O   . HOH B 2 .   ? -9.525  11.451  4.892   1.00 35.72 ? 216 HOH A O   1 
HETATM 1363 O O   . HOH B 2 .   ? 1.208   6.827   -10.480 1.00 41.47 ? 217 HOH A O   1 
HETATM 1364 O O   . HOH B 2 .   ? 13.109  6.690   8.561   1.00 35.26 ? 218 HOH A O   1 
HETATM 1365 O O   . HOH B 2 .   ? -2.866  -18.322 -7.073  1.00 47.77 ? 219 HOH A O   1 
HETATM 1366 O O   . HOH B 2 .   ? 10.081  2.422   15.142  1.00 35.88 ? 220 HOH A O   1 
HETATM 1367 O O   . HOH B 2 .   ? 0.637   13.852  -4.645  1.00 42.63 ? 221 HOH A O   1 
HETATM 1368 O O   . HOH B 2 .   ? -11.159 11.624  -5.198  1.00 35.84 ? 222 HOH A O   1 
HETATM 1369 O O   . HOH B 2 .   ? 2.024   -7.630  -10.745 1.00 15.04 ? 223 HOH A O   1 
HETATM 1370 O O   . HOH B 2 .   ? -2.209  -8.651  -11.665 1.00 28.69 ? 224 HOH A O   1 
HETATM 1371 O O   . HOH B 2 .   ? -0.134  -7.917  -12.940 1.00 32.24 ? 225 HOH A O   1 
HETATM 1372 O O   . HOH B 2 .   ? -7.968  -4.699  -7.265  1.00 26.56 ? 226 HOH A O   1 
HETATM 1373 O O   . HOH B 2 .   ? -12.314 -8.742  -21.628 1.00 33.52 ? 227 HOH A O   1 
HETATM 1374 O O   . HOH B 2 .   ? 0.842   -3.758  17.122  1.00 48.93 ? 228 HOH A O   1 
HETATM 1375 O O   . HOH B 2 .   ? 5.719   3.832   -7.394  1.00 32.15 ? 229 HOH A O   1 
HETATM 1376 O O   . HOH B 2 .   ? 9.137   -3.386  -5.128  1.00 40.91 ? 230 HOH A O   1 
HETATM 1377 O O   . HOH B 2 .   ? 11.159  -1.707  -4.897  1.00 34.95 ? 231 HOH A O   1 
HETATM 1378 O O   . HOH B 2 .   ? 11.927  0.497   -7.109  1.00 41.29 ? 232 HOH A O   1 
HETATM 1379 O O   . HOH B 2 .   ? 12.164  -0.876  -14.368 1.00 44.68 ? 233 HOH A O   1 
HETATM 1380 O O   . HOH B 2 .   ? 0.779   7.111   -14.665 1.00 29.97 ? 234 HOH A O   1 
HETATM 1381 O O   . HOH B 2 .   ? 4.615   11.835  -5.729  1.00 45.31 ? 235 HOH A O   1 
HETATM 1382 O O   . HOH B 2 .   ? 10.550  8.014   -0.493  1.00 31.23 ? 236 HOH A O   1 
HETATM 1383 O O   . HOH B 2 .   ? 6.525   11.915  -2.348  1.00 33.83 ? 237 HOH A O   1 
HETATM 1384 O O   . HOH B 2 .   ? 9.522   10.559  -3.678  1.00 42.64 ? 238 HOH A O   1 
HETATM 1385 O O   . HOH B 2 .   ? 10.951  10.933  2.480   1.00 32.21 ? 239 HOH A O   1 
HETATM 1386 O O   . HOH B 2 .   ? 18.973  3.401   2.153   1.00 52.63 ? 240 HOH A O   1 
HETATM 1387 O O   . HOH B 2 .   ? 18.765  -3.234  8.249   1.00 37.99 ? 241 HOH A O   1 
HETATM 1388 O O   . HOH B 2 .   ? 8.149   4.511   14.871  1.00 36.92 ? 242 HOH A O   1 
HETATM 1389 O O   . HOH B 2 .   ? 9.078   7.213   17.481  1.00 49.79 ? 243 HOH A O   1 
HETATM 1390 O O   . HOH B 2 .   ? 2.274   12.389  16.714  1.00 39.89 ? 244 HOH A O   1 
HETATM 1391 O O   . HOH B 2 .   ? -2.727  10.475  12.254  1.00 35.24 ? 245 HOH A O   1 
HETATM 1392 O O   . HOH B 2 .   ? 8.046   1.903   17.957  1.00 43.28 ? 246 HOH A O   1 
HETATM 1393 O O   . HOH B 2 .   ? 10.041  -11.028 -5.977  1.00 36.78 ? 247 HOH A O   1 
HETATM 1394 O O   . HOH B 2 .   ? 3.093   -14.739 0.994   1.00 41.73 ? 248 HOH A O   1 
HETATM 1395 O O   . HOH B 2 .   ? 8.417   -14.532 16.891  1.00 40.85 ? 249 HOH A O   1 
HETATM 1396 O O   . HOH B 2 .   ? 8.212   -14.215 9.305   1.00 52.44 ? 250 HOH A O   1 
HETATM 1397 O O   . HOH B 2 .   ? -4.419  -8.915  14.602  1.00 36.53 ? 251 HOH A O   1 
HETATM 1398 O O   . HOH B 2 .   ? -16.074 -3.002  -3.958  1.00 39.06 ? 252 HOH A O   1 
HETATM 1399 O O   . HOH B 2 .   ? -14.223 3.580   3.784   1.00 39.96 ? 253 HOH A O   1 
HETATM 1400 O O   . HOH B 2 .   ? -14.278 -0.440  2.115   1.00 36.83 ? 254 HOH A O   1 
HETATM 1401 O O   . HOH B 2 .   ? -12.728 -9.460  -3.047  1.00 55.30 ? 255 HOH A O   1 
HETATM 1402 O O   . HOH B 2 .   ? -8.077  -4.718  -4.337  1.00 29.50 ? 256 HOH A O   1 
HETATM 1403 O O   . HOH B 2 .   ? -4.060  -15.467 0.089   1.00 33.36 ? 257 HOH A O   1 
HETATM 1404 O O   . HOH B 2 .   ? -5.096  -6.500  -9.757  1.00 24.17 ? 258 HOH A O   1 
HETATM 1405 O O   . HOH B 2 .   ? -3.743  -17.200 1.941   1.00 50.92 ? 259 HOH A O   1 
HETATM 1406 O O   . HOH B 2 .   ? -3.341  -18.000 11.297  1.00 43.19 ? 260 HOH A O   1 
HETATM 1407 O O   . HOH B 2 .   ? -3.807  -19.300 9.093   1.00 49.88 ? 261 HOH A O   1 
HETATM 1408 O O   . HOH B 2 .   ? -2.924  -15.226 11.611  1.00 42.36 ? 262 HOH A O   1 
HETATM 1409 O O   . HOH B 2 .   ? -8.680  -14.656 10.105  1.00 44.06 ? 263 HOH A O   1 
HETATM 1410 O O   . HOH B 2 .   ? -9.136  -14.030 7.494   1.00 32.64 ? 264 HOH A O   1 
HETATM 1411 O O   . HOH B 2 .   ? -12.610 -5.410  -18.065 1.00 43.00 ? 265 HOH A O   1 
HETATM 1412 O O   . HOH B 2 .   ? 0.362   17.334  5.662   1.00 37.17 ? 266 HOH A O   1 
HETATM 1413 O O   . HOH B 2 .   ? 1.763   2.367   -20.075 1.00 31.88 ? 267 HOH A O   1 
HETATM 1414 O O   . HOH B 2 .   ? -4.356  2.999   -19.879 1.00 36.96 ? 268 HOH A O   1 
HETATM 1415 O O   . HOH B 2 .   ? -10.620 6.666   -18.813 1.00 52.14 ? 269 HOH A O   1 
HETATM 1416 O O   . HOH B 2 .   ? -4.023  16.101  -9.313  1.00 25.79 ? 270 HOH A O   1 
HETATM 1417 O O   . HOH B 2 .   ? -6.771  17.474  -9.394  1.00 24.81 ? 271 HOH A O   1 
HETATM 1418 O O   . HOH B 2 .   ? -8.881  11.884  2.393   1.00 28.96 ? 272 HOH A O   1 
HETATM 1419 O O   . HOH B 2 .   ? -8.329  14.660  2.253   1.00 29.30 ? 273 HOH A O   1 
HETATM 1420 O O   . HOH B 2 .   ? -9.793  7.552   6.899   1.00 27.10 ? 274 HOH A O   1 
HETATM 1421 O O   . HOH B 2 .   ? -9.705  -13.852 -20.100 1.00 43.55 ? 275 HOH A O   1 
HETATM 1422 O O   . HOH B 2 .   ? -5.812  -11.116 -14.826 1.00 30.48 ? 276 HOH A O   1 
HETATM 1423 O O   . HOH B 2 .   ? -10.873 9.947   -18.674 1.00 46.05 ? 277 HOH A O   1 
HETATM 1424 O O   . HOH B 2 .   ? -8.929  3.502   -17.228 1.00 36.99 ? 278 HOH A O   1 
HETATM 1425 O O   . HOH B 2 .   ? -3.214  18.497  -12.475 1.00 38.23 ? 279 HOH A O   1 
HETATM 1426 O O   . HOH B 2 .   ? -12.144 4.245   -14.770 1.00 31.02 ? 280 HOH A O   1 
HETATM 1427 O O   . HOH B 2 .   ? 0.439   -8.062  -17.272 1.00 36.63 ? 281 HOH A O   1 
HETATM 1428 O O   . HOH B 2 .   ? 1.566   12.010  -6.492  1.00 44.76 ? 282 HOH A O   1 
HETATM 1429 O O   . HOH B 2 .   ? -3.736  12.975  12.245  1.00 39.97 ? 283 HOH A O   1 
HETATM 1430 O O   . HOH B 2 .   ? -17.672 5.920   2.618   1.00 51.14 ? 284 HOH A O   1 
HETATM 1431 O O   . HOH B 2 .   ? -6.154  1.154   -22.927 1.00 39.60 ? 285 HOH A O   1 
HETATM 1432 O O   . HOH B 2 .   ? 0.559   -3.572  -19.381 1.00 33.56 ? 286 HOH A O   1 
HETATM 1433 O O   . HOH B 2 .   ? -14.307 -3.078  7.433   1.00 36.86 ? 287 HOH A O   1 
HETATM 1434 O O   . HOH B 2 .   ? -3.635  6.821   21.146  1.00 56.36 ? 288 HOH A O   1 
HETATM 1435 O O   . HOH B 2 .   ? 5.219   -5.808  -18.194 1.00 47.03 ? 289 HOH A O   1 
HETATM 1436 O O   . HOH B 2 .   ? 5.775   3.607   -14.637 1.00 30.95 ? 290 HOH A O   1 
HETATM 1437 O O   . HOH B 2 .   ? 7.477   11.674  12.210  1.00 44.35 ? 291 HOH A O   1 
HETATM 1438 O O   . HOH B 2 .   ? 13.424  7.678   1.211   1.00 40.28 ? 292 HOH A O   1 
HETATM 1439 O O   . HOH B 2 .   ? 9.169   4.172   19.736  1.00 44.63 ? 293 HOH A O   1 
HETATM 1440 O O   . HOH B 2 .   ? 2.857   -10.293 13.811  1.00 37.34 ? 294 HOH A O   1 
HETATM 1441 O O   . HOH B 2 .   ? 2.594   15.816  8.606   1.00 56.27 ? 295 HOH A O   1 
HETATM 1442 O O   . HOH B 2 .   ? -17.527 -2.925  -5.929  1.00 64.02 ? 296 HOH A O   1 
HETATM 1443 O O   . HOH B 2 .   ? 19.748  -0.151  6.203   1.00 55.37 ? 297 HOH A O   1 
HETATM 1444 O O   . HOH B 2 .   ? 12.238  4.812   -1.513  1.00 34.67 ? 298 HOH A O   1 
HETATM 1445 O O   . HOH B 2 .   ? 5.311   -14.554 7.204   1.00 58.37 ? 299 HOH A O   1 
HETATM 1446 O O   . HOH B 2 .   ? -17.238 -2.927  -8.485  1.00 51.20 ? 300 HOH A O   1 
HETATM 1447 O O   . HOH B 2 .   ? -12.978 9.081   -2.507  1.00 30.17 ? 301 HOH A O   1 
HETATM 1448 O O   . HOH B 2 .   ? -16.170 -7.815  -13.050 1.00 54.44 ? 302 HOH A O   1 
HETATM 1449 O O   . HOH B 2 .   ? 3.077   16.767  -2.543  1.00 61.78 ? 303 HOH A O   1 
HETATM 1450 O O   . HOH B 2 .   ? 18.170  -6.301  2.394   1.00 36.91 ? 304 HOH A O   1 
HETATM 1451 O O   . HOH B 2 .   ? -2.894  -12.624 14.603  1.00 52.44 ? 305 HOH A O   1 
HETATM 1452 O O   . HOH B 2 .   ? -5.350  -3.986  -8.606  1.00 29.97 ? 306 HOH A O   1 
HETATM 1453 O O   . HOH B 2 .   ? -18.071 -0.323  -4.262  1.00 41.77 ? 307 HOH A O   1 
HETATM 1454 O O   . HOH B 2 .   ? -0.182  -14.380 -7.466  1.00 57.31 ? 308 HOH A O   1 
HETATM 1455 O O   . HOH B 2 .   ? -16.543 -3.645  -15.712 1.00 40.85 ? 309 HOH A O   1 
HETATM 1456 O O   . HOH B 2 .   ? -1.160  -9.664  -18.959 1.00 33.51 ? 310 HOH A O   1 
HETATM 1457 O O   . HOH B 2 .   ? -6.113  11.007  -21.588 1.00 39.65 ? 311 HOH A O   1 
HETATM 1458 O O   . HOH B 2 .   ? 4.932   -5.084  20.445  1.00 37.64 ? 312 HOH A O   1 
HETATM 1459 O O   . HOH B 2 .   ? 3.922   11.332  -18.356 1.00 47.71 ? 313 HOH A O   1 
HETATM 1460 O O   . HOH B 2 .   ? -17.200 1.424   -7.782  1.00 46.51 ? 314 HOH A O   1 
HETATM 1461 O O   . HOH B 2 .   ? -10.156 -5.508  -2.234  1.00 49.38 ? 315 HOH A O   1 
HETATM 1462 O O   . HOH B 2 .   ? -11.809 -11.625 7.016   1.00 51.73 ? 316 HOH A O   1 
HETATM 1463 O O   . HOH B 2 .   ? 2.662   5.323   21.940  1.00 67.66 ? 317 HOH A O   1 
HETATM 1464 O O   . HOH B 2 .   ? 1.469   -8.890  18.834  1.00 66.42 ? 318 HOH A O   1 
HETATM 1465 O O   . HOH B 2 .   ? -5.648  2.358   12.878  1.00 47.24 ? 319 HOH A O   1 
HETATM 1466 O O   . HOH B 2 .   ? -9.483  2.440   13.085  1.00 43.16 ? 320 HOH A O   1 
HETATM 1467 O O   . HOH B 2 .   ? 4.557   -2.736  -18.108 1.00 54.56 ? 321 HOH A O   1 
HETATM 1468 O O   . HOH B 2 .   ? 5.250   1.003   -18.411 1.00 59.71 ? 322 HOH A O   1 
HETATM 1469 O O   . HOH B 2 .   ? 1.063   8.610   -12.820 1.00 48.81 ? 323 HOH A O   1 
HETATM 1470 O O   . HOH B 2 .   ? 0.225   10.592  -17.811 1.00 64.72 ? 324 HOH A O   1 
HETATM 1471 O O   . HOH B 2 .   ? 5.883   14.438  -1.442  1.00 43.85 ? 325 HOH A O   1 
HETATM 1472 O O   . HOH B 2 .   ? 18.729  -5.379  11.721  1.00 52.66 ? 326 HOH A O   1 
HETATM 1473 O O   . HOH B 2 .   ? 7.620   -13.421 -9.292  1.00 58.52 ? 327 HOH A O   1 
HETATM 1474 O O   . HOH B 2 .   ? -10.868 -8.129  -9.385  1.00 59.62 ? 328 HOH A O   1 
HETATM 1475 O O   . HOH B 2 .   ? -14.803 -0.650  -11.188 1.00 66.88 ? 329 HOH A O   1 
HETATM 1476 O O   . HOH B 2 .   ? -11.104 8.811   5.384   1.00 41.89 ? 330 HOH A O   1 
HETATM 1477 O O   . HOH B 2 .   ? -16.543 1.835   3.290   1.00 64.33 ? 331 HOH A O   1 
HETATM 1478 O O   . HOH B 2 .   ? -9.048  -11.977 -5.609  1.00 55.55 ? 332 HOH A O   1 
HETATM 1479 O O   . HOH B 2 .   ? -5.215  -11.837 -10.137 1.00 53.42 ? 333 HOH A O   1 
HETATM 1480 O O   . HOH B 2 .   ? -14.661 -8.683  -19.866 1.00 57.30 ? 334 HOH A O   1 
HETATM 1481 O O   . HOH B 2 .   ? -8.093  -11.961 -14.482 1.00 44.56 ? 335 HOH A O   1 
HETATM 1482 O O   . HOH B 2 .   ? -10.972 10.988  14.951  1.00 46.10 ? 336 HOH A O   1 
HETATM 1483 O O   . HOH B 2 .   ? -7.265  -14.968 -12.300 1.00 70.38 ? 337 HOH A O   1 
HETATM 1484 O O   . HOH B 2 .   ? 16.455  -4.136  -4.516  1.00 59.02 ? 338 HOH A O   1 
HETATM 1485 O O   . HOH B 2 .   ? 15.814  2.639   -3.158  1.00 52.46 ? 339 HOH A O   1 
HETATM 1486 O O   . HOH B 2 .   ? 13.832  0.921   -17.244 1.00 65.53 ? 340 HOH A O   1 
HETATM 1487 O O   . HOH B 2 .   ? 7.185   5.773   -16.993 1.00 55.93 ? 341 HOH A O   1 
HETATM 1488 O O   . HOH B 2 .   ? 9.155   3.328   -20.954 1.00 53.47 ? 342 HOH A O   1 
HETATM 1489 O O   . HOH B 2 .   ? 9.367   4.694   -17.484 1.00 41.17 ? 343 HOH A O   1 
HETATM 1490 O O   . HOH B 2 .   ? 16.263  3.177   -13.223 1.00 54.29 ? 344 HOH A O   1 
HETATM 1491 O O   . HOH B 2 .   ? -5.841  -9.430  -12.044 1.00 62.54 ? 345 HOH A O   1 
HETATM 1492 O O   . HOH B 2 .   ? 9.793   2.989   -7.015  1.00 55.98 ? 346 HOH A O   1 
HETATM 1493 O O   . HOH B 2 .   ? 4.381   14.356  0.997   1.00 44.68 ? 347 HOH A O   1 
HETATM 1494 O O   . HOH B 2 .   ? 2.360   14.144  12.091  1.00 60.46 ? 348 HOH A O   1 
HETATM 1495 O O   . HOH B 2 .   ? 0.697   14.995  7.485   1.00 52.42 ? 349 HOH A O   1 
HETATM 1496 O O   . HOH B 2 .   ? 9.839   10.979  10.876  1.00 58.61 ? 350 HOH A O   1 
HETATM 1497 O O   . HOH B 2 .   ? 17.603  10.147  7.408   1.00 51.09 ? 351 HOH A O   1 
HETATM 1498 O O   . HOH B 2 .   ? 15.413  -7.293  -0.425  1.00 42.27 ? 352 HOH A O   1 
HETATM 1499 O O   . HOH B 2 .   ? 19.317  -9.505  3.868   1.00 52.41 ? 353 HOH A O   1 
HETATM 1500 O O   . HOH B 2 .   ? 14.268  3.694   8.470   1.00 53.76 ? 354 HOH A O   1 
HETATM 1501 O O   . HOH B 2 .   ? -5.903  9.286   18.198  1.00 57.23 ? 355 HOH A O   1 
HETATM 1502 O O   . HOH B 2 .   ? -0.556  -19.897 0.311   1.00 46.09 ? 356 HOH A O   1 
HETATM 1503 O O   . HOH B 2 .   ? 1.503   -11.591 15.531  1.00 54.19 ? 357 HOH A O   1 
HETATM 1504 O O   . HOH B 2 .   ? 0.656   -12.819 11.786  1.00 60.19 ? 358 HOH A O   1 
HETATM 1505 O O   . HOH B 2 .   ? -11.284 9.467   1.891   1.00 48.69 ? 359 HOH A O   1 
HETATM 1506 O O   . HOH B 2 .   ? -5.737  -13.969 -17.031 1.00 37.69 ? 360 HOH A O   1 
HETATM 1507 O O   . HOH B 2 .   ? 9.163   0.494   16.512  1.00 49.34 ? 361 HOH A O   1 
HETATM 1508 O O   . HOH B 2 .   ? -18.622 -0.785  -9.891  1.00 65.12 ? 362 HOH A O   1 
HETATM 1509 O O   . HOH B 2 .   ? -11.554 -5.165  -4.265  1.00 46.63 ? 363 HOH A O   1 
HETATM 1510 O O   . HOH B 2 .   ? -12.106 -9.820  -8.198  1.00 55.52 ? 364 HOH A O   1 
HETATM 1511 O O   . HOH B 2 .   ? -16.478 -1.248  -1.005  1.00 56.64 ? 365 HOH A O   1 
HETATM 1512 O O   . HOH B 2 .   ? -12.676 -7.706  -15.209 1.00 56.35 ? 366 HOH A O   1 
HETATM 1513 O O   . HOH B 2 .   ? -6.072  -5.764  -26.842 1.00 49.16 ? 367 HOH A O   1 
HETATM 1514 O O   . HOH B 2 .   ? -11.388 11.493  -1.444  1.00 46.16 ? 368 HOH A O   1 
HETATM 1515 O O   . HOH B 2 .   ? -5.308  12.248  -23.895 1.00 58.52 ? 369 HOH A O   1 
HETATM 1516 O O   . HOH B 2 .   ? -7.409  2.403   -19.526 1.00 54.72 ? 370 HOH A O   1 
# 
loop_
_pdbx_poly_seq_scheme.asym_id 
_pdbx_poly_seq_scheme.entity_id 
_pdbx_poly_seq_scheme.seq_id 
_pdbx_poly_seq_scheme.mon_id 
_pdbx_poly_seq_scheme.ndb_seq_num 
_pdbx_poly_seq_scheme.pdb_seq_num 
_pdbx_poly_seq_scheme.auth_seq_num 
_pdbx_poly_seq_scheme.pdb_mon_id 
_pdbx_poly_seq_scheme.auth_mon_id 
_pdbx_poly_seq_scheme.pdb_strand_id 
_pdbx_poly_seq_scheme.pdb_ins_code 
_pdbx_poly_seq_scheme.hetero 
A 1 1   MET 1   1   1   MET MET A . n 
A 1 2   ALA 2   2   2   ALA ALA A . n 
A 1 3   GLU 3   3   3   GLU GLU A . n 
A 1 4   PRO 4   4   4   PRO PRO A . n 
A 1 5   LEU 5   5   5   LEU LEU A . n 
A 1 6   LEU 6   6   6   LEU LEU A . n 
A 1 7   VAL 7   7   7   VAL VAL A . n 
A 1 8   VAL 8   8   8   VAL VAL A . n 
A 1 9   GLY 9   9   9   GLY GLY A . n 
A 1 10  LEU 10  10  10  LEU LEU A . n 
A 1 11  GLY 11  11  11  GLY GLY A . n 
A 1 12  ASN 12  12  12  ASN ASN A . n 
A 1 13  PRO 13  13  13  PRO PRO A . n 
A 1 14  GLY 14  14  14  GLY GLY A . n 
A 1 15  ALA 15  15  15  ALA ALA A . n 
A 1 16  ASN 16  16  16  ASN ASN A . n 
A 1 17  TYR 17  17  17  TYR TYR A . n 
A 1 18  ALA 18  18  18  ALA ALA A . n 
A 1 19  ARG 19  19  19  ARG ARG A . n 
A 1 20  THR 20  20  20  THR THR A . n 
A 1 21  ARG 21  21  21  ARG ARG A . n 
A 1 22  HIS 22  22  22  HIS HIS A . n 
A 1 23  ASN 23  23  23  ASN ASN A . n 
A 1 24  LEU 24  24  24  LEU LEU A . n 
A 1 25  GLY 25  25  25  GLY GLY A . n 
A 1 26  PHE 26  26  26  PHE PHE A . n 
A 1 27  VAL 27  27  27  VAL VAL A . n 
A 1 28  VAL 28  28  28  VAL VAL A . n 
A 1 29  ALA 29  29  29  ALA ALA A . n 
A 1 30  ASP 30  30  30  ASP ASP A . n 
A 1 31  LEU 31  31  31  LEU LEU A . n 
A 1 32  LEU 32  32  32  LEU LEU A . n 
A 1 33  ALA 33  33  33  ALA ALA A . n 
A 1 34  ALA 34  34  34  ALA ALA A . n 
A 1 35  ARG 35  35  35  ARG ARG A . n 
A 1 36  LEU 36  36  36  LEU LEU A . n 
A 1 37  GLY 37  37  37  GLY GLY A . n 
A 1 38  ALA 38  38  38  ALA ALA A . n 
A 1 39  LYS 39  39  39  LYS LYS A . n 
A 1 40  PHE 40  40  40  PHE PHE A . n 
A 1 41  LYS 41  41  41  LYS LYS A . n 
A 1 42  ALA 42  42  42  ALA ALA A . n 
A 1 43  HIS 43  43  43  HIS HIS A . n 
A 1 44  LYS 44  44  44  LYS LYS A . n 
A 1 45  ARG 45  45  45  ARG ARG A . n 
A 1 46  SER 46  46  46  SER SER A . n 
A 1 47  GLY 47  47  47  GLY GLY A . n 
A 1 48  ALA 48  48  48  ALA ALA A . n 
A 1 49  GLU 49  49  49  GLU GLU A . n 
A 1 50  VAL 50  50  50  VAL VAL A . n 
A 1 51  ALA 51  51  51  ALA ALA A . n 
A 1 52  THR 52  52  52  THR THR A . n 
A 1 53  GLY 53  53  53  GLY GLY A . n 
A 1 54  ARG 54  54  54  ARG ARG A . n 
A 1 55  SER 55  55  55  SER SER A . n 
A 1 56  ALA 56  56  56  ALA ALA A . n 
A 1 57  GLY 57  57  57  GLY GLY A . n 
A 1 58  ARG 58  58  58  ARG ARG A . n 
A 1 59  SER 59  59  59  SER SER A . n 
A 1 60  LEU 60  60  60  LEU LEU A . n 
A 1 61  VAL 61  61  61  VAL VAL A . n 
A 1 62  LEU 62  62  62  LEU LEU A . n 
A 1 63  ALA 63  63  63  ALA ALA A . n 
A 1 64  LYS 64  64  64  LYS LYS A . n 
A 1 65  PRO 65  65  65  PRO PRO A . n 
A 1 66  ARG 66  66  66  ARG ARG A . n 
A 1 67  CYS 67  67  67  CYS CYS A . n 
A 1 68  TYR 68  68  68  TYR TYR A . n 
A 1 69  MET 69  69  69  MET MET A . n 
A 1 70  ASN 70  70  70  ASN ASN A . n 
A 1 71  GLU 71  71  71  GLU GLU A . n 
A 1 72  SER 72  72  72  SER SER A . n 
A 1 73  GLY 73  73  73  GLY GLY A . n 
A 1 74  ARG 74  74  74  ARG ARG A . n 
A 1 75  GLN 75  75  75  GLN GLN A . n 
A 1 76  ILE 76  76  76  ILE ILE A . n 
A 1 77  GLY 77  77  77  GLY GLY A . n 
A 1 78  PRO 78  78  78  PRO PRO A . n 
A 1 79  LEU 79  79  79  LEU LEU A . n 
A 1 80  ALA 80  80  80  ALA ALA A . n 
A 1 81  LYS 81  81  81  LYS LYS A . n 
A 1 82  PHE 82  82  82  PHE PHE A . n 
A 1 83  TYR 83  83  83  TYR TYR A . n 
A 1 84  SER 84  84  84  SER SER A . n 
A 1 85  VAL 85  85  85  VAL VAL A . n 
A 1 86  ALA 86  86  86  ALA ALA A . n 
A 1 87  PRO 87  87  87  PRO PRO A . n 
A 1 88  ALA 88  88  88  ALA ALA A . n 
A 1 89  ASN 89  89  89  ASN ASN A . n 
A 1 90  ILE 90  90  90  ILE ILE A . n 
A 1 91  ILE 91  91  91  ILE ILE A . n 
A 1 92  VAL 92  92  92  VAL VAL A . n 
A 1 93  ILE 93  93  93  ILE ILE A . n 
A 1 94  HIS 94  94  94  HIS HIS A . n 
A 1 95  ASP 95  95  95  ASP ASP A . n 
A 1 96  ASP 96  96  96  ASP ASP A . n 
A 1 97  LEU 97  97  97  LEU LEU A . n 
A 1 98  ASP 98  98  98  ASP ASP A . n 
A 1 99  LEU 99  99  99  LEU LEU A . n 
A 1 100 GLU 100 100 100 GLU GLU A . n 
A 1 101 PHE 101 101 101 PHE PHE A . n 
A 1 102 GLY 102 102 102 GLY GLY A . n 
A 1 103 ARG 103 103 103 ARG ARG A . n 
A 1 104 ILE 104 104 104 ILE ILE A . n 
A 1 105 ARG 105 105 105 ARG ARG A . n 
A 1 106 LEU 106 106 106 LEU LEU A . n 
A 1 107 LYS 107 107 107 LYS LYS A . n 
A 1 108 ILE 108 108 108 ILE ILE A . n 
A 1 109 GLY 109 109 109 GLY GLY A . n 
A 1 110 GLY 110 110 110 GLY GLY A . n 
A 1 111 GLY 111 111 111 GLY GLY A . n 
A 1 112 GLU 112 112 112 GLU GLU A . n 
A 1 113 GLY 113 113 113 GLY GLY A . n 
A 1 114 GLY 114 114 114 GLY GLY A . n 
A 1 115 HIS 115 115 115 HIS HIS A . n 
A 1 116 ASN 116 116 116 ASN ASN A . n 
A 1 117 GLY 117 117 117 GLY GLY A . n 
A 1 118 LEU 118 118 118 LEU LEU A . n 
A 1 119 ARG 119 119 119 ARG ARG A . n 
A 1 120 SER 120 120 120 SER SER A . n 
A 1 121 VAL 121 121 121 VAL VAL A . n 
A 1 122 VAL 122 122 122 VAL VAL A . n 
A 1 123 ALA 123 123 123 ALA ALA A . n 
A 1 124 ALA 124 124 124 ALA ALA A . n 
A 1 125 LEU 125 125 125 LEU LEU A . n 
A 1 126 GLY 126 126 126 GLY GLY A . n 
A 1 127 THR 127 127 127 THR THR A . n 
A 1 128 LYS 128 128 128 LYS LYS A . n 
A 1 129 ASP 129 129 129 ASP ASP A . n 
A 1 130 PHE 130 130 130 PHE PHE A . n 
A 1 131 GLN 131 131 131 GLN GLN A . n 
A 1 132 ARG 132 132 132 ARG ARG A . n 
A 1 133 VAL 133 133 133 VAL VAL A . n 
A 1 134 ARG 134 134 134 ARG ARG A . n 
A 1 135 ILE 135 135 135 ILE ILE A . n 
A 1 136 GLY 136 136 136 GLY GLY A . n 
A 1 137 ILE 137 137 137 ILE ILE A . n 
A 1 138 GLY 138 138 138 GLY GLY A . n 
A 1 139 ARG 139 139 139 ARG ARG A . n 
A 1 140 PRO 140 140 140 PRO PRO A . n 
A 1 141 PRO 141 141 141 PRO PRO A . n 
A 1 142 GLY 142 142 142 GLY GLY A . n 
A 1 143 ARG 143 143 143 ARG ARG A . n 
A 1 144 LYS 144 144 144 LYS LYS A . n 
A 1 145 ASP 145 145 145 ASP ASP A . n 
A 1 146 PRO 146 146 146 PRO PRO A . n 
A 1 147 ALA 147 147 147 ALA ALA A . n 
A 1 148 ALA 148 148 148 ALA ALA A . n 
A 1 149 PHE 149 149 149 PHE PHE A . n 
A 1 150 VAL 150 150 150 VAL VAL A . n 
A 1 151 LEU 151 151 151 LEU LEU A . n 
A 1 152 GLU 152 152 152 GLU GLU A . n 
A 1 153 ASN 153 153 153 ASN ASN A . n 
A 1 154 PHE 154 154 154 PHE PHE A . n 
A 1 155 THR 155 155 155 THR THR A . n 
A 1 156 PRO 156 156 156 PRO PRO A . n 
A 1 157 ALA 157 157 157 ALA ALA A . n 
A 1 158 GLU 158 158 158 GLU GLU A . n 
A 1 159 ARG 159 159 159 ARG ALA A . n 
A 1 160 ALA 160 160 160 ALA ALA A . n 
A 1 161 GLU 161 161 161 GLU GLU A . n 
A 1 162 VAL 162 162 162 VAL VAL A . n 
A 1 163 PRO 163 163 163 PRO PRO A . n 
A 1 164 THR 164 164 164 THR THR A . n 
A 1 165 ILE 165 165 165 ILE ILE A . n 
A 1 166 CYS 166 166 166 CYS CYS A . n 
A 1 167 GLU 167 167 167 GLU GLU A . n 
A 1 168 GLN 168 168 168 GLN GLN A . n 
A 1 169 ALA 169 169 169 ALA ALA A . n 
A 1 170 ALA 170 170 170 ALA ALA A . n 
A 1 171 ASP 171 171 171 ASP ASP A . n 
A 1 172 ALA 172 172 172 ALA ALA A . n 
A 1 173 THR 173 173 173 THR THR A . n 
A 1 174 GLU 174 174 174 GLU GLU A . n 
A 1 175 LEU 175 175 175 LEU LEU A . n 
A 1 176 LEU 176 176 176 LEU LEU A . n 
A 1 177 ILE 177 177 177 ILE ILE A . n 
A 1 178 GLU 178 178 178 GLU GLU A . n 
A 1 179 GLN 179 179 179 GLN GLN A . n 
A 1 180 GLY 180 180 ?   ?   ?   A . n 
A 1 181 MET 181 181 ?   ?   ?   A . n 
A 1 182 GLU 182 182 ?   ?   ?   A . n 
A 1 183 PRO 183 183 ?   ?   ?   A . n 
A 1 184 ALA 184 184 ?   ?   ?   A . n 
A 1 185 GLN 185 185 ?   ?   ?   A . n 
A 1 186 ASN 186 186 ?   ?   ?   A . n 
A 1 187 ARG 187 187 ?   ?   ?   A . n 
A 1 188 VAL 188 188 ?   ?   ?   A . n 
A 1 189 HIS 189 189 ?   ?   ?   A . n 
A 1 190 ALA 190 190 ?   ?   ?   A . n 
A 1 191 TRP 191 191 ?   ?   ?   A . n 
# 
loop_
_pdbx_nonpoly_scheme.asym_id 
_pdbx_nonpoly_scheme.entity_id 
_pdbx_nonpoly_scheme.mon_id 
_pdbx_nonpoly_scheme.ndb_seq_num 
_pdbx_nonpoly_scheme.pdb_seq_num 
_pdbx_nonpoly_scheme.auth_seq_num 
_pdbx_nonpoly_scheme.pdb_mon_id 
_pdbx_nonpoly_scheme.auth_mon_id 
_pdbx_nonpoly_scheme.pdb_strand_id 
_pdbx_nonpoly_scheme.pdb_ins_code 
B 2 HOH 1   192 1   HOH HOH A . 
B 2 HOH 2   193 2   HOH HOH A . 
B 2 HOH 3   194 3   HOH HOH A . 
B 2 HOH 4   195 4   HOH HOH A . 
B 2 HOH 5   196 5   HOH HOH A . 
B 2 HOH 6   197 6   HOH HOH A . 
B 2 HOH 7   198 7   HOH HOH A . 
B 2 HOH 8   199 8   HOH HOH A . 
B 2 HOH 9   200 9   HOH HOH A . 
B 2 HOH 10  201 10  HOH HOH A . 
B 2 HOH 11  202 11  HOH HOH A . 
B 2 HOH 12  203 12  HOH HOH A . 
B 2 HOH 13  204 13  HOH HOH A . 
B 2 HOH 14  205 14  HOH HOH A . 
B 2 HOH 15  206 15  HOH HOH A . 
B 2 HOH 16  207 16  HOH HOH A . 
B 2 HOH 17  208 17  HOH HOH A . 
B 2 HOH 18  209 18  HOH HOH A . 
B 2 HOH 19  210 19  HOH HOH A . 
B 2 HOH 20  211 20  HOH HOH A . 
B 2 HOH 21  212 21  HOH HOH A . 
B 2 HOH 22  213 22  HOH HOH A . 
B 2 HOH 23  214 23  HOH HOH A . 
B 2 HOH 24  215 24  HOH HOH A . 
B 2 HOH 25  216 25  HOH HOH A . 
B 2 HOH 26  217 26  HOH HOH A . 
B 2 HOH 27  218 27  HOH HOH A . 
B 2 HOH 28  219 28  HOH HOH A . 
B 2 HOH 29  220 29  HOH HOH A . 
B 2 HOH 30  221 30  HOH HOH A . 
B 2 HOH 31  222 31  HOH HOH A . 
B 2 HOH 32  223 32  HOH HOH A . 
B 2 HOH 33  224 33  HOH HOH A . 
B 2 HOH 34  225 34  HOH HOH A . 
B 2 HOH 35  226 35  HOH HOH A . 
B 2 HOH 36  227 36  HOH HOH A . 
B 2 HOH 37  228 37  HOH HOH A . 
B 2 HOH 38  229 38  HOH HOH A . 
B 2 HOH 39  230 39  HOH HOH A . 
B 2 HOH 40  231 40  HOH HOH A . 
B 2 HOH 41  232 41  HOH HOH A . 
B 2 HOH 42  233 42  HOH HOH A . 
B 2 HOH 43  234 43  HOH HOH A . 
B 2 HOH 44  235 44  HOH HOH A . 
B 2 HOH 45  236 45  HOH HOH A . 
B 2 HOH 46  237 46  HOH HOH A . 
B 2 HOH 47  238 47  HOH HOH A . 
B 2 HOH 48  239 48  HOH HOH A . 
B 2 HOH 49  240 49  HOH HOH A . 
B 2 HOH 50  241 50  HOH HOH A . 
B 2 HOH 51  242 51  HOH HOH A . 
B 2 HOH 52  243 52  HOH HOH A . 
B 2 HOH 53  244 53  HOH HOH A . 
B 2 HOH 54  245 54  HOH HOH A . 
B 2 HOH 55  246 55  HOH HOH A . 
B 2 HOH 56  247 56  HOH HOH A . 
B 2 HOH 57  248 57  HOH HOH A . 
B 2 HOH 58  249 58  HOH HOH A . 
B 2 HOH 59  250 59  HOH HOH A . 
B 2 HOH 60  251 60  HOH HOH A . 
B 2 HOH 61  252 61  HOH HOH A . 
B 2 HOH 62  253 62  HOH HOH A . 
B 2 HOH 63  254 63  HOH HOH A . 
B 2 HOH 64  255 64  HOH HOH A . 
B 2 HOH 65  256 65  HOH HOH A . 
B 2 HOH 66  257 66  HOH HOH A . 
B 2 HOH 67  258 67  HOH HOH A . 
B 2 HOH 68  259 68  HOH HOH A . 
B 2 HOH 69  260 69  HOH HOH A . 
B 2 HOH 70  261 70  HOH HOH A . 
B 2 HOH 71  262 71  HOH HOH A . 
B 2 HOH 72  263 72  HOH HOH A . 
B 2 HOH 73  264 73  HOH HOH A . 
B 2 HOH 74  265 74  HOH HOH A . 
B 2 HOH 75  266 75  HOH HOH A . 
B 2 HOH 76  267 76  HOH HOH A . 
B 2 HOH 77  268 77  HOH HOH A . 
B 2 HOH 78  269 78  HOH HOH A . 
B 2 HOH 79  270 79  HOH HOH A . 
B 2 HOH 80  271 80  HOH HOH A . 
B 2 HOH 81  272 81  HOH HOH A . 
B 2 HOH 82  273 82  HOH HOH A . 
B 2 HOH 83  274 83  HOH HOH A . 
B 2 HOH 84  275 84  HOH HOH A . 
B 2 HOH 85  276 85  HOH HOH A . 
B 2 HOH 86  277 86  HOH HOH A . 
B 2 HOH 87  278 87  HOH HOH A . 
B 2 HOH 88  279 88  HOH HOH A . 
B 2 HOH 89  280 89  HOH HOH A . 
B 2 HOH 90  281 90  HOH HOH A . 
B 2 HOH 91  282 91  HOH HOH A . 
B 2 HOH 92  283 92  HOH HOH A . 
B 2 HOH 93  284 93  HOH HOH A . 
B 2 HOH 94  285 94  HOH HOH A . 
B 2 HOH 95  286 95  HOH HOH A . 
B 2 HOH 96  287 96  HOH HOH A . 
B 2 HOH 97  288 97  HOH HOH A . 
B 2 HOH 98  289 98  HOH HOH A . 
B 2 HOH 99  290 99  HOH HOH A . 
B 2 HOH 100 291 100 HOH HOH A . 
B 2 HOH 101 292 101 HOH HOH A . 
B 2 HOH 102 293 102 HOH HOH A . 
B 2 HOH 103 294 103 HOH HOH A . 
B 2 HOH 104 295 104 HOH HOH A . 
B 2 HOH 105 296 105 HOH HOH A . 
B 2 HOH 106 297 106 HOH HOH A . 
B 2 HOH 107 298 107 HOH HOH A . 
B 2 HOH 108 299 108 HOH HOH A . 
B 2 HOH 109 300 109 HOH HOH A . 
B 2 HOH 110 301 110 HOH HOH A . 
B 2 HOH 111 302 111 HOH HOH A . 
B 2 HOH 112 303 112 HOH HOH A . 
B 2 HOH 113 304 113 HOH HOH A . 
B 2 HOH 114 305 114 HOH HOH A . 
B 2 HOH 115 306 115 HOH HOH A . 
B 2 HOH 116 307 116 HOH HOH A . 
B 2 HOH 117 308 117 HOH HOH A . 
B 2 HOH 118 309 118 HOH HOH A . 
B 2 HOH 119 310 119 HOH HOH A . 
B 2 HOH 120 311 120 HOH HOH A . 
B 2 HOH 121 312 121 HOH HOH A . 
B 2 HOH 122 313 122 HOH HOH A . 
B 2 HOH 123 314 123 HOH HOH A . 
B 2 HOH 124 315 124 HOH HOH A . 
B 2 HOH 125 316 125 HOH HOH A . 
B 2 HOH 126 317 126 HOH HOH A . 
B 2 HOH 127 318 127 HOH HOH A . 
B 2 HOH 128 319 128 HOH HOH A . 
B 2 HOH 129 320 129 HOH HOH A . 
B 2 HOH 130 321 130 HOH HOH A . 
B 2 HOH 131 322 131 HOH HOH A . 
B 2 HOH 132 323 132 HOH HOH A . 
B 2 HOH 133 324 133 HOH HOH A . 
B 2 HOH 134 325 134 HOH HOH A . 
B 2 HOH 135 326 135 HOH HOH A . 
B 2 HOH 136 327 136 HOH HOH A . 
B 2 HOH 137 328 137 HOH HOH A . 
B 2 HOH 138 329 138 HOH HOH A . 
B 2 HOH 139 330 139 HOH HOH A . 
B 2 HOH 140 331 140 HOH HOH A . 
B 2 HOH 141 332 141 HOH HOH A . 
B 2 HOH 142 333 142 HOH HOH A . 
B 2 HOH 143 334 143 HOH HOH A . 
B 2 HOH 144 335 144 HOH HOH A . 
B 2 HOH 145 336 145 HOH HOH A . 
B 2 HOH 146 337 146 HOH HOH A . 
B 2 HOH 147 338 147 HOH HOH A . 
B 2 HOH 148 339 148 HOH HOH A . 
B 2 HOH 149 340 149 HOH HOH A . 
B 2 HOH 150 341 150 HOH HOH A . 
B 2 HOH 151 342 151 HOH HOH A . 
B 2 HOH 152 343 152 HOH HOH A . 
B 2 HOH 153 344 153 HOH HOH A . 
B 2 HOH 154 345 154 HOH HOH A . 
B 2 HOH 155 346 155 HOH HOH A . 
B 2 HOH 156 347 156 HOH HOH A . 
B 2 HOH 157 348 157 HOH HOH A . 
B 2 HOH 158 349 158 HOH HOH A . 
B 2 HOH 159 350 159 HOH HOH A . 
B 2 HOH 160 351 160 HOH HOH A . 
B 2 HOH 161 352 161 HOH HOH A . 
B 2 HOH 162 353 162 HOH HOH A . 
B 2 HOH 163 354 163 HOH HOH A . 
B 2 HOH 164 355 164 HOH HOH A . 
B 2 HOH 165 356 165 HOH HOH A . 
B 2 HOH 166 357 166 HOH HOH A . 
B 2 HOH 167 358 167 HOH HOH A . 
B 2 HOH 168 359 168 HOH HOH A . 
B 2 HOH 169 360 169 HOH HOH A . 
B 2 HOH 170 361 170 HOH HOH A . 
B 2 HOH 171 362 171 HOH HOH A . 
B 2 HOH 172 363 172 HOH HOH A . 
B 2 HOH 173 364 173 HOH HOH A . 
B 2 HOH 174 365 174 HOH HOH A . 
B 2 HOH 175 366 175 HOH HOH A . 
B 2 HOH 176 367 176 HOH HOH A . 
B 2 HOH 177 368 177 HOH HOH A . 
B 2 HOH 178 369 178 HOH HOH A . 
B 2 HOH 179 370 179 HOH HOH A . 
# 
_pdbx_struct_assembly.id                   1 
_pdbx_struct_assembly.details              author_defined_assembly 
_pdbx_struct_assembly.method_details       ? 
_pdbx_struct_assembly.oligomeric_details   monomeric 
_pdbx_struct_assembly.oligomeric_count     1 
# 
_pdbx_struct_assembly_gen.assembly_id       1 
_pdbx_struct_assembly_gen.oper_expression   1 
_pdbx_struct_assembly_gen.asym_id_list      A,B 
# 
_pdbx_struct_oper_list.id                   1 
_pdbx_struct_oper_list.type                 'identity operation' 
_pdbx_struct_oper_list.name                 1_555 
_pdbx_struct_oper_list.symmetry_operation   x,y,z 
_pdbx_struct_oper_list.matrix[1][1]         1.0000000000 
_pdbx_struct_oper_list.matrix[1][2]         0.0000000000 
_pdbx_struct_oper_list.matrix[1][3]         0.0000000000 
_pdbx_struct_oper_list.vector[1]            0.0000000000 
_pdbx_struct_oper_list.matrix[2][1]         0.0000000000 
_pdbx_struct_oper_list.matrix[2][2]         1.0000000000 
_pdbx_struct_oper_list.matrix[2][3]         0.0000000000 
_pdbx_struct_oper_list.vector[2]            0.0000000000 
_pdbx_struct_oper_list.matrix[3][1]         0.0000000000 
_pdbx_struct_oper_list.matrix[3][2]         0.0000000000 
_pdbx_struct_oper_list.matrix[3][3]         1.0000000000 
_pdbx_struct_oper_list.vector[3]            0.0000000000 
# 
loop_
_pdbx_audit_revision_history.ordinal 
_pdbx_audit_revision_history.data_content_type 
_pdbx_audit_revision_history.major_revision 
_pdbx_audit_revision_history.minor_revision 
_pdbx_audit_revision_history.revision_date 
1 'Structure model' 1 0 2007-07-24 
2 'Structure model' 1 1 2008-04-30 
3 'Structure model' 1 2 2011-07-13 
4 'Structure model' 1 3 2023-11-01 
# 
_pdbx_audit_revision_details.ordinal             1 
_pdbx_audit_revision_details.revision_ordinal    1 
_pdbx_audit_revision_details.data_content_type   'Structure model' 
_pdbx_audit_revision_details.provider            repository 
_pdbx_audit_revision_details.type                'Initial release' 
_pdbx_audit_revision_details.description         ? 
_pdbx_audit_revision_details.details             ? 
# 
loop_
_pdbx_audit_revision_group.ordinal 
_pdbx_audit_revision_group.revision_ordinal 
_pdbx_audit_revision_group.data_content_type 
_pdbx_audit_revision_group.group 
1 2 'Structure model' 'Version format compliance' 
2 3 'Structure model' 'Source and taxonomy'       
3 3 'Structure model' 'Version format compliance' 
4 4 'Structure model' 'Data collection'           
5 4 'Structure model' 'Database references'       
6 4 'Structure model' 'Refinement description'    
# 
loop_
_pdbx_audit_revision_category.ordinal 
_pdbx_audit_revision_category.revision_ordinal 
_pdbx_audit_revision_category.data_content_type 
_pdbx_audit_revision_category.category 
1 4 'Structure model' chem_comp_atom                
2 4 'Structure model' chem_comp_bond                
3 4 'Structure model' database_2                    
4 4 'Structure model' pdbx_initial_refinement_model 
# 
loop_
_pdbx_audit_revision_item.ordinal 
_pdbx_audit_revision_item.revision_ordinal 
_pdbx_audit_revision_item.data_content_type 
_pdbx_audit_revision_item.item 
1 4 'Structure model' '_database_2.pdbx_DOI'                
2 4 'Structure model' '_database_2.pdbx_database_accession' 
# 
loop_
_software.name 
_software.classification 
_software.version 
_software.citation_id 
_software.pdbx_ordinal 
CNS       refinement        1.1 ? 1 
HKL-2000  'data collection' .   ? 2 
DENZO     'data reduction'  .   ? 3 
SCALEPACK 'data scaling'    .   ? 4 
PHASER    phasing           .   ? 5 
# 
loop_
_pdbx_validate_torsion.id 
_pdbx_validate_torsion.PDB_model_num 
_pdbx_validate_torsion.auth_comp_id 
_pdbx_validate_torsion.auth_asym_id 
_pdbx_validate_torsion.auth_seq_id 
_pdbx_validate_torsion.PDB_ins_code 
_pdbx_validate_torsion.label_alt_id 
_pdbx_validate_torsion.phi 
_pdbx_validate_torsion.psi 
1 1 LEU A 36  ? ? -97.11  31.27  
2 1 LYS A 107 ? ? -171.09 146.22 
# 
loop_
_pdbx_unobs_or_zero_occ_atoms.id 
_pdbx_unobs_or_zero_occ_atoms.PDB_model_num 
_pdbx_unobs_or_zero_occ_atoms.polymer_flag 
_pdbx_unobs_or_zero_occ_atoms.occupancy_flag 
_pdbx_unobs_or_zero_occ_atoms.auth_asym_id 
_pdbx_unobs_or_zero_occ_atoms.auth_comp_id 
_pdbx_unobs_or_zero_occ_atoms.auth_seq_id 
_pdbx_unobs_or_zero_occ_atoms.PDB_ins_code 
_pdbx_unobs_or_zero_occ_atoms.auth_atom_id 
_pdbx_unobs_or_zero_occ_atoms.label_alt_id 
_pdbx_unobs_or_zero_occ_atoms.label_asym_id 
_pdbx_unobs_or_zero_occ_atoms.label_comp_id 
_pdbx_unobs_or_zero_occ_atoms.label_seq_id 
_pdbx_unobs_or_zero_occ_atoms.label_atom_id 
1 1 Y 1 A ARG 159 ? CG  ? A ARG 159 CG  
2 1 Y 1 A ARG 159 ? CD  ? A ARG 159 CD  
3 1 Y 1 A ARG 159 ? NE  ? A ARG 159 NE  
4 1 Y 1 A ARG 159 ? CZ  ? A ARG 159 CZ  
5 1 Y 1 A ARG 159 ? NH1 ? A ARG 159 NH1 
6 1 Y 1 A ARG 159 ? NH2 ? A ARG 159 NH2 
# 
loop_
_pdbx_unobs_or_zero_occ_residues.id 
_pdbx_unobs_or_zero_occ_residues.PDB_model_num 
_pdbx_unobs_or_zero_occ_residues.polymer_flag 
_pdbx_unobs_or_zero_occ_residues.occupancy_flag 
_pdbx_unobs_or_zero_occ_residues.auth_asym_id 
_pdbx_unobs_or_zero_occ_residues.auth_comp_id 
_pdbx_unobs_or_zero_occ_residues.auth_seq_id 
_pdbx_unobs_or_zero_occ_residues.PDB_ins_code 
_pdbx_unobs_or_zero_occ_residues.label_asym_id 
_pdbx_unobs_or_zero_occ_residues.label_comp_id 
_pdbx_unobs_or_zero_occ_residues.label_seq_id 
1  1 Y 1 A GLY 180 ? A GLY 180 
2  1 Y 1 A MET 181 ? A MET 181 
3  1 Y 1 A GLU 182 ? A GLU 182 
4  1 Y 1 A PRO 183 ? A PRO 183 
5  1 Y 1 A ALA 184 ? A ALA 184 
6  1 Y 1 A GLN 185 ? A GLN 185 
7  1 Y 1 A ASN 186 ? A ASN 186 
8  1 Y 1 A ARG 187 ? A ARG 187 
9  1 Y 1 A VAL 188 ? A VAL 188 
10 1 Y 1 A HIS 189 ? A HIS 189 
11 1 Y 1 A ALA 190 ? A ALA 190 
12 1 Y 1 A TRP 191 ? A TRP 191 
# 
loop_
_chem_comp_atom.comp_id 
_chem_comp_atom.atom_id 
_chem_comp_atom.type_symbol 
_chem_comp_atom.pdbx_aromatic_flag 
_chem_comp_atom.pdbx_stereo_config 
_chem_comp_atom.pdbx_ordinal 
ALA N    N N N 1   
ALA CA   C N S 2   
ALA C    C N N 3   
ALA O    O N N 4   
ALA CB   C N N 5   
ALA OXT  O N N 6   
ALA H    H N N 7   
ALA H2   H N N 8   
ALA HA   H N N 9   
ALA HB1  H N N 10  
ALA HB2  H N N 11  
ALA HB3  H N N 12  
ALA HXT  H N N 13  
ARG N    N N N 14  
ARG CA   C N S 15  
ARG C    C N N 16  
ARG O    O N N 17  
ARG CB   C N N 18  
ARG CG   C N N 19  
ARG CD   C N N 20  
ARG NE   N N N 21  
ARG CZ   C N N 22  
ARG NH1  N N N 23  
ARG NH2  N N N 24  
ARG OXT  O N N 25  
ARG H    H N N 26  
ARG H2   H N N 27  
ARG HA   H N N 28  
ARG HB2  H N N 29  
ARG HB3  H N N 30  
ARG HG2  H N N 31  
ARG HG3  H N N 32  
ARG HD2  H N N 33  
ARG HD3  H N N 34  
ARG HE   H N N 35  
ARG HH11 H N N 36  
ARG HH12 H N N 37  
ARG HH21 H N N 38  
ARG HH22 H N N 39  
ARG HXT  H N N 40  
ASN N    N N N 41  
ASN CA   C N S 42  
ASN C    C N N 43  
ASN O    O N N 44  
ASN CB   C N N 45  
ASN CG   C N N 46  
ASN OD1  O N N 47  
ASN ND2  N N N 48  
ASN OXT  O N N 49  
ASN H    H N N 50  
ASN H2   H N N 51  
ASN HA   H N N 52  
ASN HB2  H N N 53  
ASN HB3  H N N 54  
ASN HD21 H N N 55  
ASN HD22 H N N 56  
ASN HXT  H N N 57  
ASP N    N N N 58  
ASP CA   C N S 59  
ASP C    C N N 60  
ASP O    O N N 61  
ASP CB   C N N 62  
ASP CG   C N N 63  
ASP OD1  O N N 64  
ASP OD2  O N N 65  
ASP OXT  O N N 66  
ASP H    H N N 67  
ASP H2   H N N 68  
ASP HA   H N N 69  
ASP HB2  H N N 70  
ASP HB3  H N N 71  
ASP HD2  H N N 72  
ASP HXT  H N N 73  
CYS N    N N N 74  
CYS CA   C N R 75  
CYS C    C N N 76  
CYS O    O N N 77  
CYS CB   C N N 78  
CYS SG   S N N 79  
CYS OXT  O N N 80  
CYS H    H N N 81  
CYS H2   H N N 82  
CYS HA   H N N 83  
CYS HB2  H N N 84  
CYS HB3  H N N 85  
CYS HG   H N N 86  
CYS HXT  H N N 87  
GLN N    N N N 88  
GLN CA   C N S 89  
GLN C    C N N 90  
GLN O    O N N 91  
GLN CB   C N N 92  
GLN CG   C N N 93  
GLN CD   C N N 94  
GLN OE1  O N N 95  
GLN NE2  N N N 96  
GLN OXT  O N N 97  
GLN H    H N N 98  
GLN H2   H N N 99  
GLN HA   H N N 100 
GLN HB2  H N N 101 
GLN HB3  H N N 102 
GLN HG2  H N N 103 
GLN HG3  H N N 104 
GLN HE21 H N N 105 
GLN HE22 H N N 106 
GLN HXT  H N N 107 
GLU N    N N N 108 
GLU CA   C N S 109 
GLU C    C N N 110 
GLU O    O N N 111 
GLU CB   C N N 112 
GLU CG   C N N 113 
GLU CD   C N N 114 
GLU OE1  O N N 115 
GLU OE2  O N N 116 
GLU OXT  O N N 117 
GLU H    H N N 118 
GLU H2   H N N 119 
GLU HA   H N N 120 
GLU HB2  H N N 121 
GLU HB3  H N N 122 
GLU HG2  H N N 123 
GLU HG3  H N N 124 
GLU HE2  H N N 125 
GLU HXT  H N N 126 
GLY N    N N N 127 
GLY CA   C N N 128 
GLY C    C N N 129 
GLY O    O N N 130 
GLY OXT  O N N 131 
GLY H    H N N 132 
GLY H2   H N N 133 
GLY HA2  H N N 134 
GLY HA3  H N N 135 
GLY HXT  H N N 136 
HIS N    N N N 137 
HIS CA   C N S 138 
HIS C    C N N 139 
HIS O    O N N 140 
HIS CB   C N N 141 
HIS CG   C Y N 142 
HIS ND1  N Y N 143 
HIS CD2  C Y N 144 
HIS CE1  C Y N 145 
HIS NE2  N Y N 146 
HIS OXT  O N N 147 
HIS H    H N N 148 
HIS H2   H N N 149 
HIS HA   H N N 150 
HIS HB2  H N N 151 
HIS HB3  H N N 152 
HIS HD1  H N N 153 
HIS HD2  H N N 154 
HIS HE1  H N N 155 
HIS HE2  H N N 156 
HIS HXT  H N N 157 
HOH O    O N N 158 
HOH H1   H N N 159 
HOH H2   H N N 160 
ILE N    N N N 161 
ILE CA   C N S 162 
ILE C    C N N 163 
ILE O    O N N 164 
ILE CB   C N S 165 
ILE CG1  C N N 166 
ILE CG2  C N N 167 
ILE CD1  C N N 168 
ILE OXT  O N N 169 
ILE H    H N N 170 
ILE H2   H N N 171 
ILE HA   H N N 172 
ILE HB   H N N 173 
ILE HG12 H N N 174 
ILE HG13 H N N 175 
ILE HG21 H N N 176 
ILE HG22 H N N 177 
ILE HG23 H N N 178 
ILE HD11 H N N 179 
ILE HD12 H N N 180 
ILE HD13 H N N 181 
ILE HXT  H N N 182 
LEU N    N N N 183 
LEU CA   C N S 184 
LEU C    C N N 185 
LEU O    O N N 186 
LEU CB   C N N 187 
LEU CG   C N N 188 
LEU CD1  C N N 189 
LEU CD2  C N N 190 
LEU OXT  O N N 191 
LEU H    H N N 192 
LEU H2   H N N 193 
LEU HA   H N N 194 
LEU HB2  H N N 195 
LEU HB3  H N N 196 
LEU HG   H N N 197 
LEU HD11 H N N 198 
LEU HD12 H N N 199 
LEU HD13 H N N 200 
LEU HD21 H N N 201 
LEU HD22 H N N 202 
LEU HD23 H N N 203 
LEU HXT  H N N 204 
LYS N    N N N 205 
LYS CA   C N S 206 
LYS C    C N N 207 
LYS O    O N N 208 
LYS CB   C N N 209 
LYS CG   C N N 210 
LYS CD   C N N 211 
LYS CE   C N N 212 
LYS NZ   N N N 213 
LYS OXT  O N N 214 
LYS H    H N N 215 
LYS H2   H N N 216 
LYS HA   H N N 217 
LYS HB2  H N N 218 
LYS HB3  H N N 219 
LYS HG2  H N N 220 
LYS HG3  H N N 221 
LYS HD2  H N N 222 
LYS HD3  H N N 223 
LYS HE2  H N N 224 
LYS HE3  H N N 225 
LYS HZ1  H N N 226 
LYS HZ2  H N N 227 
LYS HZ3  H N N 228 
LYS HXT  H N N 229 
MET N    N N N 230 
MET CA   C N S 231 
MET C    C N N 232 
MET O    O N N 233 
MET CB   C N N 234 
MET CG   C N N 235 
MET SD   S N N 236 
MET CE   C N N 237 
MET OXT  O N N 238 
MET H    H N N 239 
MET H2   H N N 240 
MET HA   H N N 241 
MET HB2  H N N 242 
MET HB3  H N N 243 
MET HG2  H N N 244 
MET HG3  H N N 245 
MET HE1  H N N 246 
MET HE2  H N N 247 
MET HE3  H N N 248 
MET HXT  H N N 249 
PHE N    N N N 250 
PHE CA   C N S 251 
PHE C    C N N 252 
PHE O    O N N 253 
PHE CB   C N N 254 
PHE CG   C Y N 255 
PHE CD1  C Y N 256 
PHE CD2  C Y N 257 
PHE CE1  C Y N 258 
PHE CE2  C Y N 259 
PHE CZ   C Y N 260 
PHE OXT  O N N 261 
PHE H    H N N 262 
PHE H2   H N N 263 
PHE HA   H N N 264 
PHE HB2  H N N 265 
PHE HB3  H N N 266 
PHE HD1  H N N 267 
PHE HD2  H N N 268 
PHE HE1  H N N 269 
PHE HE2  H N N 270 
PHE HZ   H N N 271 
PHE HXT  H N N 272 
PRO N    N N N 273 
PRO CA   C N S 274 
PRO C    C N N 275 
PRO O    O N N 276 
PRO CB   C N N 277 
PRO CG   C N N 278 
PRO CD   C N N 279 
PRO OXT  O N N 280 
PRO H    H N N 281 
PRO HA   H N N 282 
PRO HB2  H N N 283 
PRO HB3  H N N 284 
PRO HG2  H N N 285 
PRO HG3  H N N 286 
PRO HD2  H N N 287 
PRO HD3  H N N 288 
PRO HXT  H N N 289 
SER N    N N N 290 
SER CA   C N S 291 
SER C    C N N 292 
SER O    O N N 293 
SER CB   C N N 294 
SER OG   O N N 295 
SER OXT  O N N 296 
SER H    H N N 297 
SER H2   H N N 298 
SER HA   H N N 299 
SER HB2  H N N 300 
SER HB3  H N N 301 
SER HG   H N N 302 
SER HXT  H N N 303 
THR N    N N N 304 
THR CA   C N S 305 
THR C    C N N 306 
THR O    O N N 307 
THR CB   C N R 308 
THR OG1  O N N 309 
THR CG2  C N N 310 
THR OXT  O N N 311 
THR H    H N N 312 
THR H2   H N N 313 
THR HA   H N N 314 
THR HB   H N N 315 
THR HG1  H N N 316 
THR HG21 H N N 317 
THR HG22 H N N 318 
THR HG23 H N N 319 
THR HXT  H N N 320 
TRP N    N N N 321 
TRP CA   C N S 322 
TRP C    C N N 323 
TRP O    O N N 324 
TRP CB   C N N 325 
TRP CG   C Y N 326 
TRP CD1  C Y N 327 
TRP CD2  C Y N 328 
TRP NE1  N Y N 329 
TRP CE2  C Y N 330 
TRP CE3  C Y N 331 
TRP CZ2  C Y N 332 
TRP CZ3  C Y N 333 
TRP CH2  C Y N 334 
TRP OXT  O N N 335 
TRP H    H N N 336 
TRP H2   H N N 337 
TRP HA   H N N 338 
TRP HB2  H N N 339 
TRP HB3  H N N 340 
TRP HD1  H N N 341 
TRP HE1  H N N 342 
TRP HE3  H N N 343 
TRP HZ2  H N N 344 
TRP HZ3  H N N 345 
TRP HH2  H N N 346 
TRP HXT  H N N 347 
TYR N    N N N 348 
TYR CA   C N S 349 
TYR C    C N N 350 
TYR O    O N N 351 
TYR CB   C N N 352 
TYR CG   C Y N 353 
TYR CD1  C Y N 354 
TYR CD2  C Y N 355 
TYR CE1  C Y N 356 
TYR CE2  C Y N 357 
TYR CZ   C Y N 358 
TYR OH   O N N 359 
TYR OXT  O N N 360 
TYR H    H N N 361 
TYR H2   H N N 362 
TYR HA   H N N 363 
TYR HB2  H N N 364 
TYR HB3  H N N 365 
TYR HD1  H N N 366 
TYR HD2  H N N 367 
TYR HE1  H N N 368 
TYR HE2  H N N 369 
TYR HH   H N N 370 
TYR HXT  H N N 371 
VAL N    N N N 372 
VAL CA   C N S 373 
VAL C    C N N 374 
VAL O    O N N 375 
VAL CB   C N N 376 
VAL CG1  C N N 377 
VAL CG2  C N N 378 
VAL OXT  O N N 379 
VAL H    H N N 380 
VAL H2   H N N 381 
VAL HA   H N N 382 
VAL HB   H N N 383 
VAL HG11 H N N 384 
VAL HG12 H N N 385 
VAL HG13 H N N 386 
VAL HG21 H N N 387 
VAL HG22 H N N 388 
VAL HG23 H N N 389 
VAL HXT  H N N 390 
# 
loop_
_chem_comp_bond.comp_id 
_chem_comp_bond.atom_id_1 
_chem_comp_bond.atom_id_2 
_chem_comp_bond.value_order 
_chem_comp_bond.pdbx_aromatic_flag 
_chem_comp_bond.pdbx_stereo_config 
_chem_comp_bond.pdbx_ordinal 
ALA N   CA   sing N N 1   
ALA N   H    sing N N 2   
ALA N   H2   sing N N 3   
ALA CA  C    sing N N 4   
ALA CA  CB   sing N N 5   
ALA CA  HA   sing N N 6   
ALA C   O    doub N N 7   
ALA C   OXT  sing N N 8   
ALA CB  HB1  sing N N 9   
ALA CB  HB2  sing N N 10  
ALA CB  HB3  sing N N 11  
ALA OXT HXT  sing N N 12  
ARG N   CA   sing N N 13  
ARG N   H    sing N N 14  
ARG N   H2   sing N N 15  
ARG CA  C    sing N N 16  
ARG CA  CB   sing N N 17  
ARG CA  HA   sing N N 18  
ARG C   O    doub N N 19  
ARG C   OXT  sing N N 20  
ARG CB  CG   sing N N 21  
ARG CB  HB2  sing N N 22  
ARG CB  HB3  sing N N 23  
ARG CG  CD   sing N N 24  
ARG CG  HG2  sing N N 25  
ARG CG  HG3  sing N N 26  
ARG CD  NE   sing N N 27  
ARG CD  HD2  sing N N 28  
ARG CD  HD3  sing N N 29  
ARG NE  CZ   sing N N 30  
ARG NE  HE   sing N N 31  
ARG CZ  NH1  sing N N 32  
ARG CZ  NH2  doub N N 33  
ARG NH1 HH11 sing N N 34  
ARG NH1 HH12 sing N N 35  
ARG NH2 HH21 sing N N 36  
ARG NH2 HH22 sing N N 37  
ARG OXT HXT  sing N N 38  
ASN N   CA   sing N N 39  
ASN N   H    sing N N 40  
ASN N   H2   sing N N 41  
ASN CA  C    sing N N 42  
ASN CA  CB   sing N N 43  
ASN CA  HA   sing N N 44  
ASN C   O    doub N N 45  
ASN C   OXT  sing N N 46  
ASN CB  CG   sing N N 47  
ASN CB  HB2  sing N N 48  
ASN CB  HB3  sing N N 49  
ASN CG  OD1  doub N N 50  
ASN CG  ND2  sing N N 51  
ASN ND2 HD21 sing N N 52  
ASN ND2 HD22 sing N N 53  
ASN OXT HXT  sing N N 54  
ASP N   CA   sing N N 55  
ASP N   H    sing N N 56  
ASP N   H2   sing N N 57  
ASP CA  C    sing N N 58  
ASP CA  CB   sing N N 59  
ASP CA  HA   sing N N 60  
ASP C   O    doub N N 61  
ASP C   OXT  sing N N 62  
ASP CB  CG   sing N N 63  
ASP CB  HB2  sing N N 64  
ASP CB  HB3  sing N N 65  
ASP CG  OD1  doub N N 66  
ASP CG  OD2  sing N N 67  
ASP OD2 HD2  sing N N 68  
ASP OXT HXT  sing N N 69  
CYS N   CA   sing N N 70  
CYS N   H    sing N N 71  
CYS N   H2   sing N N 72  
CYS CA  C    sing N N 73  
CYS CA  CB   sing N N 74  
CYS CA  HA   sing N N 75  
CYS C   O    doub N N 76  
CYS C   OXT  sing N N 77  
CYS CB  SG   sing N N 78  
CYS CB  HB2  sing N N 79  
CYS CB  HB3  sing N N 80  
CYS SG  HG   sing N N 81  
CYS OXT HXT  sing N N 82  
GLN N   CA   sing N N 83  
GLN N   H    sing N N 84  
GLN N   H2   sing N N 85  
GLN CA  C    sing N N 86  
GLN CA  CB   sing N N 87  
GLN CA  HA   sing N N 88  
GLN C   O    doub N N 89  
GLN C   OXT  sing N N 90  
GLN CB  CG   sing N N 91  
GLN CB  HB2  sing N N 92  
GLN CB  HB3  sing N N 93  
GLN CG  CD   sing N N 94  
GLN CG  HG2  sing N N 95  
GLN CG  HG3  sing N N 96  
GLN CD  OE1  doub N N 97  
GLN CD  NE2  sing N N 98  
GLN NE2 HE21 sing N N 99  
GLN NE2 HE22 sing N N 100 
GLN OXT HXT  sing N N 101 
GLU N   CA   sing N N 102 
GLU N   H    sing N N 103 
GLU N   H2   sing N N 104 
GLU CA  C    sing N N 105 
GLU CA  CB   sing N N 106 
GLU CA  HA   sing N N 107 
GLU C   O    doub N N 108 
GLU C   OXT  sing N N 109 
GLU CB  CG   sing N N 110 
GLU CB  HB2  sing N N 111 
GLU CB  HB3  sing N N 112 
GLU CG  CD   sing N N 113 
GLU CG  HG2  sing N N 114 
GLU CG  HG3  sing N N 115 
GLU CD  OE1  doub N N 116 
GLU CD  OE2  sing N N 117 
GLU OE2 HE2  sing N N 118 
GLU OXT HXT  sing N N 119 
GLY N   CA   sing N N 120 
GLY N   H    sing N N 121 
GLY N   H2   sing N N 122 
GLY CA  C    sing N N 123 
GLY CA  HA2  sing N N 124 
GLY CA  HA3  sing N N 125 
GLY C   O    doub N N 126 
GLY C   OXT  sing N N 127 
GLY OXT HXT  sing N N 128 
HIS N   CA   sing N N 129 
HIS N   H    sing N N 130 
HIS N   H2   sing N N 131 
HIS CA  C    sing N N 132 
HIS CA  CB   sing N N 133 
HIS CA  HA   sing N N 134 
HIS C   O    doub N N 135 
HIS C   OXT  sing N N 136 
HIS CB  CG   sing N N 137 
HIS CB  HB2  sing N N 138 
HIS CB  HB3  sing N N 139 
HIS CG  ND1  sing Y N 140 
HIS CG  CD2  doub Y N 141 
HIS ND1 CE1  doub Y N 142 
HIS ND1 HD1  sing N N 143 
HIS CD2 NE2  sing Y N 144 
HIS CD2 HD2  sing N N 145 
HIS CE1 NE2  sing Y N 146 
HIS CE1 HE1  sing N N 147 
HIS NE2 HE2  sing N N 148 
HIS OXT HXT  sing N N 149 
HOH O   H1   sing N N 150 
HOH O   H2   sing N N 151 
ILE N   CA   sing N N 152 
ILE N   H    sing N N 153 
ILE N   H2   sing N N 154 
ILE CA  C    sing N N 155 
ILE CA  CB   sing N N 156 
ILE CA  HA   sing N N 157 
ILE C   O    doub N N 158 
ILE C   OXT  sing N N 159 
ILE CB  CG1  sing N N 160 
ILE CB  CG2  sing N N 161 
ILE CB  HB   sing N N 162 
ILE CG1 CD1  sing N N 163 
ILE CG1 HG12 sing N N 164 
ILE CG1 HG13 sing N N 165 
ILE CG2 HG21 sing N N 166 
ILE CG2 HG22 sing N N 167 
ILE CG2 HG23 sing N N 168 
ILE CD1 HD11 sing N N 169 
ILE CD1 HD12 sing N N 170 
ILE CD1 HD13 sing N N 171 
ILE OXT HXT  sing N N 172 
LEU N   CA   sing N N 173 
LEU N   H    sing N N 174 
LEU N   H2   sing N N 175 
LEU CA  C    sing N N 176 
LEU CA  CB   sing N N 177 
LEU CA  HA   sing N N 178 
LEU C   O    doub N N 179 
LEU C   OXT  sing N N 180 
LEU CB  CG   sing N N 181 
LEU CB  HB2  sing N N 182 
LEU CB  HB3  sing N N 183 
LEU CG  CD1  sing N N 184 
LEU CG  CD2  sing N N 185 
LEU CG  HG   sing N N 186 
LEU CD1 HD11 sing N N 187 
LEU CD1 HD12 sing N N 188 
LEU CD1 HD13 sing N N 189 
LEU CD2 HD21 sing N N 190 
LEU CD2 HD22 sing N N 191 
LEU CD2 HD23 sing N N 192 
LEU OXT HXT  sing N N 193 
LYS N   CA   sing N N 194 
LYS N   H    sing N N 195 
LYS N   H2   sing N N 196 
LYS CA  C    sing N N 197 
LYS CA  CB   sing N N 198 
LYS CA  HA   sing N N 199 
LYS C   O    doub N N 200 
LYS C   OXT  sing N N 201 
LYS CB  CG   sing N N 202 
LYS CB  HB2  sing N N 203 
LYS CB  HB3  sing N N 204 
LYS CG  CD   sing N N 205 
LYS CG  HG2  sing N N 206 
LYS CG  HG3  sing N N 207 
LYS CD  CE   sing N N 208 
LYS CD  HD2  sing N N 209 
LYS CD  HD3  sing N N 210 
LYS CE  NZ   sing N N 211 
LYS CE  HE2  sing N N 212 
LYS CE  HE3  sing N N 213 
LYS NZ  HZ1  sing N N 214 
LYS NZ  HZ2  sing N N 215 
LYS NZ  HZ3  sing N N 216 
LYS OXT HXT  sing N N 217 
MET N   CA   sing N N 218 
MET N   H    sing N N 219 
MET N   H2   sing N N 220 
MET CA  C    sing N N 221 
MET CA  CB   sing N N 222 
MET CA  HA   sing N N 223 
MET C   O    doub N N 224 
MET C   OXT  sing N N 225 
MET CB  CG   sing N N 226 
MET CB  HB2  sing N N 227 
MET CB  HB3  sing N N 228 
MET CG  SD   sing N N 229 
MET CG  HG2  sing N N 230 
MET CG  HG3  sing N N 231 
MET SD  CE   sing N N 232 
MET CE  HE1  sing N N 233 
MET CE  HE2  sing N N 234 
MET CE  HE3  sing N N 235 
MET OXT HXT  sing N N 236 
PHE N   CA   sing N N 237 
PHE N   H    sing N N 238 
PHE N   H2   sing N N 239 
PHE CA  C    sing N N 240 
PHE CA  CB   sing N N 241 
PHE CA  HA   sing N N 242 
PHE C   O    doub N N 243 
PHE C   OXT  sing N N 244 
PHE CB  CG   sing N N 245 
PHE CB  HB2  sing N N 246 
PHE CB  HB3  sing N N 247 
PHE CG  CD1  doub Y N 248 
PHE CG  CD2  sing Y N 249 
PHE CD1 CE1  sing Y N 250 
PHE CD1 HD1  sing N N 251 
PHE CD2 CE2  doub Y N 252 
PHE CD2 HD2  sing N N 253 
PHE CE1 CZ   doub Y N 254 
PHE CE1 HE1  sing N N 255 
PHE CE2 CZ   sing Y N 256 
PHE CE2 HE2  sing N N 257 
PHE CZ  HZ   sing N N 258 
PHE OXT HXT  sing N N 259 
PRO N   CA   sing N N 260 
PRO N   CD   sing N N 261 
PRO N   H    sing N N 262 
PRO CA  C    sing N N 263 
PRO CA  CB   sing N N 264 
PRO CA  HA   sing N N 265 
PRO C   O    doub N N 266 
PRO C   OXT  sing N N 267 
PRO CB  CG   sing N N 268 
PRO CB  HB2  sing N N 269 
PRO CB  HB3  sing N N 270 
PRO CG  CD   sing N N 271 
PRO CG  HG2  sing N N 272 
PRO CG  HG3  sing N N 273 
PRO CD  HD2  sing N N 274 
PRO CD  HD3  sing N N 275 
PRO OXT HXT  sing N N 276 
SER N   CA   sing N N 277 
SER N   H    sing N N 278 
SER N   H2   sing N N 279 
SER CA  C    sing N N 280 
SER CA  CB   sing N N 281 
SER CA  HA   sing N N 282 
SER C   O    doub N N 283 
SER C   OXT  sing N N 284 
SER CB  OG   sing N N 285 
SER CB  HB2  sing N N 286 
SER CB  HB3  sing N N 287 
SER OG  HG   sing N N 288 
SER OXT HXT  sing N N 289 
THR N   CA   sing N N 290 
THR N   H    sing N N 291 
THR N   H2   sing N N 292 
THR CA  C    sing N N 293 
THR CA  CB   sing N N 294 
THR CA  HA   sing N N 295 
THR C   O    doub N N 296 
THR C   OXT  sing N N 297 
THR CB  OG1  sing N N 298 
THR CB  CG2  sing N N 299 
THR CB  HB   sing N N 300 
THR OG1 HG1  sing N N 301 
THR CG2 HG21 sing N N 302 
THR CG2 HG22 sing N N 303 
THR CG2 HG23 sing N N 304 
THR OXT HXT  sing N N 305 
TRP N   CA   sing N N 306 
TRP N   H    sing N N 307 
TRP N   H2   sing N N 308 
TRP CA  C    sing N N 309 
TRP CA  CB   sing N N 310 
TRP CA  HA   sing N N 311 
TRP C   O    doub N N 312 
TRP C   OXT  sing N N 313 
TRP CB  CG   sing N N 314 
TRP CB  HB2  sing N N 315 
TRP CB  HB3  sing N N 316 
TRP CG  CD1  doub Y N 317 
TRP CG  CD2  sing Y N 318 
TRP CD1 NE1  sing Y N 319 
TRP CD1 HD1  sing N N 320 
TRP CD2 CE2  doub Y N 321 
TRP CD2 CE3  sing Y N 322 
TRP NE1 CE2  sing Y N 323 
TRP NE1 HE1  sing N N 324 
TRP CE2 CZ2  sing Y N 325 
TRP CE3 CZ3  doub Y N 326 
TRP CE3 HE3  sing N N 327 
TRP CZ2 CH2  doub Y N 328 
TRP CZ2 HZ2  sing N N 329 
TRP CZ3 CH2  sing Y N 330 
TRP CZ3 HZ3  sing N N 331 
TRP CH2 HH2  sing N N 332 
TRP OXT HXT  sing N N 333 
TYR N   CA   sing N N 334 
TYR N   H    sing N N 335 
TYR N   H2   sing N N 336 
TYR CA  C    sing N N 337 
TYR CA  CB   sing N N 338 
TYR CA  HA   sing N N 339 
TYR C   O    doub N N 340 
TYR C   OXT  sing N N 341 
TYR CB  CG   sing N N 342 
TYR CB  HB2  sing N N 343 
TYR CB  HB3  sing N N 344 
TYR CG  CD1  doub Y N 345 
TYR CG  CD2  sing Y N 346 
TYR CD1 CE1  sing Y N 347 
TYR CD1 HD1  sing N N 348 
TYR CD2 CE2  doub Y N 349 
TYR CD2 HD2  sing N N 350 
TYR CE1 CZ   doub Y N 351 
TYR CE1 HE1  sing N N 352 
TYR CE2 CZ   sing Y N 353 
TYR CE2 HE2  sing N N 354 
TYR CZ  OH   sing N N 355 
TYR OH  HH   sing N N 356 
TYR OXT HXT  sing N N 357 
VAL N   CA   sing N N 358 
VAL N   H    sing N N 359 
VAL N   H2   sing N N 360 
VAL CA  C    sing N N 361 
VAL CA  CB   sing N N 362 
VAL CA  HA   sing N N 363 
VAL C   O    doub N N 364 
VAL C   OXT  sing N N 365 
VAL CB  CG1  sing N N 366 
VAL CB  CG2  sing N N 367 
VAL CB  HB   sing N N 368 
VAL CG1 HG11 sing N N 369 
VAL CG1 HG12 sing N N 370 
VAL CG1 HG13 sing N N 371 
VAL CG2 HG21 sing N N 372 
VAL CG2 HG22 sing N N 373 
VAL CG2 HG23 sing N N 374 
VAL OXT HXT  sing N N 375 
# 
_pdbx_entity_nonpoly.entity_id   2 
_pdbx_entity_nonpoly.name        water 
_pdbx_entity_nonpoly.comp_id     HOH 
# 
_pdbx_initial_refinement_model.id               1 
_pdbx_initial_refinement_model.entity_id_list   ? 
_pdbx_initial_refinement_model.type             'experimental model' 
_pdbx_initial_refinement_model.source_name      PDB 
_pdbx_initial_refinement_model.accession_code   2PTH 
_pdbx_initial_refinement_model.details          'PDB ENTRY 2PTH' 
# 
